data_6LBA
#
_entry.id   6LBA
#
_cell.length_a   1.00
_cell.length_b   1.00
_cell.length_c   1.00
_cell.angle_alpha   90.00
_cell.angle_beta   90.00
_cell.angle_gamma   90.00
#
_symmetry.space_group_name_H-M   'P 1'
#
_entity_poly.entity_id   1
_entity_poly.type   'polypeptide(L)'
_entity_poly.pdbx_seq_one_letter_code
;AAMEQFRQIGEVLGSLNALMVLQDDILINQRQCCLLLELFSLAFNTVAEEIRQNLKLEEKHTKWRALEQPLRELTRVFKE
GELYVKHCMDNSDWWGKVINLHQNKDCVEFHIHNLFCYFSAVVEAIEAAGEISGLDPSEMERRRVVFSRKYDREWNDPKM
FQWRFGKQYLLSRDICSRFEHSWREDRWNLVEALQEKRKSDSDDIGKTEKRLADLLLKKLTGLEQFNGKLFPSSILLGSK
DYQVKKRLDADGQYKEIQWLGDSFALRHFFSDLEPLSSEISSLLALCHSNILQYLCGFYDEERKECFLVMELMHKDLQSY
MKENCGPRRRYLFSIPVVIDIMLQIARGMEYLHGNDIFHGDLNPMNIHLKERSHTEGYFHAKICGFGLSSVVKAQSSSKP
GTPDPVIWYAPEVLAEMEQDLNGKTPKSKLTHKADVYSFAMVCFELITGKVPFEDSHLQGEPMTINIRMGERPLFPFPSP
KTLVSLIKRCWHSEPSQRPNFSSICRILRYIKKFLVVNPDHGHPQMQTPLVDCWDLEARFLRKFPGDAGSHTASVNQIPF
QLTSYRVLEKEK
;
_entity_poly.pdbx_strand_id   A,C,B,D
#
# COMPACT_ATOMS: atom_id res chain seq x y z
N ALA A 1 -26.88 1.66 17.96
CA ALA A 1 -26.01 2.82 18.16
C ALA A 1 -25.29 3.18 16.87
N ALA A 2 -25.10 4.48 16.63
CA ALA A 2 -24.56 4.95 15.37
C ALA A 2 -23.15 4.43 15.14
N MET A 3 -22.20 4.86 16.00
CA MET A 3 -20.82 4.42 15.84
C MET A 3 -20.72 2.91 15.89
N GLU A 4 -21.52 2.28 16.75
CA GLU A 4 -21.50 0.83 16.82
C GLU A 4 -21.83 0.20 15.47
N GLN A 5 -22.76 0.80 14.74
CA GLN A 5 -23.09 0.29 13.42
C GLN A 5 -21.87 0.30 12.52
N PHE A 6 -21.03 1.32 12.65
CA PHE A 6 -19.81 1.39 11.85
C PHE A 6 -18.91 0.20 12.15
N ARG A 7 -18.70 -0.07 13.43
CA ARG A 7 -17.93 -1.25 13.82
C ARG A 7 -18.49 -2.51 13.18
N GLN A 8 -19.80 -2.56 12.95
CA GLN A 8 -20.37 -3.70 12.24
C GLN A 8 -19.89 -3.74 10.80
N ILE A 9 -19.78 -2.57 10.15
CA ILE A 9 -19.20 -2.53 8.82
C ILE A 9 -17.79 -3.08 8.85
N GLY A 10 -17.02 -2.69 9.86
CA GLY A 10 -15.69 -3.22 10.00
C GLY A 10 -15.68 -4.73 10.11
N GLU A 11 -16.57 -5.27 10.96
CA GLU A 11 -16.64 -6.72 11.14
C GLU A 11 -16.97 -7.43 9.84
N VAL A 12 -17.97 -6.93 9.11
CA VAL A 12 -18.37 -7.59 7.88
C VAL A 12 -17.26 -7.53 6.85
N LEU A 13 -16.63 -6.37 6.72
CA LEU A 13 -15.59 -6.23 5.71
C LEU A 13 -14.39 -7.10 6.05
N GLY A 14 -14.05 -7.19 7.33
CA GLY A 14 -13.01 -8.11 7.73
C GLY A 14 -13.34 -9.54 7.40
N SER A 15 -14.60 -9.93 7.63
CA SER A 15 -15.03 -11.27 7.23
C SER A 15 -14.80 -11.50 5.76
N LEU A 16 -15.24 -10.56 4.94
CA LEU A 16 -15.08 -10.68 3.50
C LEU A 16 -13.61 -10.82 3.14
N ASN A 17 -12.77 -9.97 3.72
CA ASN A 17 -11.35 -9.99 3.36
C ASN A 17 -10.69 -11.28 3.78
N ALA A 18 -11.07 -11.81 4.94
CA ALA A 18 -10.52 -13.09 5.38
C ALA A 18 -10.90 -14.21 4.43
N LEU A 19 -12.17 -14.26 4.03
CA LEU A 19 -12.59 -15.26 3.07
C LEU A 19 -11.84 -15.10 1.75
N MET A 20 -11.63 -13.86 1.31
CA MET A 20 -11.05 -13.61 0.00
C MET A 20 -9.56 -13.83 -0.05
N VAL A 21 -8.85 -13.69 1.06
CA VAL A 21 -7.39 -13.81 1.01
C VAL A 21 -6.97 -15.21 0.59
N LEU A 22 -7.88 -16.19 0.69
CA LEU A 22 -7.61 -17.54 0.22
C LEU A 22 -8.29 -17.72 -1.14
N GLN A 23 -7.77 -17.01 -2.13
CA GLN A 23 -8.52 -16.68 -3.34
C GLN A 23 -8.41 -17.72 -4.45
N ASP A 24 -7.19 -18.15 -4.78
CA ASP A 24 -6.95 -18.85 -6.03
C ASP A 24 -7.70 -20.17 -6.16
N ASP A 25 -8.38 -20.62 -5.09
CA ASP A 25 -9.11 -21.87 -5.17
C ASP A 25 -10.39 -21.73 -5.98
N ILE A 26 -10.84 -20.49 -6.23
CA ILE A 26 -12.08 -20.30 -6.95
C ILE A 26 -11.86 -20.54 -8.44
N LEU A 27 -12.82 -21.21 -9.06
CA LEU A 27 -12.73 -21.54 -10.48
C LEU A 27 -13.82 -20.89 -11.31
N ILE A 28 -14.59 -19.97 -10.74
CA ILE A 28 -15.64 -19.25 -11.46
C ILE A 28 -15.41 -17.74 -11.39
N ASN A 29 -15.48 -17.19 -10.20
CA ASN A 29 -15.04 -15.83 -9.91
C ASN A 29 -13.60 -15.87 -9.42
N GLN A 30 -13.20 -14.86 -8.66
CA GLN A 30 -11.84 -14.38 -8.37
C GLN A 30 -11.40 -13.39 -9.44
N ARG A 31 -12.25 -13.10 -10.41
CA ARG A 31 -12.18 -11.83 -11.13
C ARG A 31 -13.44 -11.02 -11.00
N GLN A 32 -14.54 -11.61 -10.59
CA GLN A 32 -15.74 -10.85 -10.25
C GLN A 32 -15.74 -10.47 -8.78
N CYS A 33 -15.66 -11.46 -7.91
CA CYS A 33 -15.65 -11.20 -6.48
C CYS A 33 -14.48 -10.31 -6.06
N CYS A 34 -13.35 -10.39 -6.79
CA CYS A 34 -12.26 -9.47 -6.49
C CYS A 34 -12.69 -8.03 -6.70
N LEU A 35 -13.46 -7.78 -7.75
CA LEU A 35 -14.03 -6.44 -7.91
C LEU A 35 -14.87 -6.07 -6.71
N LEU A 36 -15.63 -7.02 -6.18
CA LEU A 36 -16.44 -6.75 -5.00
C LEU A 36 -15.56 -6.34 -3.83
N LEU A 37 -14.49 -7.09 -3.59
CA LEU A 37 -13.60 -6.78 -2.48
C LEU A 37 -13.01 -5.39 -2.65
N GLU A 38 -12.54 -5.07 -3.85
CA GLU A 38 -11.93 -3.76 -4.07
C GLU A 38 -12.95 -2.65 -3.85
N LEU A 39 -14.13 -2.79 -4.44
CA LEU A 39 -15.15 -1.76 -4.30
C LEU A 39 -15.54 -1.58 -2.85
N PHE A 40 -15.73 -2.67 -2.13
CA PHE A 40 -16.17 -2.57 -0.75
C PHE A 40 -15.10 -1.94 0.12
N SER A 41 -13.83 -2.31 -0.10
CA SER A 41 -12.76 -1.68 0.63
C SER A 41 -12.71 -0.19 0.35
N LEU A 42 -12.90 0.19 -0.92
CA LEU A 42 -12.90 1.60 -1.26
C LEU A 42 -14.04 2.34 -0.58
N ALA A 43 -15.22 1.72 -0.57
CA ALA A 43 -16.38 2.35 0.05
C ALA A 43 -16.14 2.57 1.53
N PHE A 44 -15.68 1.53 2.22
CA PHE A 44 -15.41 1.65 3.64
C PHE A 44 -14.35 2.71 3.91
N ASN A 45 -13.27 2.68 3.15
CA ASN A 45 -12.19 3.63 3.38
C ASN A 45 -12.66 5.06 3.15
N THR A 46 -13.49 5.28 2.12
CA THR A 46 -13.88 6.65 1.83
C THR A 46 -14.93 7.17 2.81
N VAL A 47 -15.84 6.31 3.28
CA VAL A 47 -16.77 6.78 4.29
C VAL A 47 -16.03 7.04 5.60
N ALA A 48 -15.04 6.21 5.93
CA ALA A 48 -14.23 6.46 7.10
C ALA A 48 -13.48 7.78 6.97
N GLU A 49 -12.89 8.02 5.81
CA GLU A 49 -12.13 9.24 5.60
C GLU A 49 -13.02 10.46 5.76
N GLU A 50 -14.18 10.44 5.13
CA GLU A 50 -15.03 11.63 5.17
C GLU A 50 -15.61 11.83 6.56
N ILE A 51 -15.84 10.73 7.30
CA ILE A 51 -16.20 10.86 8.71
C ILE A 51 -15.10 11.56 9.48
N ARG A 52 -13.88 11.04 9.36
CA ARG A 52 -12.76 11.62 10.09
C ARG A 52 -12.54 13.08 9.75
N GLN A 53 -12.86 13.46 8.51
CA GLN A 53 -12.61 14.83 8.08
C GLN A 53 -13.73 15.78 8.47
N ASN A 54 -14.98 15.33 8.48
CA ASN A 54 -16.11 16.22 8.68
C ASN A 54 -16.87 16.02 9.97
N LEU A 55 -16.50 15.04 10.79
CA LEU A 55 -17.09 14.89 12.11
C LEU A 55 -16.05 15.19 13.19
N LYS A 56 -16.46 15.04 14.44
CA LYS A 56 -15.56 15.13 15.58
C LYS A 56 -15.86 13.96 16.50
N LEU A 57 -14.83 13.20 16.85
CA LEU A 57 -15.02 11.85 17.35
C LEU A 57 -15.34 11.79 18.84
N GLU A 58 -15.80 12.88 19.43
CA GLU A 58 -16.18 12.88 20.84
C GLU A 58 -17.69 12.70 21.04
N GLU A 59 -18.51 13.36 20.24
CA GLU A 59 -19.95 13.27 20.40
C GLU A 59 -20.47 11.96 19.83
N LYS A 60 -19.95 10.85 20.35
CA LYS A 60 -20.27 9.54 19.80
C LYS A 60 -21.71 9.12 20.05
N HIS A 61 -22.39 9.75 21.01
CA HIS A 61 -23.74 9.35 21.37
C HIS A 61 -24.75 10.48 21.28
N THR A 62 -24.35 11.67 20.86
CA THR A 62 -25.24 12.82 20.89
C THR A 62 -25.56 13.34 19.49
N LYS A 63 -24.55 13.66 18.69
CA LYS A 63 -24.76 14.33 17.42
C LYS A 63 -24.39 13.46 16.22
N TRP A 64 -24.41 12.15 16.38
CA TRP A 64 -24.31 11.23 15.26
C TRP A 64 -25.60 10.47 15.04
N ARG A 65 -26.59 10.64 15.90
CA ARG A 65 -27.83 9.89 15.86
C ARG A 65 -28.43 9.82 14.47
N ALA A 66 -28.19 10.82 13.63
CA ALA A 66 -28.73 10.80 12.28
C ALA A 66 -28.11 9.73 11.40
N LEU A 67 -26.94 9.20 11.78
CA LEU A 67 -26.23 8.24 10.94
C LEU A 67 -26.79 6.83 11.01
N GLU A 68 -27.72 6.55 11.90
CA GLU A 68 -28.10 5.16 12.17
C GLU A 68 -28.63 4.43 10.95
N GLN A 69 -29.77 4.85 10.43
CA GLN A 69 -30.43 4.11 9.36
C GLN A 69 -29.56 3.92 8.12
N PRO A 70 -28.89 4.94 7.60
CA PRO A 70 -28.08 4.71 6.39
C PRO A 70 -26.97 3.70 6.63
N LEU A 71 -26.25 3.81 7.73
CA LEU A 71 -25.18 2.85 7.99
C LEU A 71 -25.74 1.46 8.24
N ARG A 72 -26.95 1.36 8.79
CA ARG A 72 -27.55 0.04 8.96
C ARG A 72 -27.85 -0.59 7.61
N GLU A 73 -28.44 0.19 6.71
CA GLU A 73 -28.68 -0.33 5.38
C GLU A 73 -27.36 -0.71 4.72
N LEU A 74 -26.30 0.04 5.01
CA LEU A 74 -25.00 -0.29 4.44
C LEU A 74 -24.51 -1.63 4.96
N THR A 75 -24.66 -1.89 6.26
CA THR A 75 -24.24 -3.20 6.74
C THR A 75 -25.07 -4.28 6.11
N ARG A 76 -26.33 -3.99 5.78
CA ARG A 76 -27.14 -4.97 5.07
C ARG A 76 -26.51 -5.32 3.73
N VAL A 77 -26.24 -4.31 2.92
CA VAL A 77 -25.74 -4.59 1.57
C VAL A 77 -24.37 -5.24 1.63
N PHE A 78 -23.52 -4.80 2.57
CA PHE A 78 -22.23 -5.45 2.72
C PHE A 78 -22.40 -6.92 3.08
N LYS A 79 -23.33 -7.20 3.97
CA LYS A 79 -23.60 -8.58 4.37
C LYS A 79 -24.09 -9.38 3.17
N GLU A 80 -24.94 -8.77 2.36
CA GLU A 80 -25.51 -9.43 1.20
C GLU A 80 -24.40 -9.82 0.22
N GLY A 81 -23.45 -8.92 0.04
CA GLY A 81 -22.33 -9.13 -0.85
C GLY A 81 -21.41 -10.21 -0.34
N GLU A 82 -21.12 -10.20 0.97
CA GLU A 82 -20.29 -11.25 1.53
C GLU A 82 -20.93 -12.61 1.35
N LEU A 83 -22.25 -12.69 1.52
CA LEU A 83 -22.92 -13.97 1.37
C LEU A 83 -22.89 -14.46 -0.07
N TYR A 84 -22.96 -13.54 -1.03
CA TYR A 84 -22.77 -13.95 -2.41
C TYR A 84 -21.38 -14.50 -2.62
N VAL A 85 -20.37 -13.81 -2.10
CA VAL A 85 -19.01 -14.31 -2.22
C VAL A 85 -18.89 -15.70 -1.60
N LYS A 86 -19.59 -15.91 -0.49
CA LYS A 86 -19.60 -17.23 0.13
C LYS A 86 -20.17 -18.27 -0.81
N HIS A 87 -21.39 -18.03 -1.30
CA HIS A 87 -22.02 -18.99 -2.19
C HIS A 87 -21.16 -19.28 -3.41
N CYS A 88 -20.38 -18.29 -3.85
CA CYS A 88 -19.47 -18.54 -4.94
C CYS A 88 -18.23 -19.29 -4.48
N MET A 89 -17.90 -19.23 -3.19
CA MET A 89 -16.73 -19.95 -2.68
C MET A 89 -17.06 -21.37 -2.23
N ASP A 90 -18.33 -21.74 -2.21
CA ASP A 90 -18.72 -23.06 -1.73
C ASP A 90 -18.12 -24.16 -2.59
N ASN A 91 -17.86 -25.29 -1.97
CA ASN A 91 -17.40 -26.49 -2.69
C ASN A 91 -18.56 -27.49 -2.83
N SER A 92 -19.45 -27.18 -3.77
CA SER A 92 -20.64 -28.01 -3.97
C SER A 92 -20.89 -28.20 -5.46
N ASP A 93 -20.57 -29.41 -5.96
CA ASP A 93 -20.94 -29.83 -7.31
C ASP A 93 -20.39 -28.86 -8.36
N TRP A 94 -19.06 -28.83 -8.44
CA TRP A 94 -18.34 -27.90 -9.30
C TRP A 94 -18.96 -27.76 -10.68
N TRP A 95 -19.48 -28.85 -11.22
CA TRP A 95 -20.06 -28.79 -12.56
C TRP A 95 -21.40 -28.08 -12.53
N GLY A 96 -22.31 -28.56 -11.69
CA GLY A 96 -23.54 -27.82 -11.46
C GLY A 96 -23.27 -26.40 -11.00
N LYS A 97 -22.19 -26.21 -10.24
CA LYS A 97 -21.82 -24.86 -9.85
C LYS A 97 -21.49 -24.01 -11.06
N VAL A 98 -20.74 -24.58 -12.01
CA VAL A 98 -20.43 -23.84 -13.22
C VAL A 98 -21.70 -23.47 -13.96
N ILE A 99 -22.61 -24.42 -14.10
CA ILE A 99 -23.85 -24.16 -14.84
C ILE A 99 -24.65 -23.06 -14.15
N ASN A 100 -24.97 -23.24 -12.87
CA ASN A 100 -25.77 -22.26 -12.16
C ASN A 100 -25.07 -20.91 -12.10
N LEU A 101 -23.75 -20.91 -11.98
CA LEU A 101 -22.97 -19.70 -11.84
C LEU A 101 -22.78 -19.02 -13.18
N HIS A 102 -21.85 -18.08 -13.25
CA HIS A 102 -21.87 -17.12 -14.34
C HIS A 102 -21.49 -17.78 -15.65
N GLN A 103 -22.50 -18.24 -16.36
CA GLN A 103 -22.54 -17.97 -17.79
C GLN A 103 -23.32 -16.68 -18.01
N ASN A 104 -24.35 -16.47 -17.20
CA ASN A 104 -25.23 -15.31 -17.30
C ASN A 104 -25.61 -14.79 -15.90
N LYS A 105 -24.64 -14.63 -15.00
CA LYS A 105 -24.99 -14.34 -13.61
C LYS A 105 -25.20 -12.86 -13.30
N ASP A 106 -24.14 -12.05 -13.42
CA ASP A 106 -24.16 -10.61 -13.12
C ASP A 106 -24.58 -10.30 -11.69
N CYS A 107 -24.48 -11.25 -10.77
CA CYS A 107 -24.80 -10.94 -9.38
C CYS A 107 -23.85 -9.89 -8.82
N VAL A 108 -22.61 -9.85 -9.32
CA VAL A 108 -21.67 -8.82 -8.87
C VAL A 108 -22.19 -7.43 -9.22
N GLU A 109 -22.69 -7.24 -10.44
CA GLU A 109 -23.20 -5.92 -10.80
C GLU A 109 -24.47 -5.62 -10.05
N PHE A 110 -25.30 -6.64 -9.78
CA PHE A 110 -26.50 -6.38 -8.98
C PHE A 110 -26.15 -5.90 -7.57
N HIS A 111 -25.18 -6.55 -6.94
CA HIS A 111 -24.76 -6.15 -5.61
C HIS A 111 -24.21 -4.73 -5.63
N ILE A 112 -23.28 -4.44 -6.54
CA ILE A 112 -22.75 -3.08 -6.59
C ILE A 112 -23.86 -2.11 -6.94
N HIS A 113 -24.91 -2.57 -7.60
CA HIS A 113 -26.05 -1.72 -7.90
C HIS A 113 -26.73 -1.28 -6.62
N ASN A 114 -27.04 -2.22 -5.74
CA ASN A 114 -27.59 -1.84 -4.44
C ASN A 114 -26.62 -0.95 -3.67
N LEU A 115 -25.33 -1.28 -3.75
CA LEU A 115 -24.32 -0.49 -3.03
C LEU A 115 -24.37 0.95 -3.47
N PHE A 116 -24.44 1.18 -4.78
CA PHE A 116 -24.54 2.54 -5.29
C PHE A 116 -25.85 3.18 -4.87
N CYS A 117 -26.97 2.48 -5.04
CA CYS A 117 -28.27 3.04 -4.69
C CYS A 117 -28.34 3.46 -3.24
N TYR A 118 -27.51 2.89 -2.37
CA TYR A 118 -27.55 3.30 -0.98
C TYR A 118 -26.36 4.14 -0.52
N PHE A 119 -25.25 4.14 -1.26
CA PHE A 119 -24.10 4.92 -0.83
C PHE A 119 -24.39 6.40 -0.85
N SER A 120 -25.32 6.82 -1.71
CA SER A 120 -25.67 8.22 -1.79
C SER A 120 -26.30 8.66 -0.48
N ALA A 121 -26.39 7.76 0.50
CA ALA A 121 -26.50 8.16 1.89
C ALA A 121 -25.12 8.47 2.45
N VAL A 122 -24.39 9.28 1.67
CA VAL A 122 -23.21 9.99 2.13
C VAL A 122 -23.73 11.35 2.58
N VAL A 123 -24.91 11.71 2.09
CA VAL A 123 -25.61 12.91 2.50
C VAL A 123 -25.74 12.91 4.02
N GLU A 124 -25.78 11.72 4.61
CA GLU A 124 -25.75 11.67 6.07
C GLU A 124 -24.43 12.20 6.61
N ALA A 125 -23.33 11.67 6.09
CA ALA A 125 -22.00 12.09 6.54
C ALA A 125 -21.89 13.60 6.49
N ILE A 126 -22.82 14.24 5.79
CA ILE A 126 -22.82 15.69 5.66
C ILE A 126 -23.63 16.35 6.76
N GLU A 127 -24.25 15.53 7.61
CA GLU A 127 -25.08 16.04 8.70
C GLU A 127 -24.26 16.30 9.97
N ALA A 128 -22.97 16.00 9.92
CA ALA A 128 -22.09 16.21 11.07
C ALA A 128 -22.01 17.68 11.46
N ALA A 129 -21.98 18.56 10.47
CA ALA A 129 -21.90 19.99 10.72
C ALA A 129 -23.13 20.47 11.48
N GLY A 130 -24.30 19.96 11.11
CA GLY A 130 -25.54 20.34 11.76
C GLY A 130 -25.73 19.64 13.09
N LEU A 135 -19.39 23.48 19.81
CA LEU A 135 -18.02 23.72 19.35
C LEU A 135 -17.90 25.10 18.71
N ASP A 136 -17.96 25.14 17.38
CA ASP A 136 -17.86 26.39 16.66
C ASP A 136 -19.20 26.78 16.06
N PRO A 137 -19.65 28.01 16.33
CA PRO A 137 -20.93 28.53 15.85
C PRO A 137 -20.81 29.13 14.46
N SER A 138 -19.67 29.76 14.16
CA SER A 138 -19.46 30.36 12.85
C SER A 138 -19.19 29.28 11.81
N GLU A 139 -18.49 28.23 12.23
CA GLU A 139 -18.12 27.17 11.31
C GLU A 139 -19.31 26.47 10.69
N MET A 140 -20.36 26.25 11.48
CA MET A 140 -21.51 25.51 10.98
C MET A 140 -22.04 26.15 9.70
N GLU A 141 -22.06 27.48 9.68
CA GLU A 141 -22.49 28.22 8.51
C GLU A 141 -21.59 27.96 7.32
N ARG A 142 -20.27 27.90 7.57
CA ARG A 142 -19.32 27.62 6.50
C ARG A 142 -19.62 26.29 5.84
N ARG A 143 -19.80 25.25 6.65
CA ARG A 143 -20.08 23.93 6.07
C ARG A 143 -21.41 23.95 5.32
N ARG A 144 -22.42 24.63 5.89
CA ARG A 144 -23.72 24.68 5.22
C ARG A 144 -23.58 25.30 3.84
N VAL A 145 -22.89 26.44 3.75
CA VAL A 145 -22.80 27.10 2.45
C VAL A 145 -21.90 26.33 1.51
N VAL A 146 -20.89 25.64 2.04
CA VAL A 146 -20.05 24.79 1.20
C VAL A 146 -20.90 23.73 0.51
N PHE A 147 -21.71 23.03 1.30
CA PHE A 147 -22.57 22.01 0.72
C PHE A 147 -23.61 22.62 -0.23
N SER A 148 -24.15 23.79 0.14
CA SER A 148 -25.07 24.49 -0.74
C SER A 148 -24.45 24.68 -2.12
N ARG A 149 -23.23 25.20 -2.16
CA ARG A 149 -22.56 25.38 -3.45
C ARG A 149 -22.21 24.04 -4.09
N LYS A 150 -22.02 23.00 -3.28
CA LYS A 150 -21.94 21.66 -3.82
C LYS A 150 -23.25 21.26 -4.51
N TYR A 151 -24.32 21.95 -4.21
CA TYR A 151 -25.63 21.68 -4.81
C TYR A 151 -26.15 22.88 -5.59
N ASP A 152 -25.30 23.44 -6.46
CA ASP A 152 -25.66 24.60 -7.27
C ASP A 152 -26.27 24.17 -8.60
N ARG A 153 -27.14 25.03 -9.14
CA ARG A 153 -27.87 24.70 -10.36
C ARG A 153 -26.93 24.46 -11.53
N GLU A 154 -25.81 25.16 -11.57
CA GLU A 154 -24.90 24.98 -12.70
C GLU A 154 -24.16 23.67 -12.67
N TRP A 155 -24.47 22.78 -11.72
CA TRP A 155 -23.81 21.49 -11.60
C TRP A 155 -24.82 20.39 -11.92
N ASN A 156 -25.00 20.13 -13.21
CA ASN A 156 -25.84 19.02 -13.67
C ASN A 156 -25.26 18.56 -15.00
N ASP A 157 -24.38 17.58 -14.95
CA ASP A 157 -23.69 17.15 -16.15
C ASP A 157 -22.92 15.88 -15.88
N PRO A 158 -22.98 14.88 -16.77
CA PRO A 158 -22.12 13.69 -16.58
C PRO A 158 -20.65 14.04 -16.41
N LYS A 159 -20.10 14.85 -17.32
CA LYS A 159 -18.68 15.18 -17.25
C LYS A 159 -18.36 15.98 -15.98
N MET A 160 -19.07 17.10 -15.78
CA MET A 160 -18.76 17.97 -14.66
C MET A 160 -18.87 17.23 -13.34
N PHE A 161 -19.95 16.47 -13.15
CA PHE A 161 -20.08 15.69 -11.93
C PHE A 161 -18.99 14.65 -11.82
N GLN A 162 -18.92 13.74 -12.80
CA GLN A 162 -17.98 12.63 -12.77
C GLN A 162 -16.55 13.09 -12.58
N TRP A 163 -16.31 14.38 -12.80
CA TRP A 163 -14.97 14.93 -12.58
C TRP A 163 -14.85 15.61 -11.23
N ARG A 164 -15.90 16.30 -10.77
CA ARG A 164 -15.82 17.06 -9.53
C ARG A 164 -16.19 16.25 -8.30
N PHE A 165 -16.76 15.06 -8.45
CA PHE A 165 -17.09 14.23 -7.31
C PHE A 165 -16.82 12.75 -7.52
N GLY A 166 -16.16 12.37 -8.61
CA GLY A 166 -15.95 10.96 -8.89
C GLY A 166 -15.40 10.19 -7.71
N LYS A 167 -14.40 10.75 -7.04
CA LYS A 167 -13.77 10.02 -5.94
C LYS A 167 -14.61 10.04 -4.67
N GLN A 168 -15.52 11.01 -4.52
CA GLN A 168 -16.39 10.98 -3.35
C GLN A 168 -17.48 9.94 -3.47
N TYR A 169 -17.94 9.63 -4.67
CA TYR A 169 -19.00 8.64 -4.85
C TYR A 169 -18.50 7.40 -5.58
N LEU A 170 -17.24 7.03 -5.38
CA LEU A 170 -16.64 5.77 -5.78
C LEU A 170 -16.32 5.67 -7.28
N LEU A 171 -16.69 6.62 -8.10
CA LEU A 171 -16.50 6.49 -9.54
C LEU A 171 -15.05 6.81 -9.91
N SER A 172 -14.31 5.81 -10.35
CA SER A 172 -12.99 6.00 -10.93
C SER A 172 -13.10 6.04 -12.45
N ARG A 173 -11.95 6.07 -13.09
CA ARG A 173 -11.90 6.02 -14.55
C ARG A 173 -11.55 4.63 -15.04
N ILE A 175 -12.65 3.52 -12.00
CA ILE A 175 -12.75 2.21 -12.63
C ILE A 175 -14.18 1.91 -13.08
N CYS A 176 -14.80 2.87 -13.74
CA CYS A 176 -16.16 2.71 -14.24
C CYS A 176 -16.23 1.58 -15.26
N SER A 177 -15.22 1.50 -16.13
CA SER A 177 -15.18 0.48 -17.16
C SER A 177 -14.56 -0.82 -16.68
N ARG A 178 -14.07 -0.83 -15.44
CA ARG A 178 -13.45 -2.02 -14.87
C ARG A 178 -14.45 -3.17 -14.76
N PHE A 179 -15.68 -2.83 -14.39
CA PHE A 179 -16.75 -3.81 -14.24
C PHE A 179 -16.89 -4.76 -15.42
N GLU A 180 -16.76 -4.23 -16.63
CA GLU A 180 -16.94 -5.07 -17.80
C GLU A 180 -15.74 -5.98 -18.02
N HIS A 181 -14.54 -5.48 -17.75
CA HIS A 181 -13.36 -6.34 -17.88
C HIS A 181 -13.44 -7.53 -16.94
N SER A 182 -13.91 -7.30 -15.71
CA SER A 182 -14.14 -8.40 -14.78
C SER A 182 -15.14 -9.38 -15.35
N TRP A 183 -16.29 -8.87 -15.83
CA TRP A 183 -17.29 -9.75 -16.42
C TRP A 183 -16.73 -10.60 -17.54
N ARG A 184 -15.54 -10.25 -18.05
CA ARG A 184 -14.94 -10.94 -19.18
C ARG A 184 -13.86 -11.94 -18.77
N GLU A 185 -12.93 -11.55 -17.91
CA GLU A 185 -11.79 -12.43 -17.62
C GLU A 185 -12.23 -13.68 -16.90
N ASP A 186 -13.25 -13.58 -16.05
CA ASP A 186 -13.91 -14.75 -15.50
C ASP A 186 -14.28 -15.75 -16.59
N ARG A 187 -14.89 -15.27 -17.67
CA ARG A 187 -15.29 -16.16 -18.76
C ARG A 187 -14.10 -16.92 -19.31
N TRP A 188 -12.97 -16.24 -19.49
CA TRP A 188 -11.85 -16.89 -20.14
C TRP A 188 -11.13 -17.85 -19.19
N ASN A 189 -11.01 -17.48 -17.91
CA ASN A 189 -10.52 -18.45 -16.94
C ASN A 189 -11.42 -19.69 -16.93
N LEU A 190 -12.73 -19.48 -17.05
CA LEU A 190 -13.66 -20.59 -17.04
C LEU A 190 -13.44 -21.50 -18.24
N VAL A 191 -13.36 -20.92 -19.45
CA VAL A 191 -13.21 -21.75 -20.63
C VAL A 191 -11.83 -22.40 -20.64
N GLU A 192 -10.82 -21.75 -20.07
CA GLU A 192 -9.52 -22.38 -19.98
C GLU A 192 -9.57 -23.60 -19.07
N ALA A 193 -10.24 -23.47 -17.92
CA ALA A 193 -10.39 -24.62 -17.03
C ALA A 193 -11.21 -25.72 -17.69
N LEU A 194 -12.23 -25.35 -18.45
CA LEU A 194 -13.06 -26.34 -19.13
C LEU A 194 -12.26 -27.09 -20.19
N GLN A 195 -11.46 -26.38 -20.98
CA GLN A 195 -10.61 -27.03 -21.96
C GLN A 195 -9.61 -27.95 -21.26
N GLU A 196 -8.99 -27.47 -20.19
CA GLU A 196 -8.07 -28.31 -19.43
C GLU A 196 -8.75 -29.58 -18.96
N LYS A 197 -9.97 -29.46 -18.45
CA LYS A 197 -10.69 -30.63 -17.96
C LYS A 197 -11.01 -31.60 -19.10
N ARG A 198 -11.59 -31.08 -20.19
CA ARG A 198 -12.06 -31.94 -21.26
C ARG A 198 -10.92 -32.62 -22.00
N LYS A 199 -9.78 -31.96 -22.14
CA LYS A 199 -8.66 -32.59 -22.85
C LYS A 199 -7.75 -33.36 -21.91
N SER A 200 -7.82 -33.08 -20.61
CA SER A 200 -7.17 -33.88 -19.59
C SER A 200 -8.17 -34.68 -18.78
N ASP A 201 -9.20 -35.20 -19.45
CA ASP A 201 -10.22 -36.00 -18.77
C ASP A 201 -9.60 -37.19 -18.05
N SER A 202 -9.01 -38.11 -18.80
CA SER A 202 -8.38 -39.30 -18.26
C SER A 202 -9.32 -40.10 -17.35
N LYS A 207 -18.46 -40.65 -16.32
CA LYS A 207 -18.74 -40.81 -17.75
C LYS A 207 -19.66 -39.70 -18.26
N THR A 208 -19.33 -39.20 -19.45
CA THR A 208 -20.04 -38.16 -20.21
C THR A 208 -19.86 -36.74 -19.68
N GLU A 209 -18.98 -36.56 -18.71
CA GLU A 209 -18.69 -35.24 -18.18
C GLU A 209 -18.03 -34.39 -19.26
N LYS A 210 -17.12 -35.01 -19.99
CA LYS A 210 -16.40 -34.35 -21.06
C LYS A 210 -17.35 -33.88 -22.16
N ARG A 211 -18.34 -34.70 -22.48
CA ARG A 211 -19.29 -34.34 -23.53
C ARG A 211 -19.99 -33.03 -23.22
N LEU A 212 -20.37 -32.85 -21.95
CA LEU A 212 -21.02 -31.61 -21.55
C LEU A 212 -20.07 -30.47 -21.84
N ALA A 213 -18.86 -30.57 -21.28
CA ALA A 213 -17.85 -29.54 -21.48
C ALA A 213 -17.83 -29.06 -22.92
N ASP A 214 -17.78 -30.00 -23.86
CA ASP A 214 -17.73 -29.60 -25.26
C ASP A 214 -18.99 -28.84 -25.63
N LEU A 215 -20.14 -29.32 -25.17
CA LEU A 215 -21.37 -28.62 -25.46
C LEU A 215 -21.32 -27.26 -24.77
N LEU A 216 -20.87 -27.26 -23.51
CA LEU A 216 -20.77 -26.03 -22.73
C LEU A 216 -19.75 -25.04 -23.30
N LEU A 217 -18.61 -25.57 -23.74
CA LEU A 217 -17.55 -24.74 -24.32
C LEU A 217 -18.03 -24.07 -25.60
N LYS A 218 -18.80 -24.80 -26.40
CA LYS A 218 -19.33 -24.29 -27.65
C LYS A 218 -20.25 -23.09 -27.43
N LYS A 219 -21.04 -23.13 -26.36
CA LYS A 219 -21.96 -22.05 -26.08
C LYS A 219 -21.16 -20.77 -25.88
N LEU A 220 -20.04 -20.86 -25.19
CA LEU A 220 -19.22 -19.68 -24.96
C LEU A 220 -18.35 -19.34 -26.16
N THR A 221 -18.41 -20.12 -27.23
CA THR A 221 -17.61 -19.86 -28.41
C THR A 221 -18.12 -18.68 -29.22
N PHE A 226 -27.08 -18.87 -31.65
CA PHE A 226 -27.19 -20.30 -31.93
C PHE A 226 -27.95 -21.01 -30.82
N ASN A 227 -28.11 -22.32 -30.96
CA ASN A 227 -28.83 -23.12 -29.96
C ASN A 227 -28.27 -24.55 -30.03
N GLY A 228 -27.36 -24.87 -29.13
CA GLY A 228 -26.85 -26.23 -29.07
C GLY A 228 -27.93 -27.20 -28.65
N LYS A 229 -28.32 -27.15 -27.37
CA LYS A 229 -29.42 -27.96 -26.82
C LYS A 229 -29.42 -29.38 -27.38
N LEU A 230 -28.22 -29.92 -27.54
CA LEU A 230 -28.03 -31.13 -28.33
C LEU A 230 -28.73 -32.35 -27.75
N PHE A 231 -28.32 -32.79 -26.57
CA PHE A 231 -28.66 -34.14 -26.16
C PHE A 231 -29.33 -34.21 -24.80
N PRO A 232 -30.03 -35.30 -24.48
CA PRO A 232 -30.50 -35.51 -23.11
C PRO A 232 -29.40 -36.08 -22.23
N SER A 233 -28.16 -35.92 -22.65
CA SER A 233 -26.98 -36.31 -21.87
C SER A 233 -27.14 -35.88 -20.42
N SER A 234 -27.76 -34.73 -20.20
CA SER A 234 -28.26 -34.39 -18.88
C SER A 234 -29.48 -35.26 -18.64
N ILE A 235 -29.27 -36.41 -18.01
CA ILE A 235 -30.33 -37.41 -17.84
C ILE A 235 -31.54 -36.81 -17.15
N LEU A 236 -31.35 -35.74 -16.38
CA LEU A 236 -32.44 -34.95 -15.80
C LEU A 236 -33.32 -35.80 -14.88
N LEU A 237 -32.71 -36.22 -13.77
CA LEU A 237 -33.46 -36.95 -12.77
C LEU A 237 -34.55 -36.03 -12.24
N GLY A 238 -35.80 -36.29 -12.66
CA GLY A 238 -36.86 -35.30 -12.56
C GLY A 238 -37.60 -35.35 -11.24
N SER A 239 -37.67 -34.20 -10.58
CA SER A 239 -38.52 -34.01 -9.42
C SER A 239 -39.87 -33.49 -9.88
N LYS A 240 -40.69 -33.02 -8.94
CA LYS A 240 -42.02 -32.54 -9.26
C LYS A 240 -41.95 -31.28 -10.12
N ASP A 241 -43.12 -30.82 -10.56
CA ASP A 241 -43.22 -29.62 -11.38
C ASP A 241 -44.57 -28.96 -11.24
N ASP A 272 -41.39 -25.80 -25.92
CA ASP A 272 -40.79 -27.07 -25.52
C ASP A 272 -41.48 -28.24 -26.23
N LEU A 273 -42.17 -27.98 -27.32
CA LEU A 273 -42.88 -29.06 -28.02
C LEU A 273 -42.44 -29.37 -29.45
N GLU A 274 -41.80 -28.42 -30.12
CA GLU A 274 -41.38 -28.65 -31.51
C GLU A 274 -40.12 -27.87 -31.91
N PRO A 275 -39.43 -28.35 -32.95
CA PRO A 275 -38.22 -27.70 -33.46
C PRO A 275 -38.56 -26.58 -34.43
N LEU A 276 -39.15 -25.51 -33.90
CA LEU A 276 -39.54 -24.34 -34.69
C LEU A 276 -39.16 -23.09 -33.89
N SER A 277 -39.06 -21.95 -34.57
CA SER A 277 -38.67 -20.69 -33.93
C SER A 277 -37.37 -20.87 -33.17
N SER A 278 -36.38 -21.43 -33.86
CA SER A 278 -35.06 -21.73 -33.32
C SER A 278 -34.33 -20.48 -32.83
N GLU A 279 -34.58 -19.39 -33.58
CA GLU A 279 -34.02 -18.06 -33.42
C GLU A 279 -34.52 -17.40 -32.16
N ILE A 280 -35.51 -18.05 -31.57
CA ILE A 280 -36.12 -17.61 -30.31
C ILE A 280 -35.27 -18.05 -29.12
N SER A 281 -34.15 -18.71 -29.43
CA SER A 281 -33.19 -19.21 -28.47
C SER A 281 -32.15 -18.17 -28.08
N SER A 282 -32.27 -16.96 -28.62
CA SER A 282 -31.36 -15.87 -28.30
C SER A 282 -31.53 -15.71 -26.80
N LEU A 283 -32.77 -15.78 -26.32
CA LEU A 283 -32.95 -15.75 -24.87
C LEU A 283 -31.65 -16.07 -24.15
N LEU A 284 -30.86 -16.98 -24.72
CA LEU A 284 -29.61 -17.41 -24.11
C LEU A 284 -28.60 -16.28 -23.97
N ALA A 285 -28.89 -15.10 -24.51
CA ALA A 285 -27.98 -13.97 -24.45
C ALA A 285 -28.62 -12.79 -23.70
N LEU A 286 -29.55 -13.08 -22.79
CA LEU A 286 -30.23 -12.06 -22.00
C LEU A 286 -29.89 -12.33 -20.54
N CYS A 287 -28.80 -11.75 -20.07
CA CYS A 287 -28.25 -12.01 -18.75
C CYS A 287 -28.49 -10.82 -17.83
N HIS A 288 -29.04 -11.09 -16.65
CA HIS A 288 -29.29 -10.07 -15.63
C HIS A 288 -29.73 -10.78 -14.37
N SER A 289 -29.29 -10.29 -13.22
CA SER A 289 -29.64 -10.95 -11.97
C SER A 289 -31.04 -10.67 -11.53
N ASN A 290 -31.88 -10.09 -12.37
CA ASN A 290 -33.29 -9.96 -12.07
C ASN A 290 -34.17 -10.72 -13.06
N ILE A 291 -33.60 -11.69 -13.77
CA ILE A 291 -34.30 -12.44 -14.80
C ILE A 291 -33.88 -13.90 -14.69
N LEU A 292 -34.84 -14.77 -14.42
CA LEU A 292 -34.56 -16.20 -14.31
C LEU A 292 -34.06 -16.70 -15.66
N GLN A 293 -32.74 -16.70 -15.82
CA GLN A 293 -32.11 -17.13 -17.07
C GLN A 293 -32.62 -18.49 -17.54
N GLU A 311 -31.36 -20.15 -11.74
CA GLU A 311 -32.05 -20.71 -12.89
C GLU A 311 -33.48 -21.08 -12.53
N LEU A 312 -33.72 -21.31 -11.25
CA LEU A 312 -35.04 -21.70 -10.77
C LEU A 312 -35.58 -20.76 -9.71
N MET A 313 -36.88 -20.49 -9.78
CA MET A 313 -37.52 -19.61 -8.81
C MET A 313 -38.07 -20.43 -7.64
N HIS A 314 -37.71 -20.05 -6.43
CA HIS A 314 -38.15 -20.77 -5.25
C HIS A 314 -39.67 -20.73 -5.09
N LYS A 315 -40.23 -19.54 -5.24
CA LYS A 315 -41.67 -19.33 -5.12
C LYS A 315 -42.06 -18.09 -5.93
N ASP A 316 -43.34 -17.95 -6.27
CA ASP A 316 -43.75 -16.77 -7.01
C ASP A 316 -44.40 -15.76 -6.07
N LEU A 317 -45.00 -14.73 -6.67
CA LEU A 317 -45.57 -13.64 -5.89
C LEU A 317 -47.02 -13.92 -5.52
N GLN A 318 -47.88 -14.14 -6.51
CA GLN A 318 -49.29 -14.42 -6.25
C GLN A 318 -49.43 -15.49 -5.18
N SER A 319 -48.58 -16.52 -5.22
CA SER A 319 -48.52 -17.47 -4.14
C SER A 319 -48.24 -16.78 -2.81
N TYR A 320 -47.23 -15.94 -2.78
CA TYR A 320 -46.86 -15.28 -1.53
C TYR A 320 -47.89 -14.25 -1.08
N MET A 321 -48.86 -13.96 -1.94
CA MET A 321 -49.76 -12.85 -1.65
C MET A 321 -50.90 -13.29 -0.73
N LYS A 322 -51.71 -14.25 -1.19
CA LYS A 322 -53.01 -14.60 -0.63
C LYS A 322 -52.99 -14.91 0.85
N GLU A 323 -51.82 -15.15 1.42
CA GLU A 323 -51.69 -15.44 2.84
C GLU A 323 -50.90 -14.34 3.55
N ASN A 324 -50.50 -13.32 2.79
CA ASN A 324 -49.73 -12.21 3.31
C ASN A 324 -50.47 -11.40 4.36
N ARG A 330 -52.58 -7.63 8.61
CA ARG A 330 -51.83 -8.66 7.92
C ARG A 330 -50.91 -8.06 6.86
N TYR A 331 -49.88 -7.36 7.32
CA TYR A 331 -48.92 -6.72 6.43
C TYR A 331 -47.53 -7.30 6.63
N LEU A 332 -46.88 -7.68 5.53
CA LEU A 332 -45.54 -8.24 5.60
C LEU A 332 -44.55 -7.39 4.83
N PHE A 333 -45.11 -6.50 4.03
CA PHE A 333 -44.31 -5.66 3.21
C PHE A 333 -44.37 -4.27 3.75
N SER A 334 -43.20 -3.81 4.15
CA SER A 334 -43.04 -2.46 4.63
C SER A 334 -42.87 -1.57 3.41
N ILE A 335 -43.00 -0.28 3.62
CA ILE A 335 -42.81 0.66 2.56
C ILE A 335 -41.35 0.48 2.22
N PRO A 336 -40.60 -0.14 3.16
CA PRO A 336 -39.19 -0.24 2.75
C PRO A 336 -38.83 -1.55 2.06
N VAL A 337 -39.73 -2.51 1.97
CA VAL A 337 -39.49 -3.69 1.15
C VAL A 337 -40.45 -3.66 -0.03
N VAL A 338 -41.58 -2.96 0.16
CA VAL A 338 -42.52 -2.77 -0.94
C VAL A 338 -41.85 -2.03 -2.09
N ILE A 339 -41.23 -0.89 -1.78
CA ILE A 339 -40.52 -0.12 -2.79
C ILE A 339 -39.42 -0.96 -3.42
N ASP A 340 -38.68 -1.69 -2.59
CA ASP A 340 -37.60 -2.53 -3.12
C ASP A 340 -38.16 -3.60 -4.04
N ILE A 341 -39.16 -4.34 -3.57
CA ILE A 341 -39.79 -5.37 -4.40
C ILE A 341 -40.20 -4.78 -5.75
N MET A 342 -40.61 -3.52 -5.75
CA MET A 342 -40.94 -2.87 -7.02
C MET A 342 -39.69 -2.68 -7.87
N LEU A 343 -38.59 -2.25 -7.25
CA LEU A 343 -37.44 -1.83 -8.02
C LEU A 343 -36.77 -3.01 -8.72
N GLN A 344 -36.51 -4.09 -7.98
CA GLN A 344 -35.85 -5.25 -8.59
C GLN A 344 -36.54 -5.67 -9.88
N ILE A 345 -37.85 -5.48 -9.97
CA ILE A 345 -38.54 -5.67 -11.25
C ILE A 345 -38.02 -4.67 -12.27
N ALA A 346 -38.19 -3.39 -11.98
CA ALA A 346 -37.81 -2.34 -12.92
C ALA A 346 -36.36 -2.48 -13.36
N ARG A 347 -35.47 -2.61 -12.39
CA ARG A 347 -34.05 -2.67 -12.68
C ARG A 347 -33.87 -3.81 -13.65
N GLY A 348 -34.73 -4.81 -13.52
CA GLY A 348 -34.63 -5.98 -14.37
C GLY A 348 -35.52 -5.88 -15.58
N MET A 349 -36.56 -5.06 -15.51
CA MET A 349 -37.49 -4.96 -16.63
C MET A 349 -36.80 -4.42 -17.87
N GLU A 350 -36.31 -3.20 -17.81
CA GLU A 350 -35.87 -2.57 -19.05
C GLU A 350 -34.63 -3.20 -19.65
N TYR A 351 -33.93 -4.08 -18.92
CA TYR A 351 -32.92 -4.88 -19.59
C TYR A 351 -33.53 -5.75 -20.67
N LEU A 352 -34.81 -6.09 -20.55
CA LEU A 352 -35.52 -6.72 -21.66
C LEU A 352 -35.50 -5.83 -22.88
N HIS A 353 -35.82 -4.55 -22.71
CA HIS A 353 -35.71 -3.59 -23.79
C HIS A 353 -34.26 -3.38 -24.21
N GLY A 354 -33.31 -3.76 -23.36
CA GLY A 354 -31.92 -3.81 -23.78
C GLY A 354 -31.68 -4.76 -24.92
N ASN A 355 -32.66 -5.61 -25.21
CA ASN A 355 -32.70 -6.38 -26.45
C ASN A 355 -34.06 -6.26 -27.11
N ASP A 356 -34.85 -5.27 -26.70
CA ASP A 356 -36.15 -4.90 -27.24
C ASP A 356 -37.23 -5.95 -27.01
N ILE A 357 -36.93 -7.02 -26.28
CA ILE A 357 -37.95 -8.03 -25.98
C ILE A 357 -39.06 -7.50 -25.03
N PHE A 358 -40.31 -7.85 -25.32
CA PHE A 358 -41.41 -7.37 -24.49
C PHE A 358 -42.12 -8.53 -23.79
N HIS A 359 -42.24 -8.41 -22.47
CA HIS A 359 -42.86 -9.42 -21.63
C HIS A 359 -44.30 -9.66 -22.05
N GLY A 360 -45.00 -8.58 -22.37
CA GLY A 360 -46.39 -8.61 -22.81
C GLY A 360 -47.43 -8.87 -21.74
N ASP A 361 -47.34 -10.02 -21.10
CA ASP A 361 -48.25 -10.34 -20.04
C ASP A 361 -47.45 -10.43 -18.76
N LEU A 362 -47.80 -9.61 -17.78
CA LEU A 362 -47.11 -9.64 -16.50
C LEU A 362 -48.12 -9.87 -15.40
N ASN A 363 -47.83 -10.80 -14.49
CA ASN A 363 -48.75 -11.09 -13.44
C ASN A 363 -48.01 -11.63 -12.22
N PRO A 364 -48.54 -11.43 -11.02
CA PRO A 364 -47.90 -12.01 -9.84
C PRO A 364 -47.69 -13.51 -9.96
N MET A 365 -48.37 -14.13 -10.92
CA MET A 365 -48.08 -15.50 -11.31
C MET A 365 -46.85 -15.62 -12.19
N ASN A 366 -46.10 -14.53 -12.36
CA ASN A 366 -44.90 -14.56 -13.18
C ASN A 366 -43.71 -13.86 -12.54
N ILE A 367 -43.84 -13.35 -11.32
CA ILE A 367 -42.75 -12.71 -10.61
C ILE A 367 -42.34 -13.66 -9.51
N HIS A 368 -41.18 -14.28 -9.66
CA HIS A 368 -40.68 -15.25 -8.68
C HIS A 368 -39.81 -14.53 -7.67
N LEU A 369 -40.36 -14.27 -6.49
CA LEU A 369 -39.58 -13.69 -5.42
C LEU A 369 -38.74 -14.77 -4.75
N LYS A 370 -37.94 -14.36 -3.78
CA LYS A 370 -37.11 -15.27 -3.02
C LYS A 370 -36.87 -14.65 -1.64
N GLU A 371 -35.85 -15.14 -0.94
CA GLU A 371 -35.50 -14.62 0.37
C GLU A 371 -34.12 -13.99 0.32
N ARG A 372 -33.99 -12.86 0.99
CA ARG A 372 -32.76 -12.08 1.00
C ARG A 372 -31.81 -12.44 2.12
N SER A 373 -31.94 -13.63 2.69
CA SER A 373 -31.02 -14.06 3.74
C SER A 373 -31.05 -13.17 4.97
N HIS A 374 -29.88 -12.62 5.34
CA HIS A 374 -29.80 -11.77 6.53
C HIS A 374 -30.25 -10.34 6.25
N THR A 375 -31.55 -10.17 6.10
CA THR A 375 -32.19 -8.89 5.83
C THR A 375 -33.56 -8.92 6.49
N GLU A 376 -34.18 -7.76 6.63
CA GLU A 376 -35.49 -7.68 7.24
C GLU A 376 -36.60 -7.95 6.22
N GLY A 377 -36.71 -9.20 5.78
CA GLY A 377 -37.74 -9.57 4.83
C GLY A 377 -37.47 -9.20 3.38
N TYR A 378 -36.32 -8.61 3.10
CA TYR A 378 -35.99 -8.24 1.73
C TYR A 378 -35.86 -9.47 0.84
N PHE A 379 -36.36 -9.37 -0.38
CA PHE A 379 -36.31 -10.49 -1.31
C PHE A 379 -35.76 -10.09 -2.67
N HIS A 380 -35.12 -11.05 -3.33
CA HIS A 380 -34.54 -10.83 -4.65
C HIS A 380 -35.52 -11.50 -5.59
N ALA A 381 -36.06 -10.75 -6.54
CA ALA A 381 -37.06 -11.31 -7.43
C ALA A 381 -36.58 -11.25 -8.87
N LYS A 382 -37.03 -12.23 -9.65
CA LYS A 382 -36.79 -12.27 -11.08
C LYS A 382 -38.12 -12.30 -11.80
N ILE A 383 -38.07 -12.39 -13.13
CA ILE A 383 -39.27 -12.42 -13.96
C ILE A 383 -39.19 -13.64 -14.87
N CYS A 384 -40.24 -14.47 -14.86
CA CYS A 384 -40.26 -15.68 -15.67
C CYS A 384 -41.45 -15.76 -16.64
N GLY A 385 -41.21 -16.40 -17.78
CA GLY A 385 -42.20 -16.55 -18.83
C GLY A 385 -42.21 -15.51 -19.93
N PHE A 386 -41.30 -14.54 -19.88
CA PHE A 386 -41.26 -13.54 -20.94
C PHE A 386 -40.92 -14.20 -22.28
N GLY A 387 -39.96 -15.14 -22.25
CA GLY A 387 -39.54 -15.89 -23.41
C GLY A 387 -40.49 -17.04 -23.63
N LEU A 388 -40.47 -17.65 -24.80
CA LEU A 388 -41.38 -18.76 -25.04
C LEU A 388 -42.61 -18.32 -25.81
N SER A 389 -42.39 -17.48 -26.82
CA SER A 389 -43.48 -16.88 -27.59
C SER A 389 -44.07 -17.83 -28.63
N SER A 390 -43.69 -19.10 -28.61
CA SER A 390 -44.27 -20.05 -29.56
C SER A 390 -45.71 -20.36 -29.20
N VAL A 391 -45.94 -20.88 -28.00
CA VAL A 391 -47.29 -21.14 -27.54
C VAL A 391 -47.67 -20.11 -26.49
N PRO A 405 -57.20 -14.28 -15.41
CA PRO A 405 -58.17 -13.29 -15.87
C PRO A 405 -57.53 -12.14 -16.65
N VAL A 406 -58.29 -11.55 -17.57
CA VAL A 406 -57.75 -10.48 -18.40
C VAL A 406 -57.55 -9.18 -17.64
N ILE A 407 -58.00 -9.10 -16.38
CA ILE A 407 -57.89 -7.88 -15.61
C ILE A 407 -56.46 -7.44 -15.40
N TRP A 408 -55.50 -8.28 -15.78
CA TRP A 408 -54.09 -7.92 -15.69
C TRP A 408 -53.54 -7.42 -17.04
N TYR A 409 -54.38 -7.41 -18.06
CA TYR A 409 -53.99 -6.90 -19.37
C TYR A 409 -54.11 -5.37 -19.43
N ALA A 410 -53.39 -4.74 -20.36
CA ALA A 410 -53.44 -3.30 -20.54
C ALA A 410 -54.79 -2.88 -21.11
N PRO A 411 -55.22 -1.64 -20.82
CA PRO A 411 -56.53 -1.21 -21.33
C PRO A 411 -56.55 -1.23 -22.85
N GLU A 412 -55.49 -0.74 -23.48
CA GLU A 412 -55.41 -0.78 -24.94
C GLU A 412 -55.38 -2.20 -25.48
N VAL A 413 -54.89 -3.16 -24.70
CA VAL A 413 -54.94 -4.56 -25.12
C VAL A 413 -56.27 -5.14 -24.64
N LEU A 414 -57.20 -4.25 -24.26
CA LEU A 414 -58.60 -4.65 -24.18
C LEU A 414 -59.26 -4.66 -25.55
N ALA A 415 -58.67 -3.95 -26.52
CA ALA A 415 -59.22 -3.66 -27.85
C ALA A 415 -59.15 -4.85 -28.82
N GLU A 416 -58.85 -6.04 -28.32
CA GLU A 416 -58.73 -7.22 -29.17
C GLU A 416 -60.08 -7.62 -29.75
N MET A 417 -61.15 -7.16 -29.10
CA MET A 417 -62.50 -7.46 -29.55
C MET A 417 -62.69 -7.10 -31.02
N LYS A 429 -50.44 -6.41 -29.19
CA LYS A 429 -50.48 -5.52 -28.02
C LYS A 429 -49.26 -5.72 -27.13
N LEU A 430 -48.09 -5.90 -27.75
CA LEU A 430 -46.86 -6.09 -27.00
C LEU A 430 -46.02 -4.83 -27.01
N THR A 431 -46.69 -3.70 -26.83
CA THR A 431 -46.02 -2.41 -26.82
C THR A 431 -45.11 -2.35 -25.61
N HIS A 432 -43.99 -1.65 -25.75
CA HIS A 432 -43.09 -1.51 -24.61
C HIS A 432 -43.86 -0.71 -23.55
N LYS A 433 -44.67 0.25 -24.01
CA LYS A 433 -45.49 1.09 -23.14
C LYS A 433 -46.57 0.34 -22.37
N ALA A 434 -47.17 -0.64 -23.02
CA ALA A 434 -48.29 -1.40 -22.46
C ALA A 434 -48.01 -2.17 -21.16
N ASP A 435 -46.78 -2.67 -21.06
CA ASP A 435 -46.31 -3.50 -19.95
C ASP A 435 -46.37 -2.79 -18.62
N VAL A 436 -46.31 -1.47 -18.65
CA VAL A 436 -46.38 -0.64 -17.45
C VAL A 436 -47.70 -0.84 -16.70
N TYR A 437 -48.79 -1.01 -17.44
CA TYR A 437 -50.10 -1.21 -16.87
C TYR A 437 -50.02 -2.46 -15.99
N SER A 438 -49.34 -3.49 -16.45
CA SER A 438 -49.18 -4.71 -15.65
C SER A 438 -48.26 -4.45 -14.47
N PHE A 439 -47.09 -3.86 -14.74
CA PHE A 439 -46.19 -3.44 -13.67
C PHE A 439 -46.95 -2.64 -12.63
N ALA A 440 -47.63 -1.58 -13.08
CA ALA A 440 -48.45 -0.80 -12.16
C ALA A 440 -49.46 -1.68 -11.45
N MET A 441 -50.15 -2.53 -12.22
CA MET A 441 -51.14 -3.41 -11.62
C MET A 441 -50.51 -4.30 -10.56
N VAL A 442 -49.30 -4.79 -10.80
CA VAL A 442 -48.61 -5.59 -9.81
C VAL A 442 -48.36 -4.79 -8.56
N CYS A 443 -47.78 -3.61 -8.72
CA CYS A 443 -47.55 -2.73 -7.58
C CYS A 443 -48.86 -2.43 -6.86
N PHE A 444 -49.95 -2.34 -7.61
CA PHE A 444 -51.25 -2.07 -7.01
C PHE A 444 -51.58 -3.10 -5.93
N GLU A 445 -51.31 -4.36 -6.22
CA GLU A 445 -51.48 -5.39 -5.21
C GLU A 445 -50.53 -5.16 -4.05
N LEU A 446 -49.24 -5.01 -4.35
CA LEU A 446 -48.21 -4.97 -3.29
C LEU A 446 -48.53 -3.93 -2.24
N ILE A 447 -48.84 -2.70 -2.66
CA ILE A 447 -49.19 -1.66 -1.71
C ILE A 447 -50.37 -2.10 -0.86
N THR A 448 -51.49 -2.42 -1.52
CA THR A 448 -52.72 -2.70 -0.79
C THR A 448 -52.77 -4.11 -0.23
N GLY A 449 -52.15 -5.05 -0.94
CA GLY A 449 -52.17 -6.44 -0.52
C GLY A 449 -53.49 -7.09 -0.92
N LYS A 450 -54.31 -6.35 -1.66
CA LYS A 450 -55.61 -6.82 -2.12
C LYS A 450 -55.69 -6.73 -3.64
N VAL A 451 -56.13 -7.80 -4.28
CA VAL A 451 -56.25 -7.82 -5.73
C VAL A 451 -57.30 -6.81 -6.21
N PRO A 452 -57.05 -6.19 -7.37
CA PRO A 452 -57.95 -5.18 -7.94
C PRO A 452 -59.34 -5.76 -8.18
N PHE A 453 -60.36 -4.96 -7.83
CA PHE A 453 -61.82 -5.18 -7.94
C PHE A 453 -62.37 -6.02 -6.78
N GLU A 454 -63.67 -5.91 -6.53
CA GLU A 454 -64.27 -6.67 -5.45
C GLU A 454 -64.19 -8.17 -5.70
N MET A 463 -67.28 -5.09 -16.03
CA MET A 463 -66.14 -4.47 -15.37
C MET A 463 -65.03 -4.20 -16.39
N THR A 464 -64.83 -5.13 -17.32
CA THR A 464 -63.83 -5.02 -18.38
C THR A 464 -64.12 -3.82 -19.27
N ILE A 465 -65.39 -3.57 -19.55
CA ILE A 465 -65.81 -2.44 -20.37
C ILE A 465 -65.41 -1.12 -19.72
N ASN A 466 -65.54 -1.05 -18.39
CA ASN A 466 -65.16 0.13 -17.61
C ASN A 466 -63.66 0.41 -17.73
N ILE A 467 -62.85 -0.65 -17.77
CA ILE A 467 -61.41 -0.53 -17.91
C ILE A 467 -61.04 0.18 -19.21
N ARG A 468 -61.75 -0.11 -20.29
CA ARG A 468 -61.48 0.58 -21.56
C ARG A 468 -61.79 2.08 -21.38
N MET A 469 -62.90 2.36 -20.70
CA MET A 469 -63.30 3.74 -20.41
C MET A 469 -62.21 4.46 -19.61
N GLY A 470 -61.55 3.73 -18.71
CA GLY A 470 -60.48 4.28 -17.90
C GLY A 470 -60.71 4.35 -16.40
N GLU A 471 -61.87 3.90 -15.93
CA GLU A 471 -62.13 3.90 -14.50
C GLU A 471 -61.16 2.89 -13.88
N ARG A 472 -60.57 3.24 -12.74
CA ARG A 472 -59.61 2.35 -12.08
C ARG A 472 -59.87 2.17 -10.60
N PRO A 473 -59.50 0.99 -10.05
CA PRO A 473 -59.66 0.73 -8.63
C PRO A 473 -58.83 1.70 -7.80
N LEU A 474 -59.34 2.01 -6.61
CA LEU A 474 -58.67 2.99 -5.75
C LEU A 474 -58.15 2.42 -4.45
N PHE A 475 -56.90 2.76 -4.16
CA PHE A 475 -56.24 2.32 -2.95
C PHE A 475 -56.80 3.03 -1.73
N PRO A 476 -56.66 2.40 -0.55
CA PRO A 476 -57.15 2.86 0.75
C PRO A 476 -56.39 4.05 1.31
N PHE A 477 -57.00 4.69 2.30
CA PHE A 477 -56.46 5.87 2.98
C PHE A 477 -55.12 5.60 3.67
N PRO A 478 -54.96 4.40 4.25
CA PRO A 478 -53.71 4.02 4.93
C PRO A 478 -52.48 4.08 4.02
N SER A 479 -52.62 3.76 2.73
CA SER A 479 -51.49 3.81 1.81
C SER A 479 -50.90 5.22 1.79
N PRO A 480 -49.56 5.31 1.75
CA PRO A 480 -48.78 6.55 1.82
C PRO A 480 -48.88 7.35 0.52
N LYS A 481 -48.61 8.64 0.63
CA LYS A 481 -48.68 9.55 -0.51
C LYS A 481 -47.69 9.30 -1.65
N THR A 482 -46.45 8.99 -1.32
CA THR A 482 -45.42 8.80 -2.34
C THR A 482 -45.68 7.66 -3.32
N LEU A 483 -46.09 6.51 -2.81
CA LEU A 483 -46.36 5.36 -3.67
C LEU A 483 -47.56 5.56 -4.59
N VAL A 484 -48.61 6.17 -4.05
CA VAL A 484 -49.84 6.39 -4.80
C VAL A 484 -49.69 7.29 -6.02
N SER A 485 -48.90 8.35 -5.90
CA SER A 485 -48.73 9.25 -7.02
C SER A 485 -48.09 8.58 -8.23
N LEU A 486 -47.06 7.78 -7.99
CA LEU A 486 -46.37 7.11 -9.09
C LEU A 486 -47.22 6.10 -9.85
N ILE A 487 -47.97 5.27 -9.14
CA ILE A 487 -48.81 4.29 -9.79
C ILE A 487 -49.94 4.90 -10.61
N LYS A 488 -50.55 5.95 -10.07
CA LYS A 488 -51.66 6.60 -10.76
C LYS A 488 -51.26 7.21 -12.09
N ARG A 489 -50.09 7.85 -12.13
CA ARG A 489 -49.64 8.46 -13.38
C ARG A 489 -49.46 7.41 -14.46
N CYS A 490 -48.90 6.27 -14.10
CA CYS A 490 -48.75 5.19 -15.04
C CYS A 490 -50.15 4.72 -15.42
N TRP A 491 -51.04 4.74 -14.43
CA TRP A 491 -52.42 4.27 -14.59
C TRP A 491 -53.21 4.92 -15.74
N HIS A 492 -52.83 6.12 -16.16
CA HIS A 492 -53.56 6.82 -17.22
C HIS A 492 -53.66 6.01 -18.50
N SER A 493 -54.81 6.14 -19.16
CA SER A 493 -55.16 5.38 -20.36
C SER A 493 -54.27 5.55 -21.59
N GLU A 494 -53.82 6.76 -21.89
CA GLU A 494 -52.98 6.92 -23.07
C GLU A 494 -51.72 6.11 -22.90
N PRO A 495 -51.34 5.34 -23.93
CA PRO A 495 -50.13 4.52 -23.76
C PRO A 495 -48.85 5.33 -23.83
N SER A 496 -48.85 6.46 -24.56
CA SER A 496 -47.64 7.26 -24.65
C SER A 496 -47.39 8.04 -23.37
N GLN A 497 -48.46 8.51 -22.72
CA GLN A 497 -48.28 9.28 -21.50
C GLN A 497 -47.90 8.42 -20.31
N ARG A 498 -47.78 7.11 -20.48
CA ARG A 498 -47.25 6.41 -19.31
C ARG A 498 -45.74 6.22 -19.46
N PRO A 499 -45.01 6.41 -18.37
CA PRO A 499 -43.55 6.54 -18.49
C PRO A 499 -42.86 5.22 -18.71
N ASN A 500 -41.73 5.28 -19.41
CA ASN A 500 -40.94 4.10 -19.65
C ASN A 500 -40.23 3.67 -18.36
N PHE A 501 -39.60 2.50 -18.41
CA PHE A 501 -38.96 1.94 -17.22
C PHE A 501 -37.81 2.82 -16.75
N SER A 502 -36.92 3.19 -17.67
CA SER A 502 -35.86 4.14 -17.32
C SER A 502 -36.43 5.36 -16.62
N SER A 503 -37.57 5.84 -17.10
CA SER A 503 -38.22 6.98 -16.49
C SER A 503 -38.91 6.63 -15.18
N ILE A 504 -39.00 5.35 -14.84
CA ILE A 504 -39.65 4.96 -13.59
C ILE A 504 -38.72 4.22 -12.64
N CYS A 505 -37.62 3.63 -13.11
CA CYS A 505 -36.71 2.97 -12.18
C CYS A 505 -36.05 4.00 -11.28
N ARG A 506 -35.34 4.95 -11.87
CA ARG A 506 -34.53 5.88 -11.08
C ARG A 506 -35.37 6.61 -10.05
N ILE A 507 -36.60 6.98 -10.39
CA ILE A 507 -37.42 7.72 -9.44
C ILE A 507 -37.77 6.84 -8.25
N LEU A 508 -37.97 5.54 -8.46
CA LEU A 508 -38.17 4.64 -7.34
C LEU A 508 -36.95 4.65 -6.42
N ARG A 509 -35.76 4.45 -7.00
CA ARG A 509 -34.56 4.42 -6.18
C ARG A 509 -34.34 5.73 -5.45
N TYR A 510 -34.84 6.83 -6.01
CA TYR A 510 -34.79 8.08 -5.27
C TYR A 510 -35.64 8.01 -4.01
N ILE A 511 -36.82 7.39 -4.11
CA ILE A 511 -37.64 7.19 -2.91
C ILE A 511 -36.88 6.36 -1.90
N LYS A 512 -36.13 5.37 -2.37
CA LYS A 512 -35.32 4.55 -1.49
C LYS A 512 -34.36 5.42 -0.70
N LYS A 513 -33.59 6.26 -1.39
CA LYS A 513 -32.63 7.13 -0.73
C LYS A 513 -33.33 8.04 0.28
N PHE A 514 -34.50 8.58 -0.09
CA PHE A 514 -35.21 9.45 0.83
C PHE A 514 -35.64 8.70 2.08
N LEU A 515 -36.15 7.48 1.91
CA LEU A 515 -36.56 6.69 3.06
C LEU A 515 -35.39 6.36 3.95
N VAL A 516 -34.30 5.85 3.36
CA VAL A 516 -33.11 5.52 4.14
C VAL A 516 -32.60 6.75 4.87
N VAL A 517 -32.81 7.93 4.31
CA VAL A 517 -32.35 9.15 4.96
C VAL A 517 -33.26 9.52 6.13
N ASN A 518 -34.52 9.16 6.02
CA ASN A 518 -35.49 9.46 7.08
C ASN A 518 -36.21 8.23 7.58
N PRO A 519 -35.72 7.65 8.69
CA PRO A 519 -36.35 6.45 9.25
C PRO A 519 -37.78 6.77 9.68
N ASP A 520 -37.96 7.93 10.29
CA ASP A 520 -39.29 8.36 10.72
C ASP A 520 -40.13 8.62 9.48
N HIS A 521 -41.41 8.26 9.57
CA HIS A 521 -42.35 8.45 8.46
C HIS A 521 -41.82 7.93 7.14
N THR A 528 -42.88 14.48 5.98
CA THR A 528 -43.48 14.60 4.67
C THR A 528 -42.50 14.25 3.55
N PRO A 529 -42.98 13.60 2.50
CA PRO A 529 -42.18 13.48 1.28
C PRO A 529 -41.90 14.87 0.71
N LEU A 530 -40.83 14.95 -0.08
CA LEU A 530 -40.44 16.23 -0.64
C LEU A 530 -41.53 16.79 -1.54
N VAL A 531 -41.83 16.09 -2.63
CA VAL A 531 -42.88 16.49 -3.57
C VAL A 531 -43.36 15.23 -4.28
N ASP A 532 -44.34 15.39 -5.16
CA ASP A 532 -44.75 14.24 -5.92
C ASP A 532 -43.47 13.94 -6.69
N CYS A 533 -43.08 12.68 -6.70
CA CYS A 533 -41.84 12.26 -7.36
C CYS A 533 -41.79 12.44 -8.88
N TRP A 534 -42.95 12.28 -9.51
CA TRP A 534 -43.07 12.36 -10.96
C TRP A 534 -42.64 13.69 -11.55
N ASP A 535 -42.97 14.78 -10.88
CA ASP A 535 -42.60 16.10 -11.38
C ASP A 535 -41.09 16.27 -11.50
N LEU A 536 -40.36 15.78 -10.51
CA LEU A 536 -38.91 15.89 -10.50
C LEU A 536 -38.24 15.14 -11.65
N GLU A 537 -38.75 13.94 -11.94
CA GLU A 537 -38.16 13.11 -12.99
C GLU A 537 -38.25 13.78 -14.36
N ALA A 538 -39.38 14.43 -14.63
CA ALA A 538 -39.59 15.09 -15.91
C ALA A 538 -38.45 16.04 -16.23
N ARG A 539 -37.94 16.71 -15.20
CA ARG A 539 -36.85 17.68 -15.37
C ARG A 539 -35.60 16.96 -15.89
N PHE A 540 -35.23 15.89 -15.20
CA PHE A 540 -34.07 15.10 -15.60
C PHE A 540 -34.34 14.47 -16.95
N LEU A 541 -35.57 14.00 -17.11
CA LEU A 541 -36.02 13.44 -18.37
C LEU A 541 -36.10 14.50 -19.47
N ARG A 542 -36.53 15.69 -19.09
CA ARG A 542 -36.78 16.79 -20.03
C ARG A 542 -35.67 17.33 -20.94
N LYS A 543 -34.46 17.55 -20.41
CA LYS A 543 -33.39 18.08 -21.28
C LYS A 543 -32.23 17.12 -21.38
N PHE A 544 -31.63 16.86 -20.22
CA PHE A 544 -30.52 15.93 -20.08
C PHE A 544 -30.71 14.66 -20.88
N PRO A 545 -31.95 14.13 -20.86
CA PRO A 545 -32.26 12.87 -21.56
C PRO A 545 -32.07 12.99 -23.06
N GLY A 546 -31.56 11.93 -23.68
CA GLY A 546 -31.33 11.92 -25.11
C GLY A 546 -30.16 11.03 -25.49
N SER A 550 -30.78 7.47 -24.55
CA SER A 550 -30.58 6.42 -23.54
C SER A 550 -31.57 5.30 -23.78
N HIS A 551 -31.13 4.26 -24.50
CA HIS A 551 -31.90 3.03 -24.64
C HIS A 551 -31.71 2.11 -23.45
N THR A 552 -30.48 2.01 -22.96
CA THR A 552 -30.16 1.25 -21.76
C THR A 552 -29.28 2.09 -20.85
N ALA A 553 -29.36 1.83 -19.55
CA ALA A 553 -28.56 2.52 -18.55
C ALA A 553 -27.83 1.51 -17.69
N SER A 554 -26.59 1.82 -17.36
CA SER A 554 -25.75 0.96 -16.55
C SER A 554 -25.57 1.58 -15.17
N VAL A 555 -24.95 0.81 -14.28
CA VAL A 555 -24.86 1.19 -12.88
C VAL A 555 -24.03 2.44 -12.67
N ASN A 556 -23.16 2.79 -13.61
CA ASN A 556 -22.29 3.94 -13.40
C ASN A 556 -23.07 5.24 -13.22
N GLN A 557 -24.23 5.31 -13.86
CA GLN A 557 -25.09 6.50 -13.86
C GLN A 557 -25.81 6.79 -12.54
N ILE A 558 -25.82 5.81 -11.65
CA ILE A 558 -26.55 5.96 -10.39
C ILE A 558 -26.12 7.09 -9.47
N PRO A 559 -24.81 7.33 -9.33
CA PRO A 559 -24.45 8.43 -8.45
C PRO A 559 -24.99 9.77 -8.97
N PHE A 560 -24.87 9.96 -10.29
CA PHE A 560 -25.34 11.17 -10.96
C PHE A 560 -26.85 11.30 -10.84
N GLN A 561 -27.57 10.24 -11.19
CA GLN A 561 -29.02 10.30 -11.17
C GLN A 561 -29.56 10.61 -9.78
N LEU A 562 -28.96 10.00 -8.77
CA LEU A 562 -29.37 10.24 -7.40
C LEU A 562 -29.13 11.70 -6.99
N THR A 563 -28.00 12.27 -7.42
CA THR A 563 -27.65 13.62 -7.07
C THR A 563 -28.55 14.62 -7.79
N SER A 564 -28.83 14.37 -9.06
CA SER A 564 -29.54 15.32 -9.87
C SER A 564 -30.87 15.68 -9.23
N TYR A 565 -31.55 14.70 -8.65
CA TYR A 565 -32.81 14.99 -7.98
C TYR A 565 -32.56 15.91 -6.78
N ARG A 566 -31.47 15.68 -6.04
CA ARG A 566 -31.15 16.52 -4.90
C ARG A 566 -30.93 17.94 -5.39
N VAL A 567 -30.24 18.07 -6.51
CA VAL A 567 -30.02 19.39 -7.12
C VAL A 567 -31.32 19.93 -7.68
N LEU A 568 -31.97 19.14 -8.52
CA LEU A 568 -33.23 19.55 -9.14
C LEU A 568 -34.29 19.92 -8.12
N GLU A 569 -34.38 19.15 -7.05
CA GLU A 569 -35.39 19.41 -6.02
C GLU A 569 -35.19 20.78 -5.36
N LYS A 570 -33.94 21.18 -5.14
CA LYS A 570 -33.68 22.47 -4.51
C LYS A 570 -34.20 23.62 -5.37
N GLU A 571 -34.01 23.50 -6.68
CA GLU A 571 -34.45 24.53 -7.60
C GLU A 571 -35.97 24.70 -7.56
N LYS A 572 -36.68 23.59 -7.47
CA LYS A 572 -38.15 23.59 -7.43
C LYS A 572 -38.75 24.43 -8.54
N ALA B 1 11.69 20.37 -22.32
CA ALA B 1 10.36 19.90 -22.67
C ALA B 1 9.52 19.69 -21.41
N ALA B 2 8.23 19.99 -21.50
CA ALA B 2 7.37 19.97 -20.33
C ALA B 2 7.28 18.57 -19.72
N MET B 3 6.70 17.63 -20.47
CA MET B 3 6.56 16.28 -19.96
C MET B 3 7.91 15.68 -19.59
N GLU B 4 8.94 15.99 -20.38
CA GLU B 4 10.27 15.50 -20.07
C GLU B 4 10.71 15.95 -18.68
N GLN B 5 10.38 17.19 -18.32
CA GLN B 5 10.72 17.67 -16.98
C GLN B 5 10.10 16.80 -15.91
N PHE B 6 8.87 16.32 -16.15
CA PHE B 6 8.23 15.43 -15.20
C PHE B 6 9.02 14.16 -15.01
N ARG B 7 9.44 13.54 -16.12
CA ARG B 7 10.30 12.37 -16.03
C ARG B 7 11.52 12.65 -15.19
N GLN B 8 12.01 13.88 -15.20
CA GLN B 8 13.14 14.23 -14.33
C GLN B 8 12.73 14.16 -12.86
N ILE B 9 11.51 14.60 -12.54
CA ILE B 9 11.01 14.42 -11.18
C ILE B 9 11.00 12.96 -10.82
N GLY B 10 10.54 12.11 -11.74
CA GLY B 10 10.56 10.69 -11.50
C GLY B 10 11.96 10.18 -11.20
N GLU B 11 12.93 10.61 -12.01
CA GLU B 11 14.31 10.16 -11.82
C GLU B 11 14.83 10.57 -10.45
N VAL B 12 14.63 11.83 -10.08
CA VAL B 12 15.15 12.31 -8.81
C VAL B 12 14.50 11.58 -7.66
N LEU B 13 13.18 11.41 -7.72
CA LEU B 13 12.48 10.77 -6.62
C LEU B 13 12.89 9.31 -6.50
N GLY B 14 13.09 8.64 -7.62
CA GLY B 14 13.62 7.29 -7.58
C GLY B 14 14.98 7.23 -6.94
N SER B 15 15.84 8.19 -7.27
CA SER B 15 17.15 8.26 -6.64
C SER B 15 17.00 8.37 -5.13
N LEU B 16 16.16 9.29 -4.68
CA LEU B 16 15.94 9.48 -3.25
C LEU B 16 15.46 8.18 -2.61
N ASN B 17 14.49 7.53 -3.23
CA ASN B 17 13.92 6.32 -2.64
C ASN B 17 14.93 5.20 -2.57
N ALA B 18 15.78 5.09 -3.60
CA ALA B 18 16.80 4.06 -3.59
C ALA B 18 17.79 4.31 -2.46
N LEU B 19 18.22 5.55 -2.29
CA LEU B 19 19.13 5.86 -1.19
C LEU B 19 18.46 5.56 0.15
N MET B 20 17.17 5.89 0.27
CA MET B 20 16.50 5.79 1.55
C MET B 20 16.13 4.36 1.93
N VAL B 21 15.94 3.46 0.97
CA VAL B 21 15.51 2.12 1.31
C VAL B 21 16.56 1.40 2.15
N LEU B 22 17.79 1.90 2.16
CA LEU B 22 18.84 1.35 3.01
C LEU B 22 19.01 2.27 4.22
N GLN B 23 17.98 2.26 5.06
CA GLN B 23 17.74 3.37 5.98
C GLN B 23 18.45 3.23 7.32
N ASP B 24 18.32 2.07 7.97
CA ASP B 24 18.65 1.96 9.39
C ASP B 24 20.10 2.26 9.71
N ASP B 25 20.96 2.45 8.70
CA ASP B 25 22.36 2.74 8.99
C ASP B 25 22.55 4.17 9.49
N ILE B 26 21.55 5.03 9.31
CA ILE B 26 21.69 6.42 9.73
C ILE B 26 21.56 6.52 11.24
N LEU B 27 22.40 7.35 11.83
CA LEU B 27 22.40 7.53 13.27
C LEU B 27 22.07 8.96 13.69
N ILE B 28 21.63 9.80 12.77
CA ILE B 28 21.22 11.17 13.08
C ILE B 28 19.79 11.42 12.66
N ASN B 29 19.51 11.34 11.37
CA ASN B 29 18.17 11.31 10.82
C ASN B 29 17.76 9.85 10.62
N GLN B 30 16.83 9.60 9.71
CA GLN B 30 15.95 8.44 9.55
C GLN B 30 14.68 8.64 10.38
N ARG B 31 14.55 9.76 11.07
CA ARG B 31 13.25 10.27 11.44
C ARG B 31 12.99 11.65 10.87
N GLN B 32 14.02 12.37 10.44
CA GLN B 32 13.83 13.61 9.71
C GLN B 32 13.74 13.35 8.21
N CYS B 33 14.78 12.73 7.66
CA CYS B 33 14.81 12.43 6.23
C CYS B 33 13.64 11.53 5.82
N CYS B 34 13.16 10.68 6.72
CA CYS B 34 11.98 9.90 6.41
C CYS B 34 10.78 10.79 6.14
N LEU B 35 10.63 11.85 6.93
CA LEU B 35 9.61 12.84 6.64
C LEU B 35 9.80 13.41 5.24
N LEU B 36 11.05 13.66 4.86
CA LEU B 36 11.31 14.17 3.51
C LEU B 36 10.83 13.19 2.47
N LEU B 37 11.16 11.92 2.63
CA LEU B 37 10.75 10.92 1.65
C LEU B 37 9.23 10.86 1.55
N GLU B 38 8.56 10.84 2.69
CA GLU B 38 7.10 10.76 2.66
C GLU B 38 6.49 11.99 1.98
N LEU B 39 6.95 13.18 2.36
CA LEU B 39 6.41 14.39 1.77
C LEU B 39 6.66 14.44 0.28
N PHE B 40 7.86 14.06 -0.15
CA PHE B 40 8.18 14.15 -1.57
C PHE B 40 7.36 13.13 -2.36
N SER B 41 7.21 11.92 -1.83
CA SER B 41 6.36 10.95 -2.50
C SER B 41 4.94 11.45 -2.60
N LEU B 42 4.43 12.08 -1.55
CA LEU B 42 3.07 12.61 -1.58
C LEU B 42 2.95 13.71 -2.63
N ALA B 43 3.94 14.59 -2.69
CA ALA B 43 3.91 15.68 -3.65
C ALA B 43 3.90 15.15 -5.07
N PHE B 44 4.81 14.22 -5.36
CA PHE B 44 4.86 13.64 -6.70
C PHE B 44 3.56 12.95 -7.04
N ASN B 45 3.04 12.14 -6.11
CA ASN B 45 1.82 11.41 -6.38
C ASN B 45 0.65 12.34 -6.63
N THR B 46 0.56 13.43 -5.87
CA THR B 46 -0.60 14.30 -6.02
C THR B 46 -0.49 15.16 -7.27
N VAL B 47 0.71 15.60 -7.66
CA VAL B 47 0.80 16.34 -8.91
C VAL B 47 0.53 15.41 -10.08
N ALA B 48 0.98 14.15 -9.99
CA ALA B 48 0.68 13.18 -11.04
C ALA B 48 -0.82 12.95 -11.13
N GLU B 49 -1.48 12.79 -9.97
CA GLU B 49 -2.91 12.54 -9.97
C GLU B 49 -3.66 13.70 -10.59
N GLU B 50 -3.34 14.92 -10.19
CA GLU B 50 -4.09 16.06 -10.70
C GLU B 50 -3.80 16.28 -12.18
N ILE B 51 -2.59 15.95 -12.63
CA ILE B 51 -2.31 15.96 -14.06
C ILE B 51 -3.22 14.97 -14.78
N ARG B 52 -3.22 13.73 -14.32
CA ARG B 52 -4.02 12.69 -14.95
C ARG B 52 -5.50 13.05 -14.97
N GLN B 53 -5.96 13.79 -13.96
CA GLN B 53 -7.37 14.11 -13.87
C GLN B 53 -7.76 15.33 -14.69
N ASN B 54 -6.88 16.32 -14.81
CA ASN B 54 -7.25 17.58 -15.44
C ASN B 54 -6.54 17.87 -16.74
N LEU B 55 -5.63 17.00 -17.20
CA LEU B 55 -5.03 17.16 -18.51
C LEU B 55 -5.49 16.02 -19.42
N LYS B 56 -4.98 16.02 -20.65
CA LYS B 56 -5.19 14.93 -21.58
C LYS B 56 -3.84 14.60 -22.20
N LEU B 57 -3.47 13.33 -22.16
CA LEU B 57 -2.08 12.94 -22.31
C LEU B 57 -1.63 12.83 -23.75
N GLU B 58 -2.34 13.44 -24.69
CA GLU B 58 -1.93 13.42 -26.09
C GLU B 58 -1.18 14.68 -26.51
N GLU B 59 -1.63 15.85 -26.07
CA GLU B 59 -0.99 17.09 -26.46
C GLU B 59 0.29 17.30 -25.66
N LYS B 60 1.21 16.34 -25.76
CA LYS B 60 2.42 16.35 -24.95
C LYS B 60 3.37 17.48 -25.34
N HIS B 61 3.23 18.04 -26.54
CA HIS B 61 4.16 19.06 -27.02
C HIS B 61 3.49 20.36 -27.43
N THR B 62 2.18 20.47 -27.26
CA THR B 62 1.46 21.64 -27.75
C THR B 62 0.85 22.47 -26.62
N LYS B 63 0.04 21.85 -25.76
CA LYS B 63 -0.72 22.59 -24.77
C LYS B 63 -0.30 22.28 -23.35
N TRP B 64 0.95 21.85 -23.15
CA TRP B 64 1.54 21.76 -21.83
C TRP B 64 2.66 22.75 -21.64
N ARG B 65 3.03 23.49 -22.70
CA ARG B 65 4.17 24.40 -22.67
C ARG B 65 4.20 25.29 -21.45
N ALA B 66 3.04 25.59 -20.87
CA ALA B 66 3.01 26.44 -19.69
C ALA B 66 3.60 25.75 -18.46
N LEU B 67 3.72 24.43 -18.47
CA LEU B 67 4.18 23.70 -17.30
C LEU B 67 5.68 23.75 -17.08
N GLU B 68 6.45 24.27 -18.02
CA GLU B 68 7.90 24.10 -17.99
C GLU B 68 8.54 24.67 -16.73
N GLN B 69 8.47 25.99 -16.55
CA GLN B 69 9.20 26.62 -15.46
C GLN B 69 8.82 26.09 -14.09
N PRO B 70 7.55 25.93 -13.73
CA PRO B 70 7.24 25.44 -12.38
C PRO B 70 7.80 24.06 -12.14
N LEU B 71 7.64 23.14 -13.09
CA LEU B 71 8.16 21.81 -12.89
C LEU B 71 9.68 21.80 -12.86
N ARG B 72 10.32 22.72 -13.57
CA ARG B 72 11.77 22.81 -13.49
C ARG B 72 12.22 23.25 -12.10
N GLU B 73 11.56 24.27 -11.57
CA GLU B 73 11.87 24.66 -10.20
C GLU B 73 11.61 23.51 -9.24
N LEU B 74 10.59 22.71 -9.53
CA LEU B 74 10.31 21.57 -8.68
C LEU B 74 11.44 20.55 -8.72
N THR B 75 11.98 20.27 -9.91
CA THR B 75 13.10 19.34 -9.95
C THR B 75 14.28 19.94 -9.21
N ARG B 76 14.41 21.25 -9.21
CA ARG B 76 15.48 21.87 -8.42
C ARG B 76 15.32 21.54 -6.94
N VAL B 77 14.14 21.81 -6.39
CA VAL B 77 13.97 21.62 -4.95
C VAL B 77 14.06 20.14 -4.59
N PHE B 78 13.53 19.28 -5.44
CA PHE B 78 13.67 17.85 -5.18
C PHE B 78 15.14 17.45 -5.16
N LYS B 79 15.91 17.98 -6.10
CA LYS B 79 17.33 17.68 -6.16
C LYS B 79 18.03 18.19 -4.91
N GLU B 80 17.63 19.37 -4.46
CA GLU B 80 18.23 19.98 -3.28
C GLU B 80 18.00 19.10 -2.05
N GLY B 81 16.79 18.57 -1.95
CA GLY B 81 16.41 17.70 -0.85
C GLY B 81 17.15 16.39 -0.88
N GLU B 82 17.27 15.79 -2.06
CA GLU B 82 18.02 14.55 -2.18
C GLU B 82 19.46 14.76 -1.76
N LEU B 83 20.05 15.89 -2.13
CA LEU B 83 21.45 16.14 -1.78
C LEU B 83 21.62 16.32 -0.28
N TYR B 84 20.63 16.94 0.37
CA TYR B 84 20.67 17.00 1.83
C TYR B 84 20.63 15.59 2.42
N VAL B 85 19.73 14.76 1.92
CA VAL B 85 19.66 13.39 2.41
C VAL B 85 20.99 12.69 2.21
N LYS B 86 21.64 12.98 1.09
CA LYS B 86 22.96 12.40 0.84
C LYS B 86 23.95 12.84 1.91
N HIS B 87 24.09 14.15 2.10
CA HIS B 87 25.03 14.66 3.08
C HIS B 87 24.76 14.10 4.46
N CYS B 88 23.49 13.81 4.75
CA CYS B 88 23.18 13.19 6.03
C CYS B 88 23.50 11.69 6.02
N MET B 89 23.55 11.07 4.84
CA MET B 89 23.87 9.66 4.75
C MET B 89 25.37 9.39 4.64
N ASP B 90 26.18 10.43 4.48
CA ASP B 90 27.61 10.24 4.30
C ASP B 90 28.22 9.57 5.52
N ASN B 91 29.28 8.81 5.28
CA ASN B 91 30.07 8.20 6.36
C ASN B 91 31.38 8.98 6.54
N SER B 92 31.27 10.13 7.20
CA SER B 92 32.42 11.01 7.39
C SER B 92 32.42 11.55 8.81
N ASP B 93 33.30 11.02 9.65
CA ASP B 93 33.57 11.57 10.98
C ASP B 93 32.30 11.66 11.81
N TRP B 94 31.77 10.47 12.12
CA TRP B 94 30.50 10.33 12.81
C TRP B 94 30.34 11.30 13.97
N TRP B 95 31.43 11.57 14.70
CA TRP B 95 31.35 12.46 15.84
C TRP B 95 31.20 13.91 15.38
N GLY B 96 32.12 14.37 14.55
CA GLY B 96 31.94 15.66 13.92
C GLY B 96 30.64 15.74 13.15
N LYS B 97 30.21 14.63 12.58
CA LYS B 97 28.90 14.60 11.91
C LYS B 97 27.79 14.89 12.90
N VAL B 98 27.85 14.28 14.09
CA VAL B 98 26.84 14.55 15.10
C VAL B 98 26.84 16.02 15.47
N ILE B 99 28.03 16.58 15.69
CA ILE B 99 28.10 17.98 16.10
C ILE B 99 27.52 18.88 15.02
N ASN B 100 28.04 18.77 13.79
CA ASN B 100 27.58 19.63 12.71
C ASN B 100 26.10 19.41 12.42
N LEU B 101 25.63 18.18 12.55
CA LEU B 101 24.26 17.81 12.23
C LEU B 101 23.33 18.21 13.37
N HIS B 102 22.13 17.68 13.35
CA HIS B 102 21.05 18.27 14.12
C HIS B 102 21.27 18.07 15.61
N GLN B 103 21.93 19.03 16.23
CA GLN B 103 21.44 19.53 17.50
C GLN B 103 20.51 20.70 17.24
N ASN B 104 20.85 21.49 16.22
CA ASN B 104 20.10 22.69 15.85
C ASN B 104 20.02 22.83 14.33
N LYS B 105 19.67 21.76 13.61
CA LYS B 105 19.80 21.81 12.15
C LYS B 105 18.58 22.40 11.43
N ASP B 106 17.44 21.71 11.51
CA ASP B 106 16.19 22.11 10.85
C ASP B 106 16.32 22.22 9.33
N CYS B 107 17.32 21.58 8.73
CA CYS B 107 17.41 21.61 7.27
C CYS B 107 16.20 20.93 6.63
N VAL B 108 15.62 19.95 7.31
CA VAL B 108 14.42 19.30 6.79
C VAL B 108 13.28 20.31 6.66
N GLU B 109 13.06 21.14 7.69
CA GLU B 109 11.98 22.11 7.59
C GLU B 109 12.32 23.17 6.56
N PHE B 110 13.59 23.54 6.43
CA PHE B 110 13.96 24.51 5.39
C PHE B 110 13.65 23.98 3.99
N HIS B 111 14.00 22.72 3.74
CA HIS B 111 13.71 22.11 2.45
C HIS B 111 12.22 22.06 2.19
N ILE B 112 11.45 21.54 3.15
CA ILE B 112 10.01 21.51 2.93
C ILE B 112 9.46 22.91 2.80
N HIS B 113 10.15 23.90 3.37
CA HIS B 113 9.73 25.29 3.21
C HIS B 113 9.82 25.71 1.76
N ASN B 114 10.96 25.47 1.13
CA ASN B 114 11.04 25.76 -0.30
C ASN B 114 10.02 24.94 -1.09
N LEU B 115 9.83 23.68 -0.71
CA LEU B 115 8.88 22.83 -1.42
C LEU B 115 7.48 23.44 -1.37
N PHE B 116 7.07 23.93 -0.21
CA PHE B 116 5.78 24.58 -0.11
C PHE B 116 5.75 25.87 -0.92
N CYS B 117 6.78 26.71 -0.76
CA CYS B 117 6.80 27.97 -1.48
C CYS B 117 6.72 27.80 -2.98
N TYR B 118 7.08 26.64 -3.51
CA TYR B 118 6.98 26.44 -4.94
C TYR B 118 5.87 25.51 -5.38
N PHE B 119 5.32 24.69 -4.47
CA PHE B 119 4.27 23.76 -4.87
C PHE B 119 3.02 24.51 -5.30
N SER B 120 2.82 25.70 -4.76
CA SER B 120 1.66 26.50 -5.13
C SER B 120 1.72 26.87 -6.60
N ALA B 121 2.76 26.40 -7.29
CA ALA B 121 2.70 26.27 -8.74
C ALA B 121 2.00 24.96 -9.10
N VAL B 122 0.86 24.76 -8.44
CA VAL B 122 -0.14 23.79 -8.85
C VAL B 122 -1.11 24.57 -9.73
N VAL B 123 -1.09 25.89 -9.58
CA VAL B 123 -1.85 26.81 -10.41
C VAL B 123 -1.53 26.53 -11.87
N GLU B 124 -0.32 26.03 -12.14
CA GLU B 124 -0.02 25.61 -13.50
C GLU B 124 -0.88 24.43 -13.91
N ALA B 125 -0.91 23.40 -13.07
CA ALA B 125 -1.70 22.21 -13.37
C ALA B 125 -3.13 22.60 -13.71
N ILE B 126 -3.50 23.82 -13.37
CA ILE B 126 -4.84 24.32 -13.64
C ILE B 126 -4.94 24.98 -15.00
N GLU B 127 -3.81 25.07 -15.70
CA GLU B 127 -3.76 25.69 -17.02
C GLU B 127 -4.06 24.70 -18.14
N ALA B 128 -4.28 23.44 -17.78
CA ALA B 128 -4.59 22.40 -18.77
C ALA B 128 -5.89 22.70 -19.51
N ALA B 129 -6.88 23.21 -18.79
CA ALA B 129 -8.16 23.53 -19.40
C ALA B 129 -8.01 24.59 -20.47
N GLY B 130 -7.18 25.60 -20.19
CA GLY B 130 -6.96 26.68 -21.13
C GLY B 130 -6.00 26.28 -22.24
N LEU B 135 -10.61 19.96 -28.48
CA LEU B 135 -11.41 18.92 -27.87
C LEU B 135 -12.84 19.41 -27.60
N ASP B 136 -13.09 19.82 -26.36
CA ASP B 136 -14.41 20.31 -25.99
C ASP B 136 -14.37 21.81 -25.76
N PRO B 137 -15.28 22.55 -26.43
CA PRO B 137 -15.37 24.00 -26.33
C PRO B 137 -16.21 24.44 -25.15
N SER B 138 -17.25 23.68 -24.83
CA SER B 138 -18.12 24.02 -23.71
C SER B 138 -17.43 23.70 -22.39
N GLU B 139 -16.65 22.63 -22.39
CA GLU B 139 -16.00 22.19 -21.17
C GLU B 139 -15.03 23.22 -20.61
N MET B 140 -14.30 23.90 -21.49
CA MET B 140 -13.29 24.84 -21.04
C MET B 140 -13.91 25.86 -20.08
N GLU B 141 -15.12 26.30 -20.40
CA GLU B 141 -15.85 27.25 -19.58
C GLU B 141 -16.16 26.64 -18.22
N ARG B 142 -16.54 25.36 -18.20
CA ARG B 142 -16.85 24.68 -16.95
C ARG B 142 -15.64 24.71 -16.02
N ARG B 143 -14.47 24.32 -16.54
CA ARG B 143 -13.28 24.33 -15.71
C ARG B 143 -12.94 25.74 -15.24
N ARG B 144 -13.08 26.73 -16.13
CA ARG B 144 -12.78 28.10 -15.75
C ARG B 144 -13.65 28.53 -14.57
N VAL B 145 -14.95 28.28 -14.66
CA VAL B 145 -15.83 28.75 -13.59
C VAL B 145 -15.63 27.93 -12.34
N VAL B 146 -15.28 26.65 -12.48
CA VAL B 146 -14.97 25.84 -11.30
C VAL B 146 -13.81 26.45 -10.54
N PHE B 147 -12.73 26.77 -11.24
CA PHE B 147 -11.58 27.38 -10.58
C PHE B 147 -11.94 28.77 -10.02
N SER B 148 -12.73 29.53 -10.77
CA SER B 148 -13.20 30.82 -10.28
C SER B 148 -13.86 30.68 -8.92
N ARG B 149 -14.79 29.74 -8.79
CA ARG B 149 -15.43 29.52 -7.51
C ARG B 149 -14.46 28.95 -6.49
N LYS B 150 -13.43 28.24 -6.95
CA LYS B 150 -12.34 27.88 -6.05
C LYS B 150 -11.62 29.11 -5.54
N TYR B 151 -11.80 30.25 -6.20
CA TYR B 151 -11.18 31.51 -5.80
C TYR B 151 -12.23 32.56 -5.46
N ASP B 152 -13.21 32.20 -4.64
CA ASP B 152 -14.28 33.10 -4.24
C ASP B 152 -13.91 33.86 -2.97
N ARG B 153 -14.47 35.07 -2.85
CA ARG B 153 -14.12 35.95 -1.74
C ARG B 153 -14.46 35.32 -0.39
N GLU B 154 -15.52 34.53 -0.33
CA GLU B 154 -15.90 33.94 0.94
C GLU B 154 -14.97 32.84 1.40
N TRP B 155 -13.87 32.61 0.68
CA TRP B 155 -12.92 31.56 1.02
C TRP B 155 -11.61 32.21 1.43
N ASN B 156 -11.53 32.63 2.69
CA ASN B 156 -10.30 33.17 3.27
C ASN B 156 -10.34 32.84 4.76
N ASP B 157 -9.76 31.72 5.12
CA ASP B 157 -9.85 31.26 6.50
C ASP B 157 -8.92 30.08 6.72
N PRO B 158 -8.16 30.05 7.81
CA PRO B 158 -7.35 28.84 8.08
C PRO B 158 -8.18 27.57 8.11
N LYS B 159 -9.29 27.56 8.85
CA LYS B 159 -10.10 26.35 8.95
C LYS B 159 -10.70 25.98 7.61
N MET B 160 -11.43 26.92 6.99
CA MET B 160 -12.13 26.64 5.75
C MET B 160 -11.17 26.15 4.67
N PHE B 161 -10.05 26.85 4.50
CA PHE B 161 -9.07 26.41 3.53
C PHE B 161 -8.50 25.05 3.90
N GLN B 162 -7.88 24.96 5.07
CA GLN B 162 -7.20 23.74 5.51
C GLN B 162 -8.13 22.54 5.47
N TRP B 163 -9.43 22.78 5.39
CA TRP B 163 -10.38 21.68 5.27
C TRP B 163 -10.80 21.43 3.81
N ARG B 164 -10.95 22.49 3.02
CA ARG B 164 -11.45 22.33 1.66
C ARG B 164 -10.35 22.07 0.63
N PHE B 165 -9.08 22.27 0.99
CA PHE B 165 -8.00 22.01 0.07
C PHE B 165 -6.80 21.36 0.71
N GLY B 166 -6.89 20.91 1.96
CA GLY B 166 -5.73 20.36 2.64
C GLY B 166 -5.01 19.31 1.81
N LYS B 167 -5.77 18.38 1.22
CA LYS B 167 -5.14 17.29 0.48
C LYS B 167 -4.61 17.74 -0.87
N GLN B 168 -5.13 18.83 -1.44
CA GLN B 168 -4.57 19.30 -2.69
C GLN B 168 -3.23 20.01 -2.52
N TYR B 169 -3.01 20.64 -1.37
CA TYR B 169 -1.74 21.34 -1.13
C TYR B 169 -0.93 20.69 -0.03
N LEU B 170 -1.02 19.37 0.11
CA LEU B 170 -0.17 18.52 0.94
C LEU B 170 -0.46 18.59 2.43
N LEU B 171 -1.36 19.45 2.90
CA LEU B 171 -1.56 19.60 4.34
C LEU B 171 -2.46 18.48 4.85
N SER B 172 -1.91 17.60 5.67
CA SER B 172 -2.67 16.61 6.40
C SER B 172 -2.95 17.12 7.81
N ARG B 173 -3.52 16.24 8.63
CA ARG B 173 -3.76 16.57 10.03
C ARG B 173 -2.70 15.92 10.91
N ILE B 175 -0.73 15.80 8.13
CA ILE B 175 0.39 15.64 9.06
C ILE B 175 1.11 16.96 9.30
N CYS B 176 0.33 18.00 9.57
CA CYS B 176 0.89 19.32 9.84
C CYS B 176 1.75 19.30 11.09
N SER B 177 1.30 18.58 12.11
CA SER B 177 2.02 18.48 13.37
C SER B 177 3.07 17.38 13.37
N ARG B 178 3.12 16.60 12.29
CA ARG B 178 4.08 15.52 12.17
C ARG B 178 5.51 16.05 12.19
N PHE B 179 5.73 17.18 11.52
CA PHE B 179 7.05 17.80 11.44
C PHE B 179 7.75 17.93 12.79
N GLU B 180 7.00 18.30 13.83
CA GLU B 180 7.62 18.50 15.13
C GLU B 180 7.97 17.18 15.79
N HIS B 181 7.12 16.16 15.61
CA HIS B 181 7.44 14.85 16.17
C HIS B 181 8.73 14.31 15.58
N SER B 182 8.92 14.49 14.27
CA SER B 182 10.17 14.11 13.63
C SER B 182 11.33 14.86 14.26
N TRP B 183 11.20 16.19 14.36
CA TRP B 183 12.26 16.98 14.99
C TRP B 183 12.62 16.48 16.37
N ARG B 184 11.78 15.65 16.97
CA ARG B 184 11.99 15.18 18.33
C ARG B 184 12.57 13.77 18.40
N GLU B 185 12.02 12.82 17.64
CA GLU B 185 12.45 11.43 17.81
C GLU B 185 13.90 11.25 17.39
N ASP B 186 14.33 11.98 16.37
CA ASP B 186 15.74 12.07 16.03
C ASP B 186 16.59 12.37 17.26
N ARG B 187 16.18 13.38 18.05
CA ARG B 187 16.93 13.74 19.24
C ARG B 187 17.09 12.55 20.18
N TRP B 188 16.02 11.78 20.37
CA TRP B 188 16.09 10.72 21.36
C TRP B 188 16.86 9.52 20.85
N ASN B 189 16.72 9.20 19.55
CA ASN B 189 17.61 8.19 18.98
C ASN B 189 19.05 8.61 19.13
N LEU B 190 19.34 9.90 18.95
CA LEU B 190 20.69 10.40 19.08
C LEU B 190 21.22 10.23 20.50
N VAL B 191 20.44 10.65 21.49
CA VAL B 191 20.93 10.54 22.86
C VAL B 191 21.01 9.10 23.29
N GLU B 192 20.15 8.24 22.76
CA GLU B 192 20.26 6.81 23.08
C GLU B 192 21.56 6.24 22.51
N ALA B 193 21.90 6.60 21.28
CA ALA B 193 23.15 6.14 20.71
C ALA B 193 24.34 6.70 21.47
N LEU B 194 24.24 7.95 21.92
CA LEU B 194 25.32 8.57 22.68
C LEU B 194 25.52 7.88 24.02
N GLN B 195 24.43 7.58 24.73
CA GLN B 195 24.54 6.86 25.97
C GLN B 195 25.13 5.47 25.75
N GLU B 196 24.65 4.78 24.71
CA GLU B 196 25.22 3.48 24.37
C GLU B 196 26.71 3.57 24.15
N LYS B 197 27.15 4.59 23.41
CA LYS B 197 28.57 4.75 23.12
C LYS B 197 29.36 5.03 24.40
N ARG B 198 28.90 6.01 25.19
CA ARG B 198 29.67 6.45 26.35
C ARG B 198 29.74 5.38 27.43
N LYS B 199 28.69 4.58 27.60
CA LYS B 199 28.71 3.56 28.63
C LYS B 199 29.25 2.24 28.11
N SER B 200 29.26 2.05 26.80
CA SER B 200 29.93 0.93 26.16
C SER B 200 31.19 1.38 25.42
N ASP B 201 31.92 2.34 26.00
CA ASP B 201 33.14 2.83 25.39
C ASP B 201 34.14 1.71 25.13
N SER B 202 34.61 1.07 26.19
CA SER B 202 35.58 -0.03 26.10
C SER B 202 36.81 0.35 25.28
N LYS B 207 40.87 8.23 22.82
CA LYS B 207 40.86 8.81 24.16
C LYS B 207 40.09 10.13 24.18
N THR B 208 39.30 10.30 25.24
CA THR B 208 38.47 11.48 25.56
C THR B 208 37.20 11.63 24.72
N GLU B 209 36.90 10.62 23.91
CA GLU B 209 35.68 10.65 23.11
C GLU B 209 34.46 10.59 24.03
N LYS B 210 34.58 9.76 25.05
CA LYS B 210 33.50 9.59 26.01
C LYS B 210 33.22 10.89 26.76
N ARG B 211 34.28 11.61 27.10
CA ARG B 211 34.11 12.86 27.84
C ARG B 211 33.23 13.84 27.07
N LEU B 212 33.43 13.92 25.75
CA LEU B 212 32.62 14.79 24.93
C LEU B 212 31.17 14.36 25.07
N ALA B 213 30.92 13.09 24.79
CA ALA B 213 29.58 12.54 24.89
C ALA B 213 28.87 13.05 26.13
N ASP B 214 29.53 12.95 27.28
CA ASP B 214 28.90 13.40 28.51
C ASP B 214 28.60 14.89 28.44
N LEU B 215 29.55 15.66 27.92
CA LEU B 215 29.30 17.08 27.78
C LEU B 215 28.18 17.29 26.78
N LEU B 216 28.24 16.55 25.67
CA LEU B 216 27.22 16.64 24.62
C LEU B 216 25.86 16.17 25.09
N LEU B 217 25.83 15.08 25.85
CA LEU B 217 24.57 14.54 26.36
C LEU B 217 23.90 15.51 27.32
N LYS B 218 24.71 16.19 28.13
CA LYS B 218 24.21 17.17 29.09
C LYS B 218 23.49 18.32 28.40
N LYS B 219 24.02 18.76 27.26
CA LYS B 219 23.42 19.86 26.54
C LYS B 219 21.99 19.49 26.15
N LEU B 220 21.80 18.24 25.72
CA LEU B 220 20.46 17.81 25.35
C LEU B 220 19.61 17.45 26.54
N THR B 221 20.14 17.54 27.76
CA THR B 221 19.40 17.20 28.95
C THR B 221 18.36 18.24 29.31
N PHE B 226 21.40 26.99 30.06
CA PHE B 226 22.69 26.71 30.68
C PHE B 226 23.82 26.90 29.68
N ASN B 227 25.05 26.66 30.14
CA ASN B 227 26.22 26.79 29.27
C ASN B 227 27.30 25.86 29.80
N GLY B 228 27.43 24.68 29.20
CA GLY B 228 28.49 23.77 29.59
C GLY B 228 29.85 24.34 29.26
N LYS B 229 30.18 24.38 27.97
CA LYS B 229 31.42 24.98 27.45
C LYS B 229 32.61 24.68 28.36
N LEU B 230 32.64 23.45 28.87
CA LEU B 230 33.53 23.11 29.98
C LEU B 230 35.00 23.21 29.62
N PHE B 231 35.47 22.38 28.69
CA PHE B 231 36.91 22.16 28.60
C PHE B 231 37.45 22.39 27.19
N PRO B 232 38.76 22.60 27.06
CA PRO B 232 39.39 22.62 25.74
C PRO B 232 39.66 21.20 25.24
N SER B 233 38.97 20.22 25.82
CA SER B 233 39.05 18.83 25.40
C SER B 233 38.98 18.74 23.89
N SER B 234 38.19 19.60 23.27
CA SER B 234 38.31 19.82 21.83
C SER B 234 39.60 20.60 21.61
N ILE B 235 40.69 19.88 21.35
CA ILE B 235 42.02 20.49 21.27
C ILE B 235 42.04 21.60 20.23
N LEU B 236 41.13 21.56 19.26
CA LEU B 236 40.93 22.66 18.31
C LEU B 236 42.20 22.94 17.51
N LEU B 237 42.56 21.96 16.68
CA LEU B 237 43.68 22.15 15.77
C LEU B 237 43.35 23.32 14.84
N GLY B 238 43.96 24.47 15.08
CA GLY B 238 43.47 25.71 14.54
C GLY B 238 44.03 26.04 13.17
N SER B 239 43.13 26.30 12.22
CA SER B 239 43.49 26.82 10.92
C SER B 239 43.42 28.35 10.98
N LYS B 240 43.47 29.00 9.81
CA LYS B 240 43.46 30.45 9.76
C LYS B 240 42.13 31.01 10.24
N ASP B 241 42.07 32.34 10.34
CA ASP B 241 40.86 33.01 10.79
C ASP B 241 40.78 34.43 10.23
N ASP B 272 34.03 36.35 23.88
CA ASP B 272 35.04 35.31 23.95
C ASP B 272 36.23 35.73 24.80
N LEU B 273 36.05 36.75 25.64
CA LEU B 273 37.16 37.23 26.46
C LEU B 273 37.03 37.10 27.98
N GLU B 274 35.81 36.98 28.48
CA GLU B 274 35.61 36.89 29.93
C GLU B 274 34.37 36.10 30.33
N PRO B 275 34.35 35.59 31.57
CA PRO B 275 33.21 34.82 32.10
C PRO B 275 32.14 35.74 32.66
N LEU B 276 31.48 36.48 31.77
CA LEU B 276 30.42 37.42 32.14
C LEU B 276 29.29 37.25 31.13
N SER B 277 28.08 37.70 31.49
CA SER B 277 26.91 37.58 30.61
C SER B 277 26.73 36.13 30.18
N SER B 278 26.75 35.23 31.16
CA SER B 278 26.63 33.80 30.96
C SER B 278 25.32 33.40 30.30
N GLU B 279 24.29 34.17 30.68
CA GLU B 279 22.89 34.03 30.28
C GLU B 279 22.70 34.38 28.82
N ILE B 280 23.77 34.92 28.24
CA ILE B 280 23.83 35.29 26.83
C ILE B 280 24.14 34.06 25.98
N SER B 281 24.26 32.91 26.65
CA SER B 281 24.55 31.62 26.04
C SER B 281 23.28 30.90 25.58
N SER B 282 22.12 31.55 25.75
CA SER B 282 20.86 30.97 25.32
C SER B 282 21.04 30.80 23.83
N LEU B 283 21.66 31.77 23.17
CA LEU B 283 21.95 31.56 21.76
C LEU B 283 21.90 30.09 21.40
N LEU B 284 22.33 29.22 22.32
CA LEU B 284 22.37 27.79 22.07
C LEU B 284 21.00 27.20 21.83
N ALA B 285 19.94 27.97 21.98
CA ALA B 285 18.58 27.49 21.78
C ALA B 285 17.88 28.25 20.64
N LEU B 286 18.66 28.76 19.69
CA LEU B 286 18.12 29.49 18.55
C LEU B 286 18.51 28.73 17.30
N CYS B 287 17.65 27.78 16.90
CA CYS B 287 17.94 26.86 15.81
C CYS B 287 17.11 27.22 14.58
N HIS B 288 17.77 27.33 13.44
CA HIS B 288 17.12 27.61 12.17
C HIS B 288 18.17 27.46 11.07
N SER B 289 17.76 26.92 9.94
CA SER B 289 18.72 26.70 8.87
C SER B 289 19.06 27.95 8.12
N ASN B 290 18.70 29.13 8.62
CA ASN B 290 19.15 30.38 8.04
C ASN B 290 19.99 31.19 9.02
N ILE B 291 20.53 30.54 10.06
CA ILE B 291 21.29 31.21 11.10
C ILE B 291 22.48 30.34 11.45
N LEU B 292 23.68 30.88 11.26
CA LEU B 292 24.89 30.14 11.58
C LEU B 292 24.91 29.87 13.08
N GLN B 293 24.40 28.71 13.47
CA GLN B 293 24.34 28.32 14.88
C GLN B 293 25.68 28.48 15.59
N GLU B 311 27.79 25.30 10.76
CA GLU B 311 28.34 26.04 11.87
C GLU B 311 29.28 27.14 11.38
N LEU B 312 29.81 26.94 10.17
CA LEU B 312 30.73 27.91 9.59
C LEU B 312 30.28 28.42 8.23
N MET B 313 30.49 29.71 8.00
CA MET B 313 30.11 30.32 6.73
C MET B 313 31.26 30.26 5.75
N HIS B 314 31.00 29.74 4.56
CA HIS B 314 32.05 29.60 3.55
C HIS B 314 32.60 30.96 3.11
N LYS B 315 31.69 31.89 2.84
CA LYS B 315 32.06 33.24 2.42
C LYS B 315 30.93 34.20 2.78
N ASP B 316 31.20 35.50 2.84
CA ASP B 316 30.14 36.43 3.15
C ASP B 316 29.63 37.11 1.89
N LEU B 317 28.81 38.14 2.08
CA LEU B 317 28.16 38.79 0.94
C LEU B 317 29.02 39.93 0.41
N GLN B 318 29.35 40.90 1.26
CA GLN B 318 30.19 42.03 0.82
C GLN B 318 31.41 41.54 0.06
N SER B 319 32.02 40.46 0.53
CA SER B 319 33.07 39.81 -0.24
C SER B 319 32.58 39.43 -1.63
N TYR B 320 31.44 38.76 -1.70
CA TYR B 320 30.92 38.31 -2.98
C TYR B 320 30.45 39.46 -3.86
N MET B 321 30.39 40.66 -3.31
CA MET B 321 29.76 41.76 -4.04
C MET B 321 30.75 42.42 -4.98
N LYS B 322 31.84 42.96 -4.46
CA LYS B 322 32.75 43.89 -5.13
C LYS B 322 33.29 43.40 -6.45
N GLU B 323 33.19 42.11 -6.71
CA GLU B 323 33.66 41.53 -7.97
C GLU B 323 32.50 40.97 -8.77
N ASN B 324 31.29 41.13 -8.25
CA ASN B 324 30.08 40.64 -8.90
C ASN B 324 29.81 41.30 -10.24
N ARG B 330 27.92 43.31 -15.64
CA ARG B 330 28.47 42.48 -14.58
C ARG B 330 27.38 42.10 -13.58
N TYR B 331 26.45 41.27 -14.01
CA TYR B 331 25.35 40.83 -13.15
C TYR B 331 25.41 39.32 -12.94
N LEU B 332 25.31 38.90 -11.69
CA LEU B 332 25.34 37.48 -11.37
C LEU B 332 24.06 37.05 -10.67
N PHE B 333 23.31 38.04 -10.26
CA PHE B 333 22.10 37.79 -9.55
C PHE B 333 20.95 38.15 -10.44
N SER B 334 20.16 37.13 -10.74
CA SER B 334 18.97 37.28 -11.52
C SER B 334 17.87 37.72 -10.56
N ILE B 335 16.79 38.20 -11.13
CA ILE B 335 15.65 38.61 -10.34
C ILE B 335 15.23 37.30 -9.70
N PRO B 336 15.69 36.18 -10.29
CA PRO B 336 15.19 34.96 -9.63
C PRO B 336 16.11 34.40 -8.56
N VAL B 337 17.32 34.95 -8.39
CA VAL B 337 18.14 34.56 -7.25
C VAL B 337 18.26 35.76 -6.32
N VAL B 338 18.07 36.95 -6.88
CA VAL B 338 18.05 38.16 -6.06
C VAL B 338 16.91 38.08 -5.05
N ILE B 339 15.70 37.80 -5.54
CA ILE B 339 14.55 37.66 -4.64
C ILE B 339 14.80 36.55 -3.63
N ASP B 340 15.33 35.43 -4.09
CA ASP B 340 15.61 34.32 -3.18
C ASP B 340 16.62 34.73 -2.12
N ILE B 341 17.76 35.29 -2.55
CA ILE B 341 18.77 35.76 -1.60
C ILE B 341 18.15 36.66 -0.55
N MET B 342 17.14 37.44 -0.95
CA MET B 342 16.44 38.28 0.01
C MET B 342 15.65 37.42 0.99
N LEU B 343 14.97 36.38 0.49
CA LEU B 343 14.01 35.66 1.33
C LEU B 343 14.71 34.87 2.41
N GLN B 344 15.74 34.10 2.05
CA GLN B 344 16.44 33.30 3.04
C GLN B 344 16.84 34.12 4.25
N ILE B 345 17.13 35.41 4.05
CA ILE B 345 17.33 36.30 5.19
C ILE B 345 16.04 36.41 5.98
N ALA B 346 14.99 36.90 5.34
CA ALA B 346 13.72 37.13 6.03
C ALA B 346 13.24 35.88 6.74
N ARG B 347 13.20 34.78 6.02
CA ARG B 347 12.68 33.54 6.57
C ARG B 347 13.47 33.26 7.82
N GLY B 348 14.72 33.68 7.81
CA GLY B 348 15.60 33.45 8.92
C GLY B 348 15.61 34.61 9.90
N MET B 349 15.26 35.80 9.42
CA MET B 349 15.31 36.97 10.29
C MET B 349 14.34 36.84 11.45
N GLU B 350 13.05 36.76 11.16
CA GLU B 350 12.09 36.88 12.25
C GLU B 350 12.10 35.70 13.20
N TYR B 351 12.78 34.60 12.87
CA TYR B 351 13.01 33.59 13.89
C TYR B 351 13.82 34.16 15.05
N LEU B 352 14.63 35.20 14.78
CA LEU B 352 15.26 35.93 15.87
C LEU B 352 14.22 36.52 16.81
N HIS B 353 13.20 37.16 16.24
CA HIS B 353 12.10 37.64 17.04
C HIS B 353 11.29 36.50 17.64
N GLY B 354 11.44 35.29 17.10
CA GLY B 354 10.89 34.12 17.76
C GLY B 354 11.47 33.89 19.14
N ASN B 355 12.55 34.60 19.46
CA ASN B 355 13.03 34.72 20.84
C ASN B 355 13.31 36.17 21.19
N ASP B 356 12.77 37.10 20.39
CA ASP B 356 12.81 38.54 20.57
C ASP B 356 14.21 39.12 20.43
N ILE B 357 15.21 38.33 20.08
CA ILE B 357 16.57 38.86 19.88
C ILE B 357 16.67 39.79 18.64
N PHE B 358 17.38 40.89 18.79
CA PHE B 358 17.51 41.84 17.68
C PHE B 358 18.96 41.94 17.19
N HIS B 359 19.13 41.74 15.88
CA HIS B 359 20.43 41.76 15.23
C HIS B 359 21.11 43.11 15.44
N GLY B 360 20.33 44.18 15.34
CA GLY B 360 20.78 45.55 15.51
C GLY B 360 21.60 46.14 14.37
N ASP B 361 22.73 45.52 14.09
CA ASP B 361 23.56 45.98 13.00
C ASP B 361 23.58 44.87 11.96
N LEU B 362 23.14 45.20 10.74
CA LEU B 362 23.15 44.23 9.67
C LEU B 362 23.94 44.79 8.51
N ASN B 363 24.83 43.99 7.96
CA ASN B 363 25.64 44.48 6.86
C ASN B 363 26.07 43.30 5.99
N PRO B 364 26.31 43.54 4.70
CA PRO B 364 26.82 42.47 3.84
C PRO B 364 28.09 41.83 4.38
N MET B 365 28.72 42.50 5.34
CA MET B 365 29.80 41.91 6.12
C MET B 365 29.28 40.98 7.21
N ASN B 366 27.98 40.68 7.22
CA ASN B 366 27.42 39.79 8.22
C ASN B 366 26.46 38.76 7.64
N ILE B 367 26.27 38.72 6.34
CA ILE B 367 25.41 37.75 5.68
C ILE B 367 26.33 36.77 4.96
N HIS B 368 26.44 35.56 5.48
CA HIS B 368 27.31 34.56 4.90
C HIS B 368 26.53 33.72 3.91
N LEU B 369 26.71 34.00 2.62
CA LEU B 369 26.09 33.19 1.59
C LEU B 369 26.88 31.90 1.39
N LYS B 370 26.39 31.05 0.51
CA LYS B 370 27.06 29.81 0.17
C LYS B 370 26.65 29.43 -1.25
N GLU B 371 26.86 28.16 -1.60
CA GLU B 371 26.50 27.66 -2.91
C GLU B 371 25.40 26.62 -2.78
N ARG B 372 24.45 26.68 -3.70
CA ARG B 372 23.28 25.80 -3.69
C ARG B 372 23.47 24.53 -4.49
N SER B 373 24.71 24.13 -4.74
CA SER B 373 24.95 22.88 -5.45
C SER B 373 24.37 22.87 -6.86
N HIS B 374 23.51 21.88 -7.16
CA HIS B 374 22.93 21.77 -8.48
C HIS B 374 21.73 22.69 -8.67
N THR B 375 22.03 23.98 -8.81
CA THR B 375 21.06 25.03 -9.01
C THR B 375 21.71 26.11 -9.87
N GLU B 376 20.90 27.00 -10.42
CA GLU B 376 21.43 28.07 -11.26
C GLU B 376 21.89 29.25 -10.42
N GLY B 377 22.99 29.08 -9.70
CA GLY B 377 23.53 30.14 -8.88
C GLY B 377 22.84 30.40 -7.55
N TYR B 378 21.82 29.61 -7.24
CA TYR B 378 21.11 29.78 -5.98
C TYR B 378 22.02 29.50 -4.79
N PHE B 379 21.89 30.31 -3.74
CA PHE B 379 22.72 30.16 -2.56
C PHE B 379 21.90 30.12 -1.28
N HIS B 380 22.41 29.41 -0.29
CA HIS B 380 21.76 29.30 1.01
C HIS B 380 22.57 30.22 1.90
N ALA B 381 21.91 31.21 2.51
CA ALA B 381 22.62 32.17 3.32
C ALA B 381 22.13 32.13 4.75
N LYS B 382 23.04 32.43 5.68
CA LYS B 382 22.72 32.56 7.08
C LYS B 382 23.11 33.96 7.54
N ILE B 383 22.94 34.23 8.83
CA ILE B 383 23.25 35.54 9.41
C ILE B 383 24.17 35.33 10.61
N CYS B 384 25.31 36.01 10.63
CA CYS B 384 26.27 35.85 11.71
C CYS B 384 26.61 37.17 12.43
N GLY B 385 26.90 37.05 13.72
CA GLY B 385 27.20 38.18 14.58
C GLY B 385 26.06 38.80 15.36
N PHE B 386 24.85 38.27 15.22
CA PHE B 386 23.73 38.82 15.96
C PHE B 386 23.97 38.64 17.47
N GLY B 387 24.46 37.47 17.84
CA GLY B 387 24.79 37.14 19.23
C GLY B 387 26.14 37.71 19.56
N LEU B 388 26.47 37.81 20.84
CA LEU B 388 27.79 38.33 21.20
C LEU B 388 27.69 39.81 21.60
N SER B 389 26.66 40.14 22.36
CA SER B 389 26.37 41.52 22.74
C SER B 389 27.26 42.03 23.87
N SER B 390 28.29 41.27 24.26
CA SER B 390 29.19 41.74 25.30
C SER B 390 30.07 42.87 24.79
N VAL B 391 30.85 42.60 23.75
CA VAL B 391 31.68 43.62 23.13
C VAL B 391 31.06 44.04 21.80
N PRO B 405 31.29 51.67 8.05
CA PRO B 405 30.66 53.00 8.04
C PRO B 405 29.25 52.98 8.60
N VAL B 406 28.81 54.10 9.18
CA VAL B 406 27.49 54.16 9.79
C VAL B 406 26.37 54.20 8.75
N ILE B 407 26.69 54.30 7.46
CA ILE B 407 25.68 54.39 6.43
C ILE B 407 24.78 53.16 6.37
N TRP B 408 25.13 52.13 7.12
CA TRP B 408 24.30 50.93 7.20
C TRP B 408 23.39 50.93 8.45
N TYR B 409 23.51 51.97 9.27
CA TYR B 409 22.66 52.11 10.44
C TYR B 409 21.30 52.73 10.08
N ALA B 410 20.29 52.51 10.92
CA ALA B 410 18.96 53.05 10.69
C ALA B 410 18.97 54.57 10.89
N PRO B 411 18.06 55.28 10.20
CA PRO B 411 18.05 56.74 10.34
C PRO B 411 17.79 57.16 11.78
N GLU B 412 16.84 56.50 12.45
CA GLU B 412 16.59 56.80 13.85
C GLU B 412 17.77 56.47 14.74
N VAL B 413 18.61 55.52 14.34
CA VAL B 413 19.83 55.23 15.09
C VAL B 413 20.92 56.13 14.56
N LEU B 414 20.53 57.16 13.80
CA LEU B 414 21.43 58.29 13.56
C LEU B 414 21.43 59.24 14.77
N ALA B 415 20.39 59.19 15.60
CA ALA B 415 20.08 60.12 16.69
C ALA B 415 20.96 59.94 17.92
N GLU B 416 22.03 59.15 17.82
CA GLU B 416 22.90 58.90 18.95
C GLU B 416 23.65 60.15 19.38
N MET B 417 23.75 61.10 18.45
CA MET B 417 24.44 62.36 18.71
C MET B 417 23.91 63.03 19.97
N LYS B 429 19.10 51.60 20.25
CA LYS B 429 18.53 51.61 18.91
C LYS B 429 18.42 50.20 18.34
N LEU B 430 18.04 49.25 19.17
CA LEU B 430 17.89 47.86 18.73
C LEU B 430 16.43 47.50 18.57
N THR B 431 15.68 48.41 17.97
CA THR B 431 14.26 48.21 17.75
C THR B 431 14.10 47.09 16.75
N HIS B 432 13.03 46.33 16.90
CA HIS B 432 12.76 45.25 15.95
C HIS B 432 12.51 45.93 14.59
N LYS B 433 11.85 47.09 14.62
CA LYS B 433 11.54 47.88 13.43
C LYS B 433 12.78 48.43 12.71
N ALA B 434 13.77 48.83 13.48
CA ALA B 434 14.98 49.46 12.93
C ALA B 434 15.81 48.63 11.97
N ASP B 435 15.84 47.33 12.22
CA ASP B 435 16.62 46.34 11.47
C ASP B 435 16.24 46.27 10.01
N VAL B 436 15.00 46.65 9.71
CA VAL B 436 14.50 46.66 8.34
C VAL B 436 15.31 47.60 7.44
N TYR B 437 15.72 48.74 8.00
CA TYR B 437 16.49 49.72 7.27
C TYR B 437 17.77 49.02 6.77
N SER B 438 18.37 48.19 7.61
CA SER B 438 19.56 47.46 7.20
C SER B 438 19.21 46.39 6.18
N PHE B 439 18.19 45.59 6.49
CA PHE B 439 17.68 44.62 5.52
C PHE B 439 17.41 45.29 4.18
N ALA B 440 16.62 46.37 4.21
CA ALA B 440 16.37 47.11 2.99
C ALA B 440 17.68 47.58 2.37
N MET B 441 18.56 48.14 3.19
CA MET B 441 19.85 48.61 2.69
C MET B 441 20.62 47.48 2.01
N VAL B 442 20.57 46.28 2.60
CA VAL B 442 21.24 45.13 2.00
C VAL B 442 20.63 44.83 0.64
N CYS B 443 19.31 44.72 0.59
CA CYS B 443 18.64 44.49 -0.68
C CYS B 443 18.99 45.59 -1.67
N PHE B 444 19.17 46.82 -1.19
CA PHE B 444 19.51 47.93 -2.06
C PHE B 444 20.76 47.63 -2.87
N GLU B 445 21.77 47.05 -2.21
CA GLU B 445 22.96 46.62 -2.94
C GLU B 445 22.60 45.51 -3.93
N LEU B 446 21.94 44.46 -3.45
CA LEU B 446 21.72 43.27 -4.27
C LEU B 446 21.08 43.61 -5.60
N ILE B 447 20.00 44.40 -5.58
CA ILE B 447 19.34 44.79 -6.82
C ILE B 447 20.34 45.51 -7.72
N THR B 448 20.92 46.59 -7.22
CA THR B 448 21.77 47.45 -8.05
C THR B 448 23.17 46.89 -8.22
N GLY B 449 23.67 46.22 -7.19
CA GLY B 449 25.02 45.69 -7.22
C GLY B 449 26.03 46.79 -6.91
N LYS B 450 25.52 47.97 -6.55
CA LYS B 450 26.35 49.11 -6.23
C LYS B 450 26.01 49.63 -4.82
N VAL B 451 27.03 49.85 -4.02
CA VAL B 451 26.83 50.34 -2.65
C VAL B 451 26.21 51.73 -2.66
N PRO B 452 25.33 52.00 -1.68
CA PRO B 452 24.65 53.30 -1.57
C PRO B 452 25.64 54.45 -1.43
N PHE B 453 25.35 55.54 -2.16
CA PHE B 453 26.07 56.82 -2.26
C PHE B 453 27.24 56.76 -3.24
N GLU B 454 27.68 57.91 -3.73
CA GLU B 454 28.79 57.93 -4.67
C GLU B 454 30.09 57.45 -4.01
N MET B 463 26.53 63.94 4.40
CA MET B 463 25.65 62.93 3.82
C MET B 463 24.82 62.27 4.92
N THR B 464 25.43 62.03 6.08
CA THR B 464 24.76 61.43 7.23
C THR B 464 23.61 62.31 7.71
N ILE B 465 23.80 63.63 7.68
CA ILE B 465 22.77 64.59 8.09
C ILE B 465 21.54 64.46 7.18
N ASN B 466 21.77 64.26 5.89
CA ASN B 466 20.70 64.07 4.91
C ASN B 466 19.86 62.83 5.22
N ILE B 467 20.53 61.77 5.69
CA ILE B 467 19.85 60.52 6.04
C ILE B 467 18.83 60.75 7.16
N ARG B 468 19.16 61.59 8.13
CA ARG B 468 18.20 61.89 9.20
C ARG B 468 17.00 62.60 8.58
N MET B 469 17.26 63.53 7.66
CA MET B 469 16.21 64.24 6.95
C MET B 469 15.29 63.28 6.21
N GLY B 470 15.88 62.21 5.66
CA GLY B 470 15.14 61.20 4.94
C GLY B 470 15.43 61.04 3.46
N GLU B 471 16.35 61.84 2.92
CA GLU B 471 16.71 61.69 1.51
C GLU B 471 17.39 60.33 1.36
N ARG B 472 17.06 59.61 0.29
CA ARG B 472 17.64 58.28 0.09
C ARG B 472 18.17 58.07 -1.32
N PRO B 473 19.20 57.22 -1.46
CA PRO B 473 19.77 56.90 -2.78
C PRO B 473 18.73 56.24 -3.67
N LEU B 474 18.84 56.49 -4.96
CA LEU B 474 17.88 55.97 -5.91
C LEU B 474 18.44 54.97 -6.91
N PHE B 475 17.72 53.87 -7.05
CA PHE B 475 18.09 52.80 -7.96
C PHE B 475 17.88 53.23 -9.41
N PRO B 476 18.62 52.59 -10.32
CA PRO B 476 18.62 52.84 -11.77
C PRO B 476 17.35 52.38 -12.49
N PHE B 477 17.18 52.88 -13.70
CA PHE B 477 16.04 52.59 -14.56
C PHE B 477 15.91 51.10 -14.90
N PRO B 478 17.05 50.42 -15.09
CA PRO B 478 17.07 48.99 -15.42
C PRO B 478 16.37 48.13 -14.35
N SER B 479 16.49 48.49 -13.08
CA SER B 479 15.85 47.70 -12.01
C SER B 479 14.35 47.63 -12.25
N PRO B 480 13.77 46.44 -12.01
CA PRO B 480 12.37 46.11 -12.25
C PRO B 480 11.44 46.78 -11.26
N LYS B 481 10.18 46.92 -11.64
CA LYS B 481 9.17 47.57 -10.82
C LYS B 481 8.81 46.88 -9.50
N THR B 482 8.71 45.56 -9.51
CA THR B 482 8.30 44.83 -8.30
C THR B 482 9.26 44.97 -7.12
N LEU B 483 10.56 44.84 -7.37
CA LEU B 483 11.55 44.95 -6.30
C LEU B 483 11.64 46.35 -5.69
N VAL B 484 11.57 47.35 -6.55
CA VAL B 484 11.69 48.75 -6.12
C VAL B 484 10.59 49.21 -5.18
N SER B 485 9.36 48.79 -5.43
CA SER B 485 8.25 49.22 -4.58
C SER B 485 8.42 48.73 -3.14
N LEU B 486 8.81 47.47 -2.97
CA LEU B 486 8.97 46.93 -1.63
C LEU B 486 10.06 47.59 -0.79
N ILE B 487 11.22 47.81 -1.39
CA ILE B 487 12.31 48.43 -0.66
C ILE B 487 12.01 49.87 -0.24
N LYS B 488 11.39 50.63 -1.14
CA LYS B 488 11.08 52.03 -0.87
C LYS B 488 10.13 52.20 0.31
N ARG B 489 9.10 51.35 0.39
CA ARG B 489 8.15 51.45 1.50
C ARG B 489 8.85 51.24 2.83
N CYS B 490 9.74 50.27 2.88
CA CYS B 490 10.51 50.04 4.09
C CYS B 490 11.37 51.27 4.32
N TRP B 491 11.87 51.82 3.22
CA TRP B 491 12.78 52.98 3.25
C TRP B 491 12.26 54.21 4.02
N HIS B 492 10.94 54.34 4.17
CA HIS B 492 10.39 55.51 4.86
C HIS B 492 10.93 55.68 6.27
N SER B 493 11.12 56.95 6.65
CA SER B 493 11.72 57.33 7.93
C SER B 493 11.01 56.90 9.21
N GLU B 494 9.69 56.95 9.26
CA GLU B 494 9.01 56.54 10.49
C GLU B 494 9.32 55.09 10.76
N PRO B 495 9.70 54.77 12.00
CA PRO B 495 10.02 53.36 12.28
C PRO B 495 8.79 52.47 12.38
N SER B 496 7.64 53.02 12.77
CA SER B 496 6.45 52.19 12.86
C SER B 496 5.89 51.88 11.48
N GLN B 497 5.96 52.83 10.55
CA GLN B 497 5.41 52.58 9.23
C GLN B 497 6.28 51.66 8.39
N ARG B 498 7.40 51.18 8.91
CA ARG B 498 8.06 50.17 8.09
C ARG B 498 7.64 48.78 8.55
N PRO B 499 7.40 47.88 7.60
CA PRO B 499 6.72 46.63 7.93
C PRO B 499 7.63 45.63 8.62
N ASN B 500 7.03 44.80 9.47
CA ASN B 500 7.78 43.77 10.15
C ASN B 500 8.14 42.66 9.16
N PHE B 501 8.96 41.71 9.64
CA PHE B 501 9.46 40.66 8.78
C PHE B 501 8.32 39.75 8.30
N SER B 502 7.47 39.30 9.23
CA SER B 502 6.28 38.55 8.85
C SER B 502 5.52 39.27 7.76
N SER B 503 5.40 40.59 7.89
CA SER B 503 4.73 41.39 6.88
C SER B 503 5.53 41.55 5.61
N ILE B 504 6.80 41.14 5.60
CA ILE B 504 7.62 41.29 4.42
C ILE B 504 8.13 39.96 3.87
N CYS B 505 8.18 38.89 4.67
CA CYS B 505 8.60 37.61 4.13
C CYS B 505 7.60 37.10 3.12
N ARG B 506 6.35 36.90 3.56
CA ARG B 506 5.36 36.26 2.71
C ARG B 506 5.19 36.98 1.38
N ILE B 507 5.24 38.32 1.39
CA ILE B 507 5.05 39.05 0.15
C ILE B 507 6.20 38.77 -0.82
N LEU B 508 7.42 38.60 -0.31
CA LEU B 508 8.52 38.19 -1.17
C LEU B 508 8.22 36.86 -1.82
N ARG B 509 7.86 35.86 -1.00
CA ARG B 509 7.60 34.55 -1.55
C ARG B 509 6.46 34.57 -2.55
N TYR B 510 5.52 35.52 -2.40
CA TYR B 510 4.50 35.68 -3.43
C TYR B 510 5.12 36.09 -4.75
N ILE B 511 6.10 37.00 -4.71
CA ILE B 511 6.80 37.38 -5.93
C ILE B 511 7.47 36.15 -6.54
N LYS B 512 8.02 35.29 -5.70
CA LYS B 512 8.62 34.05 -6.18
C LYS B 512 7.61 33.25 -6.98
N LYS B 513 6.44 32.99 -6.39
CA LYS B 513 5.41 32.22 -7.09
C LYS B 513 5.03 32.89 -8.41
N PHE B 514 4.90 34.21 -8.41
CA PHE B 514 4.54 34.90 -9.63
C PHE B 514 5.61 34.73 -10.70
N LEU B 515 6.87 34.86 -10.31
CA LEU B 515 7.96 34.68 -11.28
C LEU B 515 7.98 33.27 -11.82
N VAL B 516 7.95 32.27 -10.93
CA VAL B 516 7.95 30.88 -11.37
C VAL B 516 6.78 30.61 -12.30
N VAL B 517 5.67 31.33 -12.11
CA VAL B 517 4.51 31.12 -12.96
C VAL B 517 4.72 31.76 -14.33
N ASN B 518 5.51 32.83 -14.37
CA ASN B 518 5.76 33.53 -15.62
C ASN B 518 7.26 33.66 -15.89
N PRO B 519 7.81 32.75 -16.71
CA PRO B 519 9.23 32.80 -17.04
C PRO B 519 9.54 34.09 -17.79
N ASP B 520 8.67 34.47 -18.70
CA ASP B 520 8.84 35.70 -19.46
C ASP B 520 8.69 36.87 -18.51
N HIS B 521 9.50 37.90 -18.73
CA HIS B 521 9.48 39.11 -17.90
C HIS B 521 9.51 38.80 -16.40
N THR B 528 3.72 42.13 -17.23
CA THR B 528 3.60 43.07 -16.12
C THR B 528 3.34 42.35 -14.80
N PRO B 529 3.92 42.87 -13.71
CA PRO B 529 3.52 42.41 -12.39
C PRO B 529 2.05 42.75 -12.16
N LEU B 530 1.43 42.01 -11.24
CA LEU B 530 0.01 42.20 -10.97
C LEU B 530 -0.25 43.61 -10.46
N VAL B 531 0.29 43.94 -9.30
CA VAL B 531 0.14 45.27 -8.70
C VAL B 531 1.34 45.50 -7.79
N ASP B 532 1.39 46.67 -7.17
CA ASP B 532 2.45 46.88 -6.21
C ASP B 532 2.11 45.81 -5.18
N CYS B 533 3.12 45.06 -4.76
CA CYS B 533 2.93 43.97 -3.80
C CYS B 533 2.46 44.39 -2.40
N TRP B 534 2.91 45.55 -1.97
CA TRP B 534 2.62 46.06 -0.64
C TRP B 534 1.14 46.25 -0.36
N ASP B 535 0.38 46.71 -1.34
CA ASP B 535 -1.04 46.94 -1.14
C ASP B 535 -1.77 45.64 -0.80
N LEU B 536 -1.41 44.56 -1.49
CA LEU B 536 -2.04 43.26 -1.26
C LEU B 536 -1.82 42.72 0.15
N GLU B 537 -0.59 42.87 0.65
CA GLU B 537 -0.24 42.37 1.97
C GLU B 537 -1.07 43.01 3.06
N ALA B 538 -1.29 44.31 2.94
CA ALA B 538 -2.05 45.04 3.95
C ALA B 538 -3.40 44.40 4.22
N ARG B 539 -4.01 43.87 3.15
CA ARG B 539 -5.32 43.22 3.25
C ARG B 539 -5.23 42.00 4.15
N PHE B 540 -4.27 41.14 3.86
CA PHE B 540 -4.04 39.94 4.65
C PHE B 540 -3.62 40.33 6.05
N LEU B 541 -2.77 41.35 6.10
CA LEU B 541 -2.32 41.91 7.36
C LEU B 541 -3.45 42.61 8.12
N ARG B 542 -4.31 43.28 7.36
CA ARG B 542 -5.40 44.10 7.93
C ARG B 542 -6.46 43.48 8.84
N LYS B 543 -7.02 42.32 8.50
CA LYS B 543 -8.05 41.75 9.37
C LYS B 543 -7.62 40.40 9.92
N PHE B 544 -7.40 39.48 9.01
CA PHE B 544 -6.93 38.12 9.32
C PHE B 544 -5.84 38.10 10.37
N PRO B 545 -4.90 39.07 10.28
CA PRO B 545 -3.77 39.14 11.21
C PRO B 545 -4.22 39.39 12.64
N GLY B 546 -3.56 38.75 13.59
CA GLY B 546 -3.89 38.90 14.99
C GLY B 546 -3.58 37.66 15.80
N SER B 550 0.06 36.85 15.73
CA SER B 550 1.12 36.08 15.09
C SER B 550 2.47 36.69 15.43
N HIS B 551 3.11 36.14 16.47
CA HIS B 551 4.50 36.50 16.78
C HIS B 551 5.49 35.71 15.94
N THR B 552 5.21 34.44 15.71
CA THR B 552 6.01 33.58 14.83
C THR B 552 5.09 32.81 13.91
N ALA B 553 5.59 32.47 12.73
CA ALA B 553 4.84 31.69 11.75
C ALA B 553 5.66 30.49 11.33
N SER B 554 4.97 29.36 11.16
CA SER B 554 5.60 28.12 10.76
C SER B 554 5.22 27.79 9.33
N VAL B 555 5.86 26.74 8.80
CA VAL B 555 5.75 26.42 7.38
C VAL B 555 4.34 26.00 7.00
N ASN B 556 3.52 25.57 7.96
CA ASN B 556 2.18 25.08 7.62
C ASN B 556 1.32 26.16 6.97
N GLN B 557 1.57 27.41 7.34
CA GLN B 557 0.81 28.57 6.87
C GLN B 557 1.04 28.97 5.43
N ILE B 558 2.10 28.45 4.83
CA ILE B 558 2.47 28.83 3.47
C ILE B 558 1.45 28.56 2.37
N PRO B 559 0.77 27.40 2.42
CA PRO B 559 -0.21 27.18 1.35
C PRO B 559 -1.33 28.23 1.41
N PHE B 560 -1.78 28.53 2.62
CA PHE B 560 -2.82 29.52 2.86
C PHE B 560 -2.37 30.91 2.44
N GLN B 561 -1.20 31.32 2.92
CA GLN B 561 -0.72 32.66 2.62
C GLN B 561 -0.55 32.88 1.13
N LEU B 562 -0.03 31.87 0.44
CA LEU B 562 0.15 31.97 -1.01
C LEU B 562 -1.19 32.10 -1.74
N THR B 563 -2.20 31.38 -1.27
CA THR B 563 -3.51 31.39 -1.89
C THR B 563 -4.22 32.71 -1.63
N SER B 564 -4.11 33.22 -0.41
CA SER B 564 -4.87 34.39 -0.02
C SER B 564 -4.59 35.54 -0.97
N TYR B 565 -3.34 35.70 -1.38
CA TYR B 565 -3.01 36.76 -2.32
C TYR B 565 -3.72 36.51 -3.65
N ARG B 566 -3.77 35.25 -4.10
CA ARG B 566 -4.45 34.92 -5.34
C ARG B 566 -5.91 35.32 -5.21
N VAL B 567 -6.51 35.01 -4.05
CA VAL B 567 -7.89 35.38 -3.79
C VAL B 567 -8.01 36.89 -3.63
N LEU B 568 -7.19 37.45 -2.75
CA LEU B 568 -7.23 38.89 -2.50
C LEU B 568 -6.99 39.71 -3.75
N GLU B 569 -6.05 39.27 -4.59
CA GLU B 569 -5.74 40.00 -5.80
C GLU B 569 -6.93 40.09 -6.75
N LYS B 570 -7.72 39.02 -6.84
CA LYS B 570 -8.87 39.02 -7.73
C LYS B 570 -9.88 40.08 -7.31
N GLU B 571 -10.09 40.22 -6.01
CA GLU B 571 -11.03 41.19 -5.48
C GLU B 571 -10.63 42.61 -5.84
N LYS B 572 -9.32 42.89 -5.77
CA LYS B 572 -8.78 44.22 -6.06
C LYS B 572 -9.53 45.32 -5.34
N ALA C 1 -15.73 -24.76 13.80
CA ALA C 1 -15.15 -25.13 12.51
C ALA C 1 -13.83 -24.39 12.29
N ALA C 2 -12.88 -25.08 11.66
CA ALA C 2 -11.53 -24.52 11.52
C ALA C 2 -11.53 -23.25 10.69
N MET C 3 -11.89 -23.35 9.41
CA MET C 3 -11.91 -22.17 8.56
C MET C 3 -12.83 -21.10 9.12
N GLU C 4 -13.96 -21.51 9.69
CA GLU C 4 -14.86 -20.54 10.29
C GLU C 4 -14.16 -19.72 11.36
N GLN C 5 -13.30 -20.36 12.14
CA GLN C 5 -12.56 -19.63 13.16
C GLN C 5 -11.72 -18.53 12.53
N PHE C 6 -11.16 -18.79 11.35
CA PHE C 6 -10.38 -17.78 10.66
C PHE C 6 -11.24 -16.57 10.33
N ARG C 7 -12.42 -16.81 9.77
CA ARG C 7 -13.35 -15.72 9.51
C ARG C 7 -13.61 -14.91 10.78
N GLN C 8 -13.56 -15.56 11.94
CA GLN C 8 -13.70 -14.80 13.18
C GLN C 8 -12.52 -13.86 13.39
N ILE C 9 -11.31 -14.32 13.06
CA ILE C 9 -10.16 -13.42 13.10
C ILE C 9 -10.40 -12.23 12.19
N GLY C 10 -10.91 -12.50 10.99
CA GLY C 10 -11.23 -11.40 10.09
C GLY C 10 -12.20 -10.42 10.71
N GLU C 11 -13.27 -10.93 11.32
CA GLU C 11 -14.27 -10.07 11.93
C GLU C 11 -13.65 -9.21 13.02
N VAL C 12 -12.87 -9.82 13.90
CA VAL C 12 -12.29 -9.08 15.02
C VAL C 12 -11.34 -8.01 14.50
N LEU C 13 -10.48 -8.38 13.54
CA LEU C 13 -9.51 -7.42 13.04
C LEU C 13 -10.19 -6.29 12.32
N GLY C 14 -11.25 -6.58 11.57
CA GLY C 14 -12.02 -5.51 10.97
C GLY C 14 -12.62 -4.58 12.01
N SER C 15 -13.14 -5.14 13.10
CA SER C 15 -13.64 -4.31 14.19
C SER C 15 -12.56 -3.37 14.69
N LEU C 16 -11.37 -3.93 14.97
CA LEU C 16 -10.28 -3.12 15.46
C LEU C 16 -9.94 -2.01 14.48
N ASN C 17 -9.85 -2.34 13.20
CA ASN C 17 -9.46 -1.35 12.21
C ASN C 17 -10.51 -0.26 12.08
N ALA C 18 -11.78 -0.63 12.16
CA ALA C 18 -12.83 0.38 12.09
C ALA C 18 -12.74 1.33 13.27
N LEU C 19 -12.55 0.79 14.48
CA LEU C 19 -12.40 1.67 15.63
C LEU C 19 -11.18 2.57 15.48
N MET C 20 -10.09 2.03 14.94
CA MET C 20 -8.83 2.77 14.90
C MET C 20 -8.79 3.81 13.81
N VAL C 21 -9.55 3.65 12.73
CA VAL C 21 -9.45 4.61 11.64
C VAL C 21 -9.90 5.99 12.08
N LEU C 22 -10.62 6.08 13.19
CA LEU C 22 -11.01 7.37 13.76
C LEU C 22 -10.08 7.69 14.93
N GLN C 23 -8.82 7.94 14.59
CA GLN C 23 -7.71 7.79 15.53
C GLN C 23 -7.41 9.05 16.34
N ASP C 24 -7.30 10.21 15.68
CA ASP C 24 -6.67 11.37 16.29
C ASP C 24 -7.41 11.88 17.53
N ASP C 25 -8.59 11.33 17.83
CA ASP C 25 -9.31 11.79 19.01
C ASP C 25 -8.67 11.30 20.30
N ILE C 26 -7.80 10.29 20.22
CA ILE C 26 -7.20 9.75 21.43
C ILE C 26 -6.12 10.69 21.94
N LEU C 27 -6.08 10.85 23.26
CA LEU C 27 -5.12 11.74 23.89
C LEU C 27 -4.16 11.02 24.83
N ILE C 28 -4.15 9.69 24.82
CA ILE C 28 -3.23 8.89 25.63
C ILE C 28 -2.40 7.97 24.76
N ASN C 29 -3.05 7.03 24.09
CA ASN C 29 -2.44 6.24 23.04
C ASN C 29 -2.75 6.89 21.70
N GLN C 30 -2.74 6.11 20.62
CA GLN C 30 -2.58 6.46 19.20
C GLN C 30 -1.10 6.50 18.85
N ARG C 31 -0.22 6.22 19.79
CA ARG C 31 1.11 5.72 19.46
C ARG C 31 1.38 4.35 20.06
N GLN C 32 0.61 3.94 21.05
CA GLN C 32 0.68 2.57 21.56
C GLN C 32 -0.29 1.67 20.79
N CYS C 33 -1.57 2.02 20.82
CA CYS C 33 -2.57 1.22 20.12
C CYS C 33 -2.29 1.12 18.63
N CYS C 34 -1.65 2.15 18.05
CA CYS C 34 -1.26 2.04 16.64
C CYS C 34 -0.30 0.89 16.44
N LEU C 35 0.64 0.72 17.36
CA LEU C 35 1.50 -0.46 17.32
C LEU C 35 0.68 -1.72 17.35
N LEU C 36 -0.37 -1.75 18.16
CA LEU C 36 -1.23 -2.92 18.22
C LEU C 36 -1.87 -3.19 16.87
N LEU C 37 -2.41 -2.14 16.24
CA LEU C 37 -3.05 -2.34 14.94
C LEU C 37 -2.05 -2.86 13.93
N GLU C 38 -0.86 -2.28 13.89
CA GLU C 38 0.14 -2.72 12.91
C GLU C 38 0.52 -4.18 13.15
N LEU C 39 0.83 -4.52 14.40
CA LEU C 39 1.22 -5.89 14.72
C LEU C 39 0.12 -6.88 14.38
N PHE C 40 -1.12 -6.54 14.72
CA PHE C 40 -2.21 -7.47 14.48
C PHE C 40 -2.44 -7.64 12.99
N SER C 41 -2.38 -6.56 12.23
CA SER C 41 -2.52 -6.67 10.79
C SER C 41 -1.42 -7.54 10.21
N LEU C 42 -0.19 -7.36 10.71
CA LEU C 42 0.92 -8.17 10.22
C LEU C 42 0.70 -9.65 10.55
N ALA C 43 0.24 -9.93 11.77
CA ALA C 43 0.01 -11.30 12.17
C ALA C 43 -1.05 -11.96 11.30
N PHE C 44 -2.18 -11.27 11.11
CA PHE C 44 -3.23 -11.81 10.27
C PHE C 44 -2.74 -12.03 8.85
N ASN C 45 -2.04 -11.05 8.29
CA ASN C 45 -1.59 -11.16 6.92
C ASN C 45 -0.61 -12.32 6.76
N THR C 46 0.27 -12.51 7.73
CA THR C 46 1.28 -13.55 7.56
C THR C 46 0.70 -14.94 7.80
N VAL C 47 -0.25 -15.10 8.72
CA VAL C 47 -0.88 -16.40 8.86
C VAL C 47 -1.71 -16.71 7.63
N ALA C 48 -2.38 -15.70 7.06
CA ALA C 48 -3.12 -15.91 5.83
C ALA C 48 -2.19 -16.31 4.70
N GLU C 49 -1.06 -15.63 4.58
CA GLU C 49 -0.11 -15.93 3.51
C GLU C 49 0.40 -17.35 3.64
N GLU C 50 0.82 -17.75 4.84
CA GLU C 50 1.39 -19.08 4.99
C GLU C 50 0.33 -20.15 4.80
N ILE C 51 -0.92 -19.86 5.18
CA ILE C 51 -2.02 -20.76 4.87
C ILE C 51 -2.14 -20.94 3.35
N ARG C 52 -2.24 -19.82 2.64
CA ARG C 52 -2.40 -19.86 1.19
C ARG C 52 -1.25 -20.59 0.52
N GLN C 53 -0.05 -20.51 1.10
CA GLN C 53 1.11 -21.11 0.47
C GLN C 53 1.26 -22.59 0.81
N ASN C 54 0.87 -23.02 2.00
CA ASN C 54 1.15 -24.38 2.44
C ASN C 54 -0.08 -25.24 2.63
N LEU C 55 -1.27 -24.71 2.43
CA LEU C 55 -2.48 -25.53 2.45
C LEU C 55 -3.09 -25.59 1.05
N LYS C 56 -4.22 -26.27 0.95
CA LYS C 56 -5.01 -26.30 -0.28
C LYS C 56 -6.47 -26.07 0.11
N LEU C 57 -7.11 -25.11 -0.52
CA LEU C 57 -8.32 -24.51 0.02
C LEU C 57 -9.58 -25.30 -0.29
N GLU C 58 -9.47 -26.58 -0.63
CA GLU C 58 -10.64 -27.41 -0.88
C GLU C 58 -11.02 -28.25 0.33
N GLU C 59 -10.06 -28.84 1.02
CA GLU C 59 -10.36 -29.70 2.15
C GLU C 59 -10.71 -28.86 3.38
N LYS C 60 -11.73 -28.01 3.24
CA LYS C 60 -12.08 -27.06 4.29
C LYS C 60 -12.63 -27.74 5.53
N HIS C 61 -13.10 -28.98 5.43
CA HIS C 61 -13.74 -29.65 6.54
C HIS C 61 -13.10 -30.99 6.90
N THR C 62 -12.03 -31.38 6.22
CA THR C 62 -11.45 -32.70 6.42
C THR C 62 -10.05 -32.64 7.01
N LYS C 63 -9.13 -31.92 6.38
CA LYS C 63 -7.73 -31.95 6.76
C LYS C 63 -7.24 -30.62 7.31
N TRP C 64 -8.14 -29.80 7.85
CA TRP C 64 -7.76 -28.63 8.61
C TRP C 64 -8.13 -28.75 10.07
N ARG C 65 -8.80 -29.85 10.45
CA ARG C 65 -9.32 -30.03 11.80
C ARG C 65 -8.28 -29.74 12.87
N ALA C 66 -7.00 -29.91 12.57
CA ALA C 66 -5.97 -29.64 13.55
C ALA C 66 -5.83 -28.16 13.86
N LEU C 67 -6.35 -27.28 13.01
CA LEU C 67 -6.17 -25.84 13.19
C LEU C 67 -7.09 -25.22 14.24
N GLU C 68 -8.06 -25.96 14.76
CA GLU C 68 -9.12 -25.36 15.55
C GLU C 68 -8.61 -24.63 16.79
N GLN C 69 -8.03 -25.37 17.74
CA GLN C 69 -7.65 -24.79 19.01
C GLN C 69 -6.69 -23.62 18.88
N PRO C 70 -5.62 -23.68 18.10
CA PRO C 70 -4.71 -22.53 18.04
C PRO C 70 -5.40 -21.29 17.51
N LEU C 71 -6.17 -21.43 16.43
CA LEU C 71 -6.85 -20.25 15.88
C LEU C 71 -7.90 -19.73 16.84
N ARG C 72 -8.51 -20.61 17.64
CA ARG C 72 -9.47 -20.14 18.64
C ARG C 72 -8.77 -19.31 19.69
N GLU C 73 -7.63 -19.80 20.19
CA GLU C 73 -6.88 -18.99 21.14
C GLU C 73 -6.45 -17.67 20.50
N LEU C 74 -6.17 -17.70 19.20
CA LEU C 74 -5.80 -16.47 18.52
C LEU C 74 -6.95 -15.48 18.51
N THR C 75 -8.18 -15.95 18.23
CA THR C 75 -9.30 -15.02 18.26
C THR C 75 -9.49 -14.49 19.67
N ARG C 76 -9.15 -15.29 20.69
CA ARG C 76 -9.22 -14.78 22.05
C ARG C 76 -8.28 -13.60 22.23
N VAL C 77 -7.01 -13.78 21.89
CA VAL C 77 -6.05 -12.72 22.15
C VAL C 77 -6.36 -11.48 21.30
N PHE C 78 -6.79 -11.69 20.06
CA PHE C 78 -7.19 -10.55 19.23
C PHE C 78 -8.34 -9.80 19.88
N LYS C 79 -9.31 -10.55 20.41
CA LYS C 79 -10.46 -9.93 21.06
C LYS C 79 -10.01 -9.16 22.28
N GLU C 80 -9.06 -9.73 23.02
CA GLU C 80 -8.55 -9.09 24.23
C GLU C 80 -7.90 -7.76 23.90
N GLY C 81 -7.14 -7.75 22.81
CA GLY C 81 -6.46 -6.56 22.35
C GLY C 81 -7.43 -5.49 21.88
N GLU C 82 -8.44 -5.89 21.12
CA GLU C 82 -9.45 -4.94 20.69
C GLU C 82 -10.15 -4.30 21.88
N LEU C 83 -10.43 -5.09 22.91
CA LEU C 83 -11.13 -4.55 24.07
C LEU C 83 -10.25 -3.57 24.83
N TYR C 84 -8.94 -3.83 24.87
CA TYR C 84 -8.04 -2.83 25.45
C TYR C 84 -8.08 -1.54 24.65
N VAL C 85 -8.02 -1.65 23.32
CA VAL C 85 -8.10 -0.46 22.49
C VAL C 85 -9.40 0.28 22.76
N LYS C 86 -10.48 -0.46 22.97
CA LYS C 86 -11.75 0.16 23.31
C LYS C 86 -11.65 0.95 24.61
N HIS C 87 -11.20 0.29 25.67
CA HIS C 87 -11.10 0.96 26.97
C HIS C 87 -10.21 2.18 26.87
N CYS C 88 -9.22 2.16 25.99
CA CYS C 88 -8.41 3.35 25.80
C CYS C 88 -9.12 4.39 24.95
N MET C 89 -10.09 3.98 24.15
CA MET C 89 -10.83 4.93 23.32
C MET C 89 -12.05 5.51 24.03
N ASP C 90 -12.39 5.00 25.20
CA ASP C 90 -13.58 5.46 25.90
C ASP C 90 -13.46 6.95 26.25
N ASN C 91 -14.61 7.62 26.29
CA ASN C 91 -14.69 9.01 26.72
C ASN C 91 -15.26 9.07 28.14
N SER C 92 -14.39 8.76 29.11
CA SER C 92 -14.80 8.71 30.51
C SER C 92 -13.74 9.35 31.39
N ASP C 93 -14.01 10.56 31.86
CA ASP C 93 -13.20 11.23 32.88
C ASP C 93 -11.74 11.33 32.43
N TRP C 94 -11.55 12.13 31.38
CA TRP C 94 -10.26 12.29 30.73
C TRP C 94 -9.11 12.43 31.72
N TRP C 95 -9.35 13.12 32.84
CA TRP C 95 -8.28 13.31 33.81
C TRP C 95 -7.99 12.02 34.57
N GLY C 96 -9.03 11.45 35.19
CA GLY C 96 -8.89 10.12 35.75
C GLY C 96 -8.42 9.11 34.73
N LYS C 97 -8.82 9.28 33.47
CA LYS C 97 -8.33 8.42 32.42
C LYS C 97 -6.82 8.56 32.26
N VAL C 98 -6.32 9.78 32.30
CA VAL C 98 -4.88 9.99 32.21
C VAL C 98 -4.18 9.31 33.37
N ILE C 99 -4.70 9.50 34.57
CA ILE C 99 -4.05 8.90 35.74
C ILE C 99 -4.02 7.39 35.62
N ASN C 100 -5.20 6.78 35.46
CA ASN C 100 -5.27 5.32 35.39
C ASN C 100 -4.47 4.78 34.21
N LEU C 101 -4.46 5.50 33.10
CA LEU C 101 -3.80 5.06 31.89
C LEU C 101 -2.31 5.30 31.98
N HIS C 102 -1.63 5.24 30.84
CA HIS C 102 -0.19 5.04 30.86
C HIS C 102 0.52 6.28 31.36
N GLN C 103 0.75 6.31 32.68
CA GLN C 103 2.06 6.72 33.16
C GLN C 103 2.92 5.48 33.31
N ASN C 104 2.31 4.38 33.72
CA ASN C 104 2.99 3.11 33.96
C ASN C 104 2.13 1.93 33.48
N LYS C 105 1.57 2.01 32.27
CA LYS C 105 0.59 0.99 31.87
C LYS C 105 1.20 -0.27 31.27
N ASP C 106 1.84 -0.16 30.11
CA ASP C 106 2.44 -1.28 29.38
C ASP C 106 1.43 -2.36 29.01
N CYS C 107 0.13 -2.05 28.97
CA CYS C 107 -0.83 -3.06 28.54
C CYS C 107 -0.59 -3.46 27.09
N VAL C 108 -0.06 -2.55 26.27
CA VAL C 108 0.26 -2.89 24.89
C VAL C 108 1.30 -4.01 24.84
N GLU C 109 2.36 -3.89 25.64
CA GLU C 109 3.37 -4.93 25.62
C GLU C 109 2.84 -6.22 26.22
N PHE C 110 1.96 -6.12 27.22
CA PHE C 110 1.36 -7.35 27.76
C PHE C 110 0.54 -8.08 26.70
N HIS C 111 -0.27 -7.34 25.96
CA HIS C 111 -1.07 -7.95 24.91
C HIS C 111 -0.19 -8.58 23.85
N ILE C 112 0.79 -7.84 23.34
CA ILE C 112 1.67 -8.44 22.34
C ILE C 112 2.43 -9.61 22.94
N HIS C 113 2.61 -9.62 24.26
CA HIS C 113 3.25 -10.75 24.91
C HIS C 113 2.42 -12.01 24.76
N ASN C 114 1.13 -11.92 25.08
CA ASN C 114 0.26 -13.07 24.83
C ASN C 114 0.23 -13.43 23.36
N LEU C 115 0.22 -12.42 22.48
CA LEU C 115 0.18 -12.68 21.06
C LEU C 115 1.38 -13.50 20.62
N PHE C 116 2.56 -13.14 21.11
CA PHE C 116 3.76 -13.90 20.80
C PHE C 116 3.68 -15.30 21.41
N CYS C 117 3.31 -15.39 22.69
CA CYS C 117 3.25 -16.69 23.35
C CYS C 117 2.32 -17.66 22.63
N TYR C 118 1.35 -17.15 21.87
CA TYR C 118 0.47 -18.06 21.17
C TYR C 118 0.68 -18.14 19.67
N PHE C 119 1.38 -17.16 19.06
CA PHE C 119 1.58 -17.20 17.62
C PHE C 119 2.43 -18.38 17.22
N SER C 120 3.30 -18.83 18.12
CA SER C 120 4.15 -19.98 17.83
C SER C 120 3.29 -21.22 17.61
N ALA C 121 1.97 -21.06 17.69
CA ALA C 121 1.06 -22.01 17.06
C ALA C 121 0.92 -21.65 15.57
N VAL C 122 2.07 -21.44 14.95
CA VAL C 122 2.22 -21.44 13.51
C VAL C 122 2.61 -22.86 13.14
N VAL C 123 3.11 -23.59 14.14
CA VAL C 123 3.42 -25.01 14.01
C VAL C 123 2.19 -25.74 13.51
N GLU C 124 1.01 -25.21 13.82
CA GLU C 124 -0.20 -25.79 13.24
C GLU C 124 -0.21 -25.61 11.73
N ALA C 125 -0.01 -24.37 11.29
CA ALA C 125 -0.02 -24.08 9.86
C ALA C 125 0.91 -25.03 9.12
N ILE C 126 1.78 -25.70 9.86
CA ILE C 126 2.73 -26.63 9.28
C ILE C 126 2.15 -28.05 9.21
N GLU C 127 0.94 -28.22 9.73
CA GLU C 127 0.28 -29.52 9.74
C GLU C 127 -0.52 -29.77 8.46
N ALA C 128 -0.55 -28.79 7.57
CA ALA C 128 -1.28 -28.91 6.31
C ALA C 128 -0.74 -30.04 5.45
N ALA C 129 0.58 -30.19 5.43
CA ALA C 129 1.22 -31.24 4.65
C ALA C 129 0.77 -32.62 5.12
N GLY C 130 0.69 -32.79 6.44
CA GLY C 130 0.28 -34.06 7.01
C GLY C 130 -1.22 -34.27 6.94
N LEU C 135 -3.88 -36.09 -2.53
CA LEU C 135 -3.26 -35.26 -3.56
C LEU C 135 -1.93 -35.84 -4.00
N ASP C 136 -0.84 -35.34 -3.44
CA ASP C 136 0.50 -35.82 -3.78
C ASP C 136 1.10 -36.61 -2.63
N PRO C 137 1.55 -37.83 -2.92
CA PRO C 137 2.14 -38.73 -1.93
C PRO C 137 3.62 -38.46 -1.73
N SER C 138 4.32 -38.10 -2.80
CA SER C 138 5.74 -37.82 -2.71
C SER C 138 5.97 -36.47 -2.05
N GLU C 139 5.09 -35.52 -2.31
CA GLU C 139 5.24 -34.19 -1.79
C GLU C 139 5.23 -34.14 -0.26
N MET C 140 4.39 -34.93 0.36
CA MET C 140 4.25 -34.90 1.81
C MET C 140 5.62 -35.09 2.47
N GLU C 141 6.41 -35.99 1.91
CA GLU C 141 7.76 -36.25 2.41
C GLU C 141 8.65 -35.02 2.25
N ARG C 142 8.51 -34.32 1.13
CA ARG C 142 9.29 -33.12 0.91
C ARG C 142 9.03 -32.09 2.00
N ARG C 143 7.75 -31.82 2.27
CA ARG C 143 7.43 -30.85 3.31
C ARG C 143 7.93 -31.32 4.67
N ARG C 144 7.78 -32.61 4.97
CA ARG C 144 8.25 -33.13 6.24
C ARG C 144 9.74 -32.86 6.42
N VAL C 145 10.53 -33.20 5.40
CA VAL C 145 11.97 -33.04 5.55
C VAL C 145 12.36 -31.57 5.54
N VAL C 146 11.61 -30.74 4.81
CA VAL C 146 11.86 -29.30 4.84
C VAL C 146 11.73 -28.78 6.27
N PHE C 147 10.62 -29.12 6.92
CA PHE C 147 10.42 -28.68 8.29
C PHE C 147 11.45 -29.28 9.22
N SER C 148 11.80 -30.56 9.01
CA SER C 148 12.85 -31.19 9.79
C SER C 148 14.13 -30.37 9.77
N ARG C 149 14.56 -29.99 8.57
CA ARG C 149 15.76 -29.16 8.46
C ARG C 149 15.52 -27.77 9.03
N LYS C 150 14.28 -27.30 9.01
CA LYS C 150 13.94 -26.08 9.74
C LYS C 150 14.15 -26.28 11.24
N TYR C 151 14.23 -27.53 11.69
CA TYR C 151 14.44 -27.84 13.10
C TYR C 151 15.74 -28.63 13.30
N ASP C 152 16.83 -28.13 12.72
CA ASP C 152 18.13 -28.79 12.82
C ASP C 152 18.91 -28.27 14.03
N ARG C 153 19.77 -29.14 14.57
CA ARG C 153 20.50 -28.81 15.79
C ARG C 153 21.39 -27.59 15.61
N GLU C 154 21.92 -27.39 14.41
CA GLU C 154 22.81 -26.25 14.21
C GLU C 154 22.07 -24.92 14.18
N TRP C 155 20.77 -24.91 14.44
CA TRP C 155 19.97 -23.69 14.43
C TRP C 155 19.50 -23.40 15.85
N ASN C 156 20.37 -22.77 16.62
CA ASN C 156 20.03 -22.30 17.96
C ASN C 156 20.89 -21.07 18.23
N ASP C 157 20.35 -19.90 17.94
CA ASP C 157 21.13 -18.68 18.04
C ASP C 157 20.22 -17.47 17.87
N PRO C 158 20.36 -16.44 18.71
CA PRO C 158 19.58 -15.21 18.46
C PRO C 158 19.77 -14.67 17.06
N LYS C 159 21.03 -14.49 16.62
CA LYS C 159 21.27 -13.92 15.30
C LYS C 159 20.75 -14.82 14.19
N MET C 160 21.17 -16.09 14.19
CA MET C 160 20.80 -17.00 13.12
C MET C 160 19.29 -17.13 13.00
N PHE C 161 18.61 -17.32 14.13
CA PHE C 161 17.16 -17.40 14.09
C PHE C 161 16.55 -16.09 13.63
N GLN C 162 16.82 -15.01 14.35
CA GLN C 162 16.23 -13.71 14.07
C GLN C 162 16.46 -13.27 12.64
N TRP C 163 17.42 -13.90 11.97
CA TRP C 163 17.67 -13.60 10.57
C TRP C 163 16.98 -14.59 9.63
N ARG C 164 16.92 -15.86 9.99
CA ARG C 164 16.37 -16.88 9.10
C ARG C 164 14.87 -17.07 9.25
N PHE C 165 14.26 -16.53 10.30
CA PHE C 165 12.82 -16.66 10.47
C PHE C 165 12.16 -15.40 10.99
N GLY C 166 12.88 -14.27 11.06
CA GLY C 166 12.29 -13.06 11.63
C GLY C 166 10.93 -12.74 11.05
N LYS C 167 10.80 -12.81 9.73
CA LYS C 167 9.54 -12.42 9.11
C LYS C 167 8.45 -13.47 9.27
N GLN C 168 8.82 -14.74 9.51
CA GLN C 168 7.79 -15.73 9.76
C GLN C 168 7.18 -15.62 11.14
N TYR C 169 7.94 -15.14 12.13
CA TYR C 169 7.42 -15.02 13.49
C TYR C 169 7.33 -13.56 13.92
N LEU C 170 7.05 -12.65 12.99
CA LEU C 170 6.69 -11.26 13.21
C LEU C 170 7.86 -10.35 13.60
N LEU C 171 9.06 -10.87 13.80
CA LEU C 171 10.15 -10.03 14.28
C LEU C 171 10.76 -9.26 13.12
N SER C 172 10.60 -7.94 13.14
CA SER C 172 11.28 -7.05 12.23
C SER C 172 12.53 -6.49 12.90
N ARG C 173 13.16 -5.54 12.22
CA ARG C 173 14.31 -4.85 12.78
C ARG C 173 13.92 -3.49 13.30
N ILE C 175 10.74 -4.68 13.46
CA ILE C 175 10.47 -3.58 14.37
C ILE C 175 10.53 -4.02 15.82
N CYS C 176 11.58 -4.75 16.17
CA CYS C 176 11.77 -5.22 17.53
C CYS C 176 11.94 -4.04 18.50
N SER C 177 12.67 -3.03 18.06
CA SER C 177 12.92 -1.85 18.88
C SER C 177 11.82 -0.81 18.76
N ARG C 178 10.86 -1.04 17.88
CA ARG C 178 9.76 -0.12 17.68
C ARG C 178 8.92 0.03 18.94
N PHE C 179 8.70 -1.09 19.63
CA PHE C 179 7.92 -1.10 20.87
C PHE C 179 8.31 -0.03 21.87
N GLU C 180 9.61 0.22 22.02
CA GLU C 180 10.06 1.19 23.00
C GLU C 180 9.79 2.61 22.52
N HIS C 181 9.97 2.86 21.22
CA HIS C 181 9.67 4.19 20.69
C HIS C 181 8.21 4.54 20.91
N SER C 182 7.31 3.58 20.70
CA SER C 182 5.90 3.80 20.99
C SER C 182 5.70 4.12 22.46
N TRP C 183 6.29 3.31 23.35
CA TRP C 183 6.18 3.58 24.77
C TRP C 183 6.63 4.99 25.14
N ARG C 184 7.35 5.66 24.24
CA ARG C 184 7.89 6.98 24.51
C ARG C 184 7.08 8.11 23.91
N GLU C 185 6.69 8.02 22.64
CA GLU C 185 6.05 9.16 21.99
C GLU C 185 4.69 9.45 22.61
N ASP C 186 3.98 8.41 23.06
CA ASP C 186 2.79 8.59 23.88
C ASP C 186 3.06 9.53 25.05
N ARG C 187 4.16 9.30 25.76
CA ARG C 187 4.49 10.16 26.91
C ARG C 187 4.58 11.61 26.50
N TRP C 188 5.23 11.88 25.37
CA TRP C 188 5.46 13.28 25.00
C TRP C 188 4.21 13.93 24.46
N ASN C 189 3.39 13.20 23.70
CA ASN C 189 2.08 13.73 23.35
C ASN C 189 1.27 14.05 24.60
N LEU C 190 1.39 13.20 25.61
CA LEU C 190 0.65 13.40 26.86
C LEU C 190 1.11 14.67 27.56
N VAL C 191 2.43 14.84 27.71
CA VAL C 191 2.91 16.02 28.42
C VAL C 191 2.65 17.27 27.60
N GLU C 192 2.66 17.17 26.27
CA GLU C 192 2.32 18.33 25.46
C GLU C 192 0.87 18.74 25.68
N ALA C 193 -0.04 17.75 25.71
CA ALA C 193 -1.44 18.06 25.97
C ALA C 193 -1.61 18.63 27.37
N LEU C 194 -0.86 18.10 28.33
CA LEU C 194 -0.96 18.59 29.71
C LEU C 194 -0.48 20.03 29.82
N GLN C 195 0.63 20.34 29.18
CA GLN C 195 1.12 21.72 29.17
C GLN C 195 0.11 22.64 28.49
N GLU C 196 -0.43 22.22 27.35
CA GLU C 196 -1.45 22.99 26.67
C GLU C 196 -2.64 23.26 27.59
N LYS C 197 -3.08 22.24 28.32
CA LYS C 197 -4.22 22.40 29.21
C LYS C 197 -3.88 23.37 30.35
N ARG C 198 -2.75 23.15 31.02
CA ARG C 198 -2.43 23.93 32.21
C ARG C 198 -2.13 25.39 31.89
N LYS C 199 -1.54 25.66 30.73
CA LYS C 199 -1.24 27.05 30.39
C LYS C 199 -2.37 27.71 29.61
N SER C 200 -3.26 26.91 29.03
CA SER C 200 -4.50 27.40 28.44
C SER C 200 -5.71 27.01 29.29
N ASP C 201 -5.56 27.05 30.62
CA ASP C 201 -6.65 26.70 31.51
C ASP C 201 -7.88 27.57 31.25
N SER C 202 -7.76 28.87 31.48
CA SER C 202 -8.85 29.82 31.27
C SER C 202 -10.13 29.41 32.02
N LYS C 207 -12.03 24.00 39.21
CA LYS C 207 -10.99 24.55 40.08
C LYS C 207 -10.01 23.48 40.54
N THR C 208 -8.73 23.86 40.52
CA THR C 208 -7.57 23.05 40.95
C THR C 208 -7.14 21.96 39.97
N GLU C 209 -7.76 21.93 38.79
CA GLU C 209 -7.38 20.95 37.76
C GLU C 209 -5.96 21.24 37.30
N LYS C 210 -5.66 22.51 37.14
CA LYS C 210 -4.35 22.94 36.69
C LYS C 210 -3.27 22.53 37.68
N ARG C 211 -3.57 22.66 38.98
CA ARG C 211 -2.59 22.32 39.99
C ARG C 211 -2.14 20.87 39.85
N LEU C 212 -3.09 19.97 39.58
CA LEU C 212 -2.75 18.57 39.40
C LEU C 212 -1.76 18.48 38.25
N ALA C 213 -2.17 19.01 37.10
CA ALA C 213 -1.33 18.99 35.92
C ALA C 213 0.12 19.30 36.27
N ASP C 214 0.34 20.38 37.01
CA ASP C 214 1.70 20.74 37.35
C ASP C 214 2.34 19.64 38.18
N LEU C 215 1.60 19.10 39.13
CA LEU C 215 2.13 18.02 39.92
C LEU C 215 2.37 16.82 39.02
N LEU C 216 1.40 16.53 38.16
CA LEU C 216 1.50 15.41 37.22
C LEU C 216 2.62 15.59 36.21
N LEU C 217 2.75 16.81 35.69
CA LEU C 217 3.79 17.10 34.70
C LEU C 217 5.18 16.93 35.31
N LYS C 218 5.33 17.32 36.56
CA LYS C 218 6.60 17.20 37.27
C LYS C 218 7.04 15.75 37.39
N LYS C 219 6.09 14.85 37.63
CA LYS C 219 6.42 13.44 37.77
C LYS C 219 7.07 12.94 36.49
N LEU C 220 6.55 13.39 35.35
CA LEU C 220 7.12 12.96 34.09
C LEU C 220 8.37 13.75 33.71
N THR C 221 8.76 14.71 34.54
CA THR C 221 9.94 15.51 34.25
C THR C 221 11.23 14.77 34.46
N PHE C 226 12.35 10.69 42.74
CA PHE C 226 11.74 11.72 43.56
C PHE C 226 10.36 11.28 44.04
N ASN C 227 9.70 12.15 44.80
CA ASN C 227 8.36 11.84 45.32
C ASN C 227 7.63 13.17 45.53
N GLY C 228 6.79 13.54 44.58
CA GLY C 228 6.00 14.74 44.74
C GLY C 228 5.00 14.59 45.87
N LYS C 229 3.96 13.77 45.65
CA LYS C 229 2.95 13.44 46.66
C LYS C 229 2.59 14.65 47.51
N LEU C 230 2.49 15.80 46.85
CA LEU C 230 2.44 17.08 47.55
C LEU C 230 1.20 17.26 48.41
N PHE C 231 0.02 17.28 47.80
CA PHE C 231 -1.12 17.83 48.51
C PHE C 231 -2.31 16.88 48.52
N PRO C 232 -3.26 17.09 49.44
CA PRO C 232 -4.54 16.36 49.37
C PRO C 232 -5.50 17.01 48.39
N SER C 233 -4.96 17.82 47.48
CA SER C 233 -5.72 18.43 46.40
C SER C 233 -6.65 17.42 45.76
N SER C 234 -6.21 16.17 45.66
CA SER C 234 -7.11 15.07 45.39
C SER C 234 -7.92 14.84 46.66
N ILE C 235 -9.09 15.48 46.74
CA ILE C 235 -9.89 15.47 47.97
C ILE C 235 -10.21 14.05 48.40
N LEU C 236 -10.18 13.09 47.47
CA LEU C 236 -10.27 11.66 47.78
C LEU C 236 -11.60 11.34 48.49
N LEU C 237 -12.68 11.50 47.73
CA LEU C 237 -13.98 11.12 48.27
C LEU C 237 -13.96 9.63 48.53
N GLY C 238 -13.87 9.25 49.81
CA GLY C 238 -13.47 7.91 50.19
C GLY C 238 -14.62 6.94 50.29
N SER C 239 -14.49 5.83 49.58
CA SER C 239 -15.40 4.69 49.72
C SER C 239 -14.82 3.73 50.76
N LYS C 240 -15.38 2.53 50.84
CA LYS C 240 -14.95 1.56 51.84
C LYS C 240 -13.52 1.11 51.56
N ASP C 241 -12.99 0.31 52.48
CA ASP C 241 -11.63 -0.21 52.36
C ASP C 241 -11.47 -1.53 53.12
N ASP C 272 2.49 4.54 55.00
CA ASP C 272 1.49 5.60 54.93
C ASP C 272 1.31 6.30 56.27
N LEU C 273 2.30 6.18 57.16
CA LEU C 273 2.17 6.81 58.47
C LEU C 273 3.17 7.90 58.83
N GLU C 274 4.32 7.93 58.16
CA GLU C 274 5.34 8.93 58.47
C GLU C 274 6.22 9.31 57.28
N PRO C 275 6.85 10.50 57.35
CA PRO C 275 7.74 10.97 56.29
C PRO C 275 9.15 10.44 56.46
N LEU C 276 9.30 9.13 56.26
CA LEU C 276 10.58 8.44 56.38
C LEU C 276 10.70 7.46 55.21
N SER C 277 11.92 7.04 54.90
CA SER C 277 12.17 6.13 53.78
C SER C 277 11.56 6.68 52.50
N SER C 278 11.88 7.95 52.23
CA SER C 278 11.38 8.69 51.07
C SER C 278 11.77 8.04 49.75
N GLU C 279 12.99 7.49 49.78
CA GLU C 279 13.68 6.84 48.67
C GLU C 279 13.00 5.54 48.29
N ILE C 280 12.06 5.14 49.13
CA ILE C 280 11.26 3.93 48.94
C ILE C 280 10.11 4.24 47.97
N SER C 281 10.07 5.48 47.48
CA SER C 281 9.07 5.97 46.54
C SER C 281 9.46 5.69 45.08
N SER C 282 10.59 5.02 44.87
CA SER C 282 11.03 4.67 43.53
C SER C 282 9.91 3.80 43.00
N LEU C 283 9.37 2.92 43.84
CA LEU C 283 8.22 2.17 43.38
C LEU C 283 7.55 2.84 42.20
N LEU C 284 7.54 4.17 42.19
CA LEU C 284 6.90 4.93 41.12
C LEU C 284 7.53 4.69 39.76
N ALA C 285 8.63 3.95 39.69
CA ALA C 285 9.32 3.67 38.44
C ALA C 285 9.34 2.18 38.14
N LEU C 286 8.36 1.44 38.65
CA LEU C 286 8.27 0.00 38.43
C LEU C 286 6.95 -0.25 37.71
N CYS C 287 7.01 -0.21 36.37
CA CYS C 287 5.83 -0.29 35.53
C CYS C 287 5.76 -1.64 34.82
N HIS C 288 4.61 -2.29 34.93
CA HIS C 288 4.36 -3.57 34.27
C HIS C 288 2.89 -3.90 34.44
N SER C 289 2.29 -4.48 33.41
CA SER C 289 0.87 -4.77 33.48
C SER C 289 0.56 -5.97 34.30
N ASN C 290 1.50 -6.49 35.08
CA ASN C 290 1.22 -7.55 36.03
C ASN C 290 1.49 -7.11 37.47
N ILE C 291 1.56 -5.80 37.71
CA ILE C 291 1.88 -5.25 39.02
C ILE C 291 0.99 -4.06 39.27
N LEU C 292 0.18 -4.14 40.32
CA LEU C 292 -0.71 -3.05 40.68
C LEU C 292 0.13 -1.83 41.02
N GLN C 293 0.36 -0.99 40.03
CA GLN C 293 1.16 0.23 40.21
C GLN C 293 0.72 1.06 41.40
N GLU C 311 -4.83 0.41 38.80
CA GLU C 311 -4.28 0.89 40.06
C GLU C 311 -4.92 0.16 41.23
N LEU C 312 -6.11 -0.38 41.01
CA LEU C 312 -6.83 -1.10 42.06
C LEU C 312 -7.18 -2.52 41.66
N MET C 313 -7.07 -3.44 42.62
CA MET C 313 -7.39 -4.84 42.37
C MET C 313 -8.86 -5.10 42.69
N HIS C 314 -9.59 -5.69 41.75
CA HIS C 314 -11.01 -5.96 41.96
C HIS C 314 -11.23 -6.94 43.10
N LYS C 315 -10.47 -8.03 43.09
CA LYS C 315 -10.55 -9.07 44.12
C LYS C 315 -9.22 -9.79 44.21
N ASP C 316 -8.96 -10.49 45.32
CA ASP C 316 -7.71 -11.22 45.42
C ASP C 316 -7.93 -12.70 45.13
N LEU C 317 -6.89 -13.49 45.40
CA LEU C 317 -6.94 -14.91 45.07
C LEU C 317 -7.52 -15.73 46.21
N GLN C 318 -6.91 -15.65 47.39
CA GLN C 318 -7.41 -16.39 48.55
C GLN C 318 -8.91 -16.22 48.71
N SER C 319 -9.40 -15.00 48.49
CA SER C 319 -10.84 -14.77 48.43
C SER C 319 -11.48 -15.67 47.37
N TYR C 320 -10.94 -15.66 46.17
CA TYR C 320 -11.52 -16.44 45.09
C TYR C 320 -11.36 -17.94 45.28
N MET C 321 -10.58 -18.34 46.27
CA MET C 321 -10.25 -19.75 46.40
C MET C 321 -11.33 -20.51 47.15
N LYS C 322 -11.60 -20.13 48.40
CA LYS C 322 -12.37 -20.90 49.38
C LYS C 322 -13.74 -21.33 48.91
N GLU C 323 -14.25 -20.70 47.85
CA GLU C 323 -15.55 -21.06 47.31
C GLU C 323 -15.41 -21.65 45.90
N ASN C 324 -14.17 -21.78 45.45
CA ASN C 324 -13.88 -22.32 44.13
C ASN C 324 -14.32 -23.77 43.95
N ARG C 330 -15.72 -29.43 42.30
CA ARG C 330 -15.71 -27.98 42.43
C ARG C 330 -14.43 -27.39 41.84
N TYR C 331 -14.30 -27.47 40.52
CA TYR C 331 -13.13 -26.96 39.83
C TYR C 331 -13.51 -25.82 38.88
N LEU C 332 -12.79 -24.71 38.96
CA LEU C 332 -13.07 -23.57 38.09
C LEU C 332 -11.86 -23.23 37.24
N PHE C 333 -10.75 -23.83 37.62
CA PHE C 333 -9.53 -23.58 36.94
C PHE C 333 -9.17 -24.80 36.16
N SER C 334 -9.11 -24.60 34.85
CA SER C 334 -8.70 -25.63 33.94
C SER C 334 -7.18 -25.61 33.89
N ILE C 335 -6.62 -26.67 33.35
CA ILE C 335 -5.19 -26.74 33.21
C ILE C 335 -4.91 -25.61 32.25
N PRO C 336 -5.96 -25.15 31.54
CA PRO C 336 -5.58 -24.08 30.61
C PRO C 336 -5.74 -22.67 31.17
N VAL C 337 -6.31 -22.51 32.36
CA VAL C 337 -6.31 -21.19 33.01
C VAL C 337 -5.43 -21.28 34.24
N VAL C 338 -5.26 -22.50 34.76
CA VAL C 338 -4.35 -22.70 35.88
C VAL C 338 -2.93 -22.32 35.47
N ILE C 339 -2.47 -22.86 34.34
CA ILE C 339 -1.14 -22.53 33.85
C ILE C 339 -1.03 -21.05 33.58
N ASP C 340 -2.06 -20.47 32.96
CA ASP C 340 -2.03 -19.04 32.68
C ASP C 340 -1.96 -18.24 33.96
N ILE C 341 -2.85 -18.52 34.91
CA ILE C 341 -2.83 -17.82 36.20
C ILE C 341 -1.45 -17.88 36.81
N MET C 342 -0.74 -18.98 36.58
CA MET C 342 0.64 -19.07 37.06
C MET C 342 1.54 -18.09 36.32
N LEU C 343 1.38 -18.01 35.00
CA LEU C 343 2.35 -17.28 34.19
C LEU C 343 2.28 -15.79 34.45
N GLN C 344 1.08 -15.21 34.42
CA GLN C 344 0.94 -13.78 34.64
C GLN C 344 1.69 -13.33 35.89
N ILE C 345 1.76 -14.19 36.90
CA ILE C 345 2.62 -13.91 38.05
C ILE C 345 4.07 -13.85 37.61
N ALA C 346 4.57 -14.95 37.06
CA ALA C 346 5.98 -15.04 36.68
C ALA C 346 6.37 -13.91 35.74
N ARG C 347 5.58 -13.71 34.70
CA ARG C 347 5.90 -12.71 33.71
C ARG C 347 6.04 -11.40 34.44
N GLY C 348 5.28 -11.28 35.50
CA GLY C 348 5.29 -10.06 36.28
C GLY C 348 6.25 -10.12 37.44
N MET C 349 6.59 -11.33 37.88
CA MET C 349 7.46 -11.45 39.04
C MET C 349 8.84 -10.88 38.75
N GLU C 350 9.54 -11.45 37.78
CA GLU C 350 10.95 -11.08 37.65
C GLU C 350 11.16 -9.66 37.17
N TYR C 351 10.12 -8.97 36.69
CA TYR C 351 10.29 -7.54 36.50
C TYR C 351 10.61 -6.84 37.81
N LEU C 352 10.20 -7.41 38.94
CA LEU C 352 10.67 -6.91 40.23
C LEU C 352 12.18 -6.97 40.32
N HIS C 353 12.76 -8.12 39.94
CA HIS C 353 14.20 -8.23 39.86
C HIS C 353 14.78 -7.35 38.76
N GLY C 354 13.95 -6.90 37.82
CA GLY C 354 14.37 -5.87 36.89
C GLY C 354 14.76 -4.58 37.58
N ASN C 355 14.43 -4.44 38.86
CA ASN C 355 14.98 -3.41 39.71
C ASN C 355 15.48 -4.00 41.03
N ASP C 356 15.64 -5.32 41.06
CA ASP C 356 16.20 -6.11 42.16
C ASP C 356 15.30 -6.12 43.39
N ILE C 357 14.11 -5.53 43.34
CA ILE C 357 13.19 -5.56 44.49
C ILE C 357 12.64 -6.98 44.77
N PHE C 358 12.57 -7.35 46.05
CA PHE C 358 12.10 -8.69 46.39
C PHE C 358 10.78 -8.62 47.19
N HIS C 359 9.78 -9.35 46.70
CA HIS C 359 8.46 -9.38 47.30
C HIS C 359 8.54 -9.87 48.74
N GLY C 360 9.39 -10.88 48.96
CA GLY C 360 9.60 -11.49 50.27
C GLY C 360 8.50 -12.39 50.80
N ASP C 361 7.32 -11.82 50.98
CA ASP C 361 6.19 -12.60 51.43
C ASP C 361 5.17 -12.62 50.30
N LEU C 362 4.83 -13.82 49.84
CA LEU C 362 3.84 -13.95 48.78
C LEU C 362 2.73 -14.86 49.27
N ASN C 363 1.49 -14.44 49.08
CA ASN C 363 0.38 -15.25 49.54
C ASN C 363 -0.85 -14.97 48.68
N PRO C 364 -1.74 -15.93 48.54
CA PRO C 364 -2.99 -15.68 47.81
C PRO C 364 -3.75 -14.48 48.35
N MET C 365 -3.39 -14.03 49.54
CA MET C 365 -3.85 -12.75 50.07
C MET C 365 -3.10 -11.58 49.47
N ASN C 366 -2.26 -11.80 48.46
CA ASN C 366 -1.53 -10.73 47.83
C ASN C 366 -1.54 -10.79 46.32
N ILE C 367 -2.23 -11.73 45.72
CA ILE C 367 -2.35 -11.84 44.27
C ILE C 367 -3.76 -11.42 43.92
N HIS C 368 -3.90 -10.25 43.31
CA HIS C 368 -5.21 -9.73 42.95
C HIS C 368 -5.54 -10.14 41.53
N LEU C 369 -6.38 -11.16 41.39
CA LEU C 369 -6.86 -11.57 40.08
C LEU C 369 -7.95 -10.62 39.60
N LYS C 370 -8.43 -10.86 38.39
CA LYS C 370 -9.52 -10.07 37.82
C LYS C 370 -10.24 -10.96 36.81
N GLU C 371 -11.01 -10.32 35.92
CA GLU C 371 -11.74 -11.04 34.89
C GLU C 371 -11.21 -10.64 33.52
N ARG C 372 -11.09 -11.63 32.65
CA ARG C 372 -10.53 -11.45 31.32
C ARG C 372 -11.58 -11.14 30.26
N SER C 373 -12.75 -10.64 30.67
CA SER C 373 -13.77 -10.26 29.69
C SER C 373 -14.24 -11.43 28.83
N HIS C 374 -14.12 -11.29 27.51
CA HIS C 374 -14.58 -12.33 26.59
C HIS C 374 -13.55 -13.45 26.43
N THR C 375 -13.44 -14.26 27.47
CA THR C 375 -12.53 -15.39 27.54
C THR C 375 -13.20 -16.46 28.39
N GLU C 376 -12.68 -17.68 28.32
CA GLU C 376 -13.24 -18.77 29.11
C GLU C 376 -12.66 -18.80 30.52
N GLY C 377 -13.04 -17.82 31.33
CA GLY C 377 -12.58 -17.75 32.70
C GLY C 377 -11.17 -17.22 32.91
N TYR C 378 -10.50 -16.83 31.84
CA TYR C 378 -9.15 -16.29 31.94
C TYR C 378 -9.14 -14.99 32.74
N PHE C 379 -8.14 -14.82 33.59
CA PHE C 379 -8.03 -13.63 34.40
C PHE C 379 -6.67 -12.97 34.31
N HIS C 380 -6.63 -11.66 34.49
CA HIS C 380 -5.39 -10.91 34.45
C HIS C 380 -5.10 -10.61 35.91
N ALA C 381 -3.94 -11.03 36.40
CA ALA C 381 -3.63 -10.85 37.81
C ALA C 381 -2.40 -9.97 37.97
N LYS C 382 -2.37 -9.24 39.07
CA LYS C 382 -1.21 -8.45 39.45
C LYS C 382 -0.75 -8.89 40.83
N ILE C 383 0.26 -8.22 41.37
CA ILE C 383 0.81 -8.54 42.67
C ILE C 383 0.85 -7.28 43.51
N CYS C 384 0.27 -7.33 44.71
CA CYS C 384 0.22 -6.15 45.59
C CYS C 384 0.85 -6.37 46.96
N GLY C 385 1.41 -5.31 47.51
CA GLY C 385 2.09 -5.33 48.79
C GLY C 385 3.60 -5.56 48.78
N PHE C 386 4.19 -5.72 47.60
CA PHE C 386 5.63 -5.91 47.55
C PHE C 386 6.36 -4.68 48.11
N GLY C 387 5.87 -3.50 47.72
CA GLY C 387 6.40 -2.23 48.18
C GLY C 387 5.82 -1.91 49.54
N LEU C 388 6.43 -0.97 50.26
CA LEU C 388 5.88 -0.63 51.58
C LEU C 388 6.68 -1.33 52.68
N SER C 389 7.99 -1.34 52.54
CA SER C 389 8.87 -2.05 53.45
C SER C 389 9.11 -1.31 54.76
N SER C 390 8.40 -0.21 55.00
CA SER C 390 8.56 0.51 56.26
C SER C 390 7.97 -0.28 57.42
N VAL C 391 6.67 -0.58 57.35
CA VAL C 391 6.02 -1.39 58.37
C VAL C 391 5.76 -2.78 57.81
N PRO C 405 -0.57 -17.16 58.51
CA PRO C 405 0.29 -18.22 59.04
C PRO C 405 1.63 -18.28 58.33
N VAL C 406 2.66 -18.73 59.06
CA VAL C 406 4.01 -18.79 58.49
C VAL C 406 4.17 -19.90 57.45
N ILE C 407 3.16 -20.75 57.28
CA ILE C 407 3.26 -21.86 56.35
C ILE C 407 3.46 -21.42 54.92
N TRP C 408 3.35 -20.11 54.67
CA TRP C 408 3.62 -19.57 53.34
C TRP C 408 5.04 -19.00 53.21
N TYR C 409 5.80 -19.05 54.29
CA TYR C 409 7.19 -18.61 54.27
C TYR C 409 8.12 -19.70 53.73
N ALA C 410 9.29 -19.30 53.24
CA ALA C 410 10.28 -20.24 52.72
C ALA C 410 10.87 -21.07 53.85
N PRO C 411 11.33 -22.30 53.55
CA PRO C 411 11.88 -23.13 54.60
C PRO C 411 13.10 -22.48 55.23
N GLU C 412 13.98 -21.91 54.42
CA GLU C 412 15.14 -21.20 54.95
C GLU C 412 14.75 -19.99 55.78
N VAL C 413 13.60 -19.38 55.48
CA VAL C 413 13.12 -18.28 56.31
C VAL C 413 12.29 -18.86 57.44
N LEU C 414 12.42 -20.18 57.65
CA LEU C 414 12.00 -20.77 58.92
C LEU C 414 13.05 -20.55 60.01
N ALA C 415 14.30 -20.27 59.61
CA ALA C 415 15.50 -20.21 60.46
C ALA C 415 15.60 -18.94 61.30
N GLU C 416 14.52 -18.16 61.38
CA GLU C 416 14.53 -16.92 62.14
C GLU C 416 14.66 -17.19 63.64
N MET C 417 14.31 -18.40 64.04
CA MET C 417 14.38 -18.80 65.43
C MET C 417 15.76 -18.53 66.02
N LYS C 429 15.71 -12.60 55.11
CA LYS C 429 15.28 -13.74 54.29
C LYS C 429 14.53 -13.27 53.04
N LEU C 430 15.03 -12.21 52.43
CA LEU C 430 14.42 -11.66 51.22
C LEU C 430 15.24 -12.03 49.98
N THR C 431 15.69 -13.27 49.96
CA THR C 431 16.49 -13.77 48.86
C THR C 431 15.62 -13.80 47.62
N HIS C 432 16.23 -13.56 46.47
CA HIS C 432 15.48 -13.63 45.22
C HIS C 432 15.02 -15.09 45.07
N LYS C 433 15.88 -16.02 45.48
CA LYS C 433 15.60 -17.45 45.42
C LYS C 433 14.45 -17.91 46.32
N ALA C 434 14.36 -17.30 47.49
CA ALA C 434 13.37 -17.68 48.50
C ALA C 434 11.89 -17.56 48.10
N ASP C 435 11.62 -16.54 47.29
CA ASP C 435 10.28 -16.18 46.82
C ASP C 435 9.61 -17.28 46.03
N VAL C 436 10.42 -18.13 45.41
CA VAL C 436 9.92 -19.26 44.63
C VAL C 436 9.08 -20.22 45.49
N TYR C 437 9.50 -20.43 46.73
CA TYR C 437 8.81 -21.30 47.64
C TYR C 437 7.37 -20.79 47.79
N SER C 438 7.21 -19.47 47.87
CA SER C 438 5.86 -18.91 47.96
C SER C 438 5.14 -19.05 46.63
N PHE C 439 5.80 -18.65 45.54
CA PHE C 439 5.24 -18.87 44.21
C PHE C 439 4.82 -20.32 44.04
N ALA C 440 5.73 -21.25 44.31
CA ALA C 440 5.38 -22.66 44.26
C ALA C 440 4.22 -22.96 45.18
N MET C 441 4.28 -22.45 46.41
CA MET C 441 3.20 -22.68 47.36
C MET C 441 1.88 -22.18 46.81
N VAL C 442 1.89 -21.02 46.16
CA VAL C 442 0.67 -20.49 45.56
C VAL C 442 0.15 -21.45 44.50
N CYS C 443 1.02 -21.84 43.57
CA CYS C 443 0.63 -22.80 42.56
C CYS C 443 0.11 -24.08 43.20
N PHE C 444 0.68 -24.47 44.34
CA PHE C 444 0.25 -25.68 45.03
C PHE C 444 -1.24 -25.63 45.31
N GLU C 445 -1.73 -24.47 45.76
CA GLU C 445 -3.17 -24.31 45.95
C GLU C 445 -3.89 -24.41 44.61
N LEU C 446 -3.46 -23.63 43.63
CA LEU C 446 -4.19 -23.51 42.37
C LEU C 446 -4.47 -24.87 41.74
N ILE C 447 -3.44 -25.71 41.63
CA ILE C 447 -3.63 -27.04 41.07
C ILE C 447 -4.67 -27.80 41.88
N THR C 448 -4.42 -27.94 43.18
CA THR C 448 -5.27 -28.80 44.00
C THR C 448 -6.54 -28.10 44.44
N GLY C 449 -6.47 -26.80 44.63
CA GLY C 449 -7.62 -26.03 45.09
C GLY C 449 -7.78 -26.19 46.60
N LYS C 450 -6.83 -26.85 47.24
CA LYS C 450 -6.84 -27.09 48.67
C LYS C 450 -5.56 -26.56 49.30
N VAL C 451 -5.71 -25.80 50.38
CA VAL C 451 -4.55 -25.23 51.06
C VAL C 451 -3.66 -26.32 51.66
N PRO C 452 -2.34 -26.10 51.64
CA PRO C 452 -1.37 -27.07 52.15
C PRO C 452 -1.63 -27.39 53.62
N PHE C 453 -1.53 -28.68 53.95
CA PHE C 453 -1.70 -29.34 55.27
C PHE C 453 -3.15 -29.59 55.61
N GLU C 454 -3.41 -30.53 56.52
CA GLU C 454 -4.78 -30.84 56.90
C GLU C 454 -5.43 -29.65 57.60
N MET C 463 4.44 -29.09 62.86
CA MET C 463 4.38 -29.13 61.40
C MET C 463 5.45 -28.22 60.80
N THR C 464 5.67 -27.06 61.43
CA THR C 464 6.66 -26.09 60.99
C THR C 464 8.07 -26.70 61.05
N ILE C 465 8.34 -27.50 62.08
CA ILE C 465 9.63 -28.17 62.25
C ILE C 465 9.90 -29.11 61.08
N ASN C 466 8.85 -29.81 60.63
CA ASN C 466 8.94 -30.73 59.50
C ASN C 466 9.33 -30.00 58.21
N ILE C 467 8.81 -28.77 58.04
CA ILE C 467 9.11 -27.95 56.88
C ILE C 467 10.61 -27.65 56.79
N ARG C 468 11.25 -27.41 57.92
CA ARG C 468 12.70 -27.17 57.91
C ARG C 468 13.41 -28.45 57.43
N MET C 469 12.94 -29.59 57.93
CA MET C 469 13.47 -30.89 57.53
C MET C 469 13.34 -31.09 56.02
N GLY C 470 12.23 -30.60 55.44
CA GLY C 470 11.98 -30.71 54.02
C GLY C 470 10.80 -31.54 53.58
N GLU C 471 10.06 -32.12 54.52
CA GLU C 471 8.88 -32.89 54.17
C GLU C 471 7.87 -31.90 53.57
N ARG C 472 7.20 -32.29 52.49
CA ARG C 472 6.24 -31.39 51.85
C ARG C 472 4.90 -32.07 51.54
N PRO C 473 3.82 -31.28 51.54
CA PRO C 473 2.50 -31.81 51.22
C PRO C 473 2.45 -32.35 49.80
N LEU C 474 1.64 -33.38 49.59
CA LEU C 474 1.57 -34.02 48.29
C LEU C 474 0.22 -33.89 47.60
N PHE C 475 0.30 -33.52 46.32
CA PHE C 475 -0.89 -33.35 45.50
C PHE C 475 -1.51 -34.70 45.16
N PRO C 476 -2.80 -34.70 44.85
CA PRO C 476 -3.64 -35.86 44.52
C PRO C 476 -3.32 -36.48 43.16
N PHE C 477 -3.81 -37.70 42.98
CA PHE C 477 -3.62 -38.49 41.76
C PHE C 477 -4.23 -37.82 40.53
N PRO C 478 -5.38 -37.15 40.69
CA PRO C 478 -6.05 -36.46 39.58
C PRO C 478 -5.17 -35.39 38.92
N SER C 479 -4.33 -34.69 39.69
CA SER C 479 -3.47 -33.66 39.12
C SER C 479 -2.57 -34.26 38.04
N PRO C 480 -2.38 -33.53 36.94
CA PRO C 480 -1.65 -33.95 35.74
C PRO C 480 -0.14 -33.99 35.98
N LYS C 481 0.54 -34.75 35.16
CA LYS C 481 1.99 -34.92 35.27
C LYS C 481 2.85 -33.69 35.04
N THR C 482 2.50 -32.88 34.04
CA THR C 482 3.30 -31.71 33.70
C THR C 482 3.41 -30.66 34.80
N LEU C 483 2.28 -30.33 35.43
CA LEU C 483 2.28 -29.34 36.50
C LEU C 483 3.05 -29.77 37.75
N VAL C 484 2.89 -31.04 38.11
CA VAL C 484 3.51 -31.59 39.30
C VAL C 484 5.04 -31.58 39.28
N SER C 485 5.62 -31.90 38.12
CA SER C 485 7.07 -31.93 38.04
C SER C 485 7.71 -30.58 38.30
N LEU C 486 7.13 -29.52 37.73
CA LEU C 486 7.69 -28.18 37.90
C LEU C 486 7.65 -27.66 39.34
N ILE C 487 6.52 -27.85 40.00
CA ILE C 487 6.40 -27.38 41.38
C ILE C 487 7.34 -28.11 42.34
N LYS C 488 7.46 -29.41 42.17
CA LYS C 488 8.30 -30.21 43.06
C LYS C 488 9.77 -29.82 42.99
N ARG C 489 10.27 -29.55 41.79
CA ARG C 489 11.67 -29.16 41.65
C ARG C 489 11.95 -27.87 42.40
N CYS C 490 11.02 -26.92 42.30
CA CYS C 490 11.17 -25.68 43.03
C CYS C 490 11.10 -26.02 44.51
N TRP C 491 10.23 -26.98 44.83
CA TRP C 491 9.98 -27.40 46.21
C TRP C 491 11.22 -27.81 47.02
N HIS C 492 12.29 -28.22 46.35
CA HIS C 492 13.49 -28.68 47.06
C HIS C 492 14.05 -27.63 48.01
N SER C 493 14.55 -28.10 49.14
CA SER C 493 15.05 -27.26 50.23
C SER C 493 16.22 -26.32 49.93
N GLU C 494 17.21 -26.76 49.17
CA GLU C 494 18.33 -25.87 48.89
C GLU C 494 17.82 -24.64 48.15
N PRO C 495 18.23 -23.45 48.60
CA PRO C 495 17.73 -22.25 47.91
C PRO C 495 18.36 -22.02 46.55
N SER C 496 19.60 -22.48 46.35
CA SER C 496 20.24 -22.27 45.06
C SER C 496 19.68 -23.22 44.01
N GLN C 497 19.34 -24.44 44.41
CA GLN C 497 18.82 -25.40 43.43
C GLN C 497 17.39 -25.11 43.03
N ARG C 498 16.77 -24.07 43.58
CA ARG C 498 15.46 -23.78 43.00
C ARG C 498 15.60 -22.71 41.92
N PRO C 499 14.89 -22.88 40.81
CA PRO C 499 15.18 -22.06 39.62
C PRO C 499 14.64 -20.65 39.73
N ASN C 500 15.34 -19.73 39.07
CA ASN C 500 14.90 -18.35 39.06
C ASN C 500 13.67 -18.21 38.16
N PHE C 501 13.10 -17.00 38.18
CA PHE C 501 11.86 -16.77 37.44
C PHE C 501 12.08 -16.90 35.94
N SER C 502 13.11 -16.24 35.42
CA SER C 502 13.48 -16.42 34.01
C SER C 502 13.57 -17.89 33.67
N SER C 503 14.15 -18.68 34.56
CA SER C 503 14.27 -20.11 34.35
C SER C 503 12.94 -20.83 34.52
N ILE C 504 11.91 -20.17 35.03
CA ILE C 504 10.63 -20.81 35.22
C ILE C 504 9.50 -20.18 34.42
N CYS C 505 9.63 -18.93 33.98
CA CYS C 505 8.57 -18.35 33.17
C CYS C 505 8.49 -19.05 31.82
N ARG C 506 9.59 -19.03 31.06
CA ARG C 506 9.55 -19.54 29.70
C ARG C 506 9.08 -20.98 29.65
N ILE C 507 9.47 -21.80 30.61
CA ILE C 507 9.06 -23.19 30.56
C ILE C 507 7.55 -23.32 30.75
N LEU C 508 6.96 -22.45 31.57
CA LEU C 508 5.50 -22.44 31.68
C LEU C 508 4.87 -22.13 30.32
N ARG C 509 5.32 -21.05 29.69
CA ARG C 509 4.73 -20.67 28.40
C ARG C 509 4.94 -21.76 27.36
N TYR C 510 5.99 -22.57 27.50
CA TYR C 510 6.13 -23.71 26.62
C TYR C 510 4.99 -24.70 26.83
N ILE C 511 4.62 -24.93 28.10
CA ILE C 511 3.47 -25.80 28.37
C ILE C 511 2.22 -25.23 27.71
N LYS C 512 2.09 -23.89 27.74
CA LYS C 512 0.96 -23.25 27.09
C LYS C 512 0.91 -23.63 25.61
N LYS C 513 2.03 -23.44 24.91
CA LYS C 513 2.08 -23.77 23.49
C LYS C 513 1.74 -25.23 23.26
N PHE C 514 2.26 -26.12 24.10
CA PHE C 514 1.96 -27.53 23.93
C PHE C 514 0.47 -27.81 24.10
N LEU C 515 -0.14 -27.21 25.12
CA LEU C 515 -1.57 -27.42 25.34
C LEU C 515 -2.39 -26.88 24.17
N VAL C 516 -2.11 -25.64 23.77
CA VAL C 516 -2.84 -25.06 22.63
C VAL C 516 -2.68 -25.92 21.40
N VAL C 517 -1.53 -26.60 21.27
CA VAL C 517 -1.32 -27.45 20.11
C VAL C 517 -2.12 -28.74 20.22
N ASN C 518 -2.35 -29.19 21.44
CA ASN C 518 -3.10 -30.42 21.65
C ASN C 518 -4.29 -30.22 22.58
N PRO C 519 -5.49 -30.01 22.00
CA PRO C 519 -6.69 -29.81 22.80
C PRO C 519 -6.96 -31.05 23.64
N ASP C 520 -6.80 -32.23 23.04
CA ASP C 520 -7.01 -33.48 23.74
C ASP C 520 -5.92 -33.62 24.81
N HIS C 521 -6.31 -34.16 25.96
CA HIS C 521 -5.38 -34.36 27.08
C HIS C 521 -4.57 -33.11 27.40
N THR C 528 0.09 -37.71 25.84
CA THR C 528 1.17 -37.57 26.81
C THR C 528 1.96 -36.28 26.61
N PRO C 529 2.38 -35.66 27.70
CA PRO C 529 3.37 -34.58 27.59
C PRO C 529 4.66 -35.11 27.00
N LEU C 530 5.43 -34.21 26.42
CA LEU C 530 6.67 -34.60 25.77
C LEU C 530 7.64 -35.24 26.76
N VAL C 531 8.08 -34.47 27.74
CA VAL C 531 9.00 -34.94 28.77
C VAL C 531 8.77 -34.06 30.00
N ASP C 532 9.51 -34.36 31.07
CA ASP C 532 9.43 -33.48 32.21
C ASP C 532 9.97 -32.19 31.61
N CYS C 533 9.28 -31.09 31.86
CA CYS C 533 9.67 -29.79 31.31
C CYS C 533 11.00 -29.23 31.79
N TRP C 534 11.33 -29.53 33.05
CA TRP C 534 12.53 -29.02 33.69
C TRP C 534 13.83 -29.43 33.00
N ASP C 535 13.89 -30.66 32.51
CA ASP C 535 15.10 -31.13 31.84
C ASP C 535 15.42 -30.31 30.60
N LEU C 536 14.39 -29.98 29.82
CA LEU C 536 14.57 -29.20 28.60
C LEU C 536 15.11 -27.79 28.86
N GLU C 537 14.60 -27.14 29.90
CA GLU C 537 15.02 -25.78 30.22
C GLU C 537 16.51 -25.69 30.54
N ALA C 538 17.01 -26.68 31.27
CA ALA C 538 18.41 -26.70 31.66
C ALA C 538 19.32 -26.55 30.46
N ARG C 539 18.93 -27.16 29.34
CA ARG C 539 19.70 -27.10 28.11
C ARG C 539 19.82 -25.66 27.62
N PHE C 540 18.68 -24.99 27.51
CA PHE C 540 18.62 -23.61 27.08
C PHE C 540 19.32 -22.75 28.12
N LEU C 541 19.08 -23.08 29.38
CA LEU C 541 19.73 -22.41 30.49
C LEU C 541 21.23 -22.71 30.53
N ARG C 542 21.59 -23.95 30.20
CA ARG C 542 22.97 -24.43 30.30
C ARG C 542 24.11 -23.75 29.52
N LYS C 543 23.92 -23.43 28.25
CA LYS C 543 25.01 -22.78 27.51
C LYS C 543 24.61 -21.40 27.02
N PHE C 544 23.59 -21.38 26.19
CA PHE C 544 23.03 -20.15 25.64
C PHE C 544 22.90 -19.04 26.69
N PRO C 545 22.49 -19.41 27.90
CA PRO C 545 22.29 -18.44 28.98
C PRO C 545 23.58 -17.75 29.38
N GLY C 546 23.51 -16.47 29.67
CA GLY C 546 24.67 -15.69 30.06
C GLY C 546 24.56 -14.24 29.66
N SER C 550 21.67 -12.58 31.34
CA SER C 550 20.27 -12.19 31.24
C SER C 550 19.72 -11.89 32.63
N HIS C 551 19.74 -10.61 33.01
CA HIS C 551 19.07 -10.17 34.23
C HIS C 551 17.59 -9.92 34.00
N THR C 552 17.23 -9.36 32.85
CA THR C 552 15.84 -9.17 32.46
C THR C 552 15.67 -9.62 31.02
N ALA C 553 14.46 -10.06 30.68
CA ALA C 553 14.13 -10.49 29.33
C ALA C 553 12.90 -9.75 28.85
N SER C 554 12.93 -9.37 27.57
CA SER C 554 11.83 -8.65 26.95
C SER C 554 11.09 -9.56 25.98
N VAL C 555 9.97 -9.05 25.47
CA VAL C 555 9.07 -9.87 24.67
C VAL C 555 9.69 -10.33 23.38
N ASN C 556 10.73 -9.66 22.90
CA ASN C 556 11.30 -10.03 21.60
C ASN C 556 11.86 -11.44 21.59
N GLN C 557 12.32 -11.89 22.75
CA GLN C 557 12.94 -13.22 22.93
C GLN C 557 11.99 -14.40 22.85
N ILE C 558 10.70 -14.14 22.93
CA ILE C 558 9.70 -15.20 22.96
C ILE C 558 9.65 -16.13 21.75
N PRO C 559 9.80 -15.58 20.53
CA PRO C 559 9.75 -16.52 19.40
C PRO C 559 10.92 -17.51 19.45
N PHE C 560 12.09 -17.01 19.81
CA PHE C 560 13.31 -17.81 19.93
C PHE C 560 13.16 -18.83 21.04
N GLN C 561 12.76 -18.38 22.22
CA GLN C 561 12.67 -19.29 23.36
C GLN C 561 11.68 -20.41 23.09
N LEU C 562 10.55 -20.08 22.48
CA LEU C 562 9.55 -21.09 22.15
C LEU C 562 10.08 -22.12 21.16
N THR C 563 10.86 -21.66 20.18
CA THR C 563 11.41 -22.54 19.15
C THR C 563 12.49 -23.44 19.73
N SER C 564 13.34 -22.87 20.57
CA SER C 564 14.50 -23.59 21.06
C SER C 564 14.08 -24.89 21.71
N TYR C 565 12.98 -24.87 22.46
CA TYR C 565 12.51 -26.10 23.08
C TYR C 565 12.09 -27.11 22.00
N ARG C 566 11.46 -26.62 20.94
CA ARG C 566 11.05 -27.50 19.85
C ARG C 566 12.30 -28.14 19.25
N VAL C 567 13.33 -27.33 19.07
CA VAL C 567 14.60 -27.84 18.56
C VAL C 567 15.27 -28.74 19.60
N LEU C 568 15.43 -28.20 20.81
CA LEU C 568 16.07 -28.96 21.88
C LEU C 568 15.37 -30.29 22.17
N GLU C 569 14.05 -30.27 22.15
CA GLU C 569 13.30 -31.48 22.43
C GLU C 569 13.57 -32.59 21.42
N LYS C 570 13.73 -32.23 20.16
CA LYS C 570 13.99 -33.23 19.12
C LYS C 570 15.32 -33.94 19.38
N GLU C 571 16.32 -33.19 19.80
CA GLU C 571 17.64 -33.76 20.08
C GLU C 571 17.57 -34.78 21.20
N LYS C 572 16.79 -34.48 22.24
CA LYS C 572 16.63 -35.35 23.40
C LYS C 572 17.99 -35.80 23.96
N ALA D 1 30.86 2.86 -9.43
CA ALA D 1 30.75 2.55 -8.01
C ALA D 1 29.55 1.64 -7.75
N ALA D 2 29.70 0.71 -6.80
CA ALA D 2 28.68 -0.29 -6.57
C ALA D 2 27.36 0.34 -6.13
N MET D 3 27.36 0.97 -4.96
CA MET D 3 26.14 1.58 -4.45
C MET D 3 25.61 2.62 -5.43
N GLU D 4 26.51 3.36 -6.07
CA GLU D 4 26.07 4.34 -7.06
C GLU D 4 25.26 3.69 -8.16
N GLN D 5 25.67 2.49 -8.58
CA GLN D 5 24.91 1.79 -9.61
C GLN D 5 23.48 1.54 -9.15
N PHE D 6 23.30 1.25 -7.87
CA PHE D 6 21.95 1.05 -7.33
C PHE D 6 21.11 2.30 -7.50
N ARG D 7 21.67 3.46 -7.11
CA ARG D 7 20.99 4.71 -7.33
C ARG D 7 20.57 4.88 -8.78
N GLN D 8 21.34 4.33 -9.70
CA GLN D 8 20.94 4.37 -11.11
C GLN D 8 19.68 3.54 -11.34
N ILE D 9 19.59 2.39 -10.69
CA ILE D 9 18.35 1.61 -10.76
C ILE D 9 17.19 2.45 -10.25
N GLY D 10 17.41 3.15 -9.15
CA GLY D 10 16.37 4.02 -8.63
C GLY D 10 15.95 5.06 -9.66
N GLU D 11 16.92 5.70 -10.29
CA GLU D 11 16.62 6.73 -11.27
C GLU D 11 15.81 6.16 -12.43
N VAL D 12 16.24 5.02 -12.96
CA VAL D 12 15.54 4.44 -14.10
C VAL D 12 14.12 4.04 -13.73
N LEU D 13 13.97 3.42 -12.56
CA LEU D 13 12.65 2.96 -12.17
C LEU D 13 11.72 4.14 -11.91
N GLY D 14 12.26 5.20 -11.32
CA GLY D 14 11.46 6.41 -11.17
C GLY D 14 11.03 6.98 -12.50
N SER D 15 11.93 6.98 -13.48
CA SER D 15 11.57 7.42 -14.82
C SER D 15 10.41 6.60 -15.35
N LEU D 16 10.52 5.27 -15.26
CA LEU D 16 9.46 4.40 -15.74
C LEU D 16 8.15 4.71 -15.05
N ASN D 17 8.18 4.86 -13.73
CA ASN D 17 6.95 5.08 -12.98
C ASN D 17 6.32 6.41 -13.33
N ALA D 18 7.15 7.44 -13.54
CA ALA D 18 6.62 8.73 -13.93
C ALA D 18 5.93 8.65 -15.28
N LEU D 19 6.57 7.99 -16.24
CA LEU D 19 5.93 7.82 -17.54
C LEU D 19 4.63 7.05 -17.42
N MET D 20 4.61 6.02 -16.57
CA MET D 20 3.47 5.13 -16.50
C MET D 20 2.29 5.71 -15.73
N VAL D 21 2.53 6.64 -14.81
CA VAL D 21 1.43 7.14 -14.00
C VAL D 21 0.41 7.87 -14.87
N LEU D 22 0.80 8.27 -16.08
CA LEU D 22 -0.12 8.89 -17.03
C LEU D 22 -0.54 7.84 -18.06
N GLN D 23 -1.30 6.85 -17.57
CA GLN D 23 -1.41 5.56 -18.22
C GLN D 23 -2.51 5.48 -19.27
N ASP D 24 -3.73 5.92 -18.92
CA ASP D 24 -4.91 5.56 -19.71
C ASP D 24 -4.87 6.08 -21.14
N ASP D 25 -3.88 6.88 -21.51
CA ASP D 25 -3.82 7.39 -22.87
C ASP D 25 -3.37 6.31 -23.85
N ILE D 26 -2.80 5.21 -23.35
CA ILE D 26 -2.31 4.17 -24.24
C ILE D 26 -3.47 3.36 -24.78
N LEU D 27 -3.40 3.03 -26.06
CA LEU D 27 -4.45 2.28 -26.72
C LEU D 27 -3.97 0.93 -27.25
N ILE D 28 -2.77 0.49 -26.88
CA ILE D 28 -2.24 -0.82 -27.28
C ILE D 28 -1.87 -1.64 -26.07
N ASN D 29 -0.90 -1.18 -25.29
CA ASN D 29 -0.59 -1.70 -23.98
C ASN D 29 -1.32 -0.86 -22.94
N GLN D 30 -0.81 -0.85 -21.71
CA GLN D 30 -1.45 -0.51 -20.43
C GLN D 30 -2.10 -1.74 -19.83
N ARG D 31 -2.01 -2.89 -20.50
CA ARG D 31 -2.10 -4.16 -19.82
C ARG D 31 -0.86 -5.01 -19.98
N GLN D 32 0.00 -4.70 -20.95
CA GLN D 32 1.30 -5.33 -21.05
C GLN D 32 2.34 -4.55 -20.26
N CYS D 33 2.51 -3.27 -20.61
CA CYS D 33 3.48 -2.44 -19.92
C CYS D 33 3.19 -2.33 -18.43
N CYS D 34 1.92 -2.42 -18.03
CA CYS D 34 1.62 -2.44 -16.61
C CYS D 34 2.27 -3.65 -15.93
N LEU D 35 2.23 -4.80 -16.60
CA LEU D 35 2.97 -5.95 -16.08
C LEU D 35 4.45 -5.61 -15.92
N LEU D 36 5.00 -4.87 -16.88
CA LEU D 36 6.41 -4.49 -16.78
C LEU D 36 6.64 -3.64 -15.54
N LEU D 37 5.77 -2.65 -15.32
CA LEU D 37 5.95 -1.78 -14.16
C LEU D 37 5.87 -2.59 -12.88
N GLU D 38 4.89 -3.49 -12.77
CA GLU D 38 4.74 -4.27 -11.55
C GLU D 38 5.97 -5.15 -11.33
N LEU D 39 6.39 -5.87 -12.37
CA LEU D 39 7.54 -6.75 -12.23
C LEU D 39 8.79 -5.97 -11.85
N PHE D 40 9.01 -4.83 -12.49
CA PHE D 40 10.23 -4.08 -12.21
C PHE D 40 10.19 -3.53 -10.80
N SER D 41 9.05 -3.04 -10.35
CA SER D 41 8.94 -2.56 -8.98
C SER D 41 9.21 -3.70 -8.01
N LEU D 42 8.69 -4.89 -8.30
CA LEU D 42 8.92 -6.03 -7.42
C LEU D 42 10.40 -6.39 -7.38
N ALA D 43 11.05 -6.38 -8.55
CA ALA D 43 12.47 -6.72 -8.61
C ALA D 43 13.29 -5.74 -7.80
N PHE D 44 13.05 -4.45 -8.00
CA PHE D 44 13.78 -3.43 -7.26
C PHE D 44 13.55 -3.58 -5.77
N ASN D 45 12.28 -3.75 -5.38
CA ASN D 45 11.97 -3.85 -3.95
C ASN D 45 12.62 -5.06 -3.33
N THR D 46 12.64 -6.18 -4.04
CA THR D 46 13.18 -7.39 -3.43
C THR D 46 14.71 -7.37 -3.38
N VAL D 47 15.37 -6.79 -4.39
CA VAL D 47 16.82 -6.68 -4.29
C VAL D 47 17.19 -5.70 -3.19
N ALA D 48 16.43 -4.62 -3.04
CA ALA D 48 16.67 -3.69 -1.95
C ALA D 48 16.47 -4.37 -0.60
N GLU D 49 15.40 -5.14 -0.47
CA GLU D 49 15.13 -5.83 0.79
C GLU D 49 16.26 -6.78 1.14
N GLU D 50 16.68 -7.60 0.19
CA GLU D 50 17.70 -8.60 0.50
C GLU D 50 19.04 -7.92 0.76
N ILE D 51 19.30 -6.79 0.11
CA ILE D 51 20.49 -6.00 0.46
C ILE D 51 20.41 -5.55 1.90
N ARG D 52 19.31 -4.90 2.26
CA ARG D 52 19.13 -4.40 3.63
C ARG D 52 19.25 -5.50 4.66
N GLN D 53 18.83 -6.71 4.31
CA GLN D 53 18.83 -7.80 5.26
C GLN D 53 20.18 -8.50 5.37
N ASN D 54 20.93 -8.61 4.27
CA ASN D 54 22.15 -9.40 4.27
C ASN D 54 23.42 -8.61 4.09
N LEU D 55 23.35 -7.30 3.93
CA LEU D 55 24.55 -6.47 3.92
C LEU D 55 24.57 -5.57 5.14
N LYS D 56 25.61 -4.73 5.22
CA LYS D 56 25.70 -3.70 6.24
C LYS D 56 26.11 -2.40 5.55
N LEU D 57 25.35 -1.34 5.79
CA LEU D 57 25.36 -0.19 4.90
C LEU D 57 26.49 0.78 5.17
N GLU D 58 27.55 0.35 5.86
CA GLU D 58 28.69 1.22 6.09
C GLU D 58 29.82 0.99 5.11
N GLU D 59 30.13 -0.27 4.79
CA GLU D 59 31.23 -0.56 3.87
C GLU D 59 30.82 -0.29 2.44
N LYS D 60 30.40 0.94 2.16
CA LYS D 60 29.87 1.28 0.85
C LYS D 60 30.92 1.25 -0.25
N HIS D 61 32.20 1.31 0.10
CA HIS D 61 33.26 1.38 -0.90
C HIS D 61 34.29 0.28 -0.77
N THR D 62 34.13 -0.65 0.17
CA THR D 62 35.15 -1.65 0.43
C THR D 62 34.68 -3.05 0.11
N LYS D 63 33.55 -3.49 0.69
CA LYS D 63 33.14 -4.89 0.58
C LYS D 63 31.85 -5.05 -0.20
N TRP D 64 31.53 -4.11 -1.09
CA TRP D 64 30.46 -4.27 -2.06
C TRP D 64 30.99 -4.37 -3.47
N ARG D 65 32.30 -4.20 -3.67
CA ARG D 65 32.91 -4.14 -4.99
C ARG D 65 32.45 -5.28 -5.89
N ALA D 66 32.07 -6.42 -5.33
CA ALA D 66 31.61 -7.54 -6.15
C ALA D 66 30.28 -7.26 -6.81
N LEU D 67 29.51 -6.28 -6.32
CA LEU D 67 28.17 -6.03 -6.84
C LEU D 67 28.15 -5.27 -8.16
N GLU D 68 29.28 -4.76 -8.64
CA GLU D 68 29.26 -3.81 -9.74
C GLU D 68 28.64 -4.37 -11.01
N GLN D 69 29.28 -5.38 -11.60
CA GLN D 69 28.83 -5.87 -12.91
C GLN D 69 27.38 -6.34 -12.92
N PRO D 70 26.91 -7.13 -11.97
CA PRO D 70 25.50 -7.56 -12.05
C PRO D 70 24.53 -6.40 -12.00
N LEU D 71 24.75 -5.47 -11.08
CA LEU D 71 23.84 -4.33 -11.00
C LEU D 71 23.93 -3.45 -12.24
N ARG D 72 25.11 -3.39 -12.86
CA ARG D 72 25.21 -2.63 -14.10
C ARG D 72 24.39 -3.28 -15.21
N GLU D 73 24.50 -4.59 -15.33
CA GLU D 73 23.67 -5.27 -16.31
C GLU D 73 22.18 -5.07 -15.98
N LEU D 74 21.87 -5.00 -14.69
CA LEU D 74 20.48 -4.76 -14.31
C LEU D 74 20.02 -3.38 -14.77
N THR D 75 20.85 -2.35 -14.58
CA THR D 75 20.42 -1.04 -15.08
C THR D 75 20.28 -1.07 -16.58
N ARG D 76 21.07 -1.90 -17.27
CA ARG D 76 20.87 -2.03 -18.71
C ARG D 76 19.49 -2.55 -19.03
N VAL D 77 19.10 -3.67 -18.43
CA VAL D 77 17.82 -4.28 -18.78
C VAL D 77 16.67 -3.38 -18.36
N PHE D 78 16.79 -2.73 -17.21
CA PHE D 78 15.76 -1.78 -16.80
C PHE D 78 15.63 -0.66 -17.82
N LYS D 79 16.76 -0.15 -18.29
CA LYS D 79 16.75 0.92 -19.28
C LYS D 79 16.10 0.43 -20.56
N GLU D 80 16.39 -0.81 -20.94
CA GLU D 80 15.85 -1.39 -22.16
C GLU D 80 14.33 -1.46 -22.08
N GLY D 81 13.84 -1.86 -20.92
CA GLY D 81 12.42 -1.98 -20.67
C GLY D 81 11.72 -0.63 -20.69
N GLU D 82 12.33 0.37 -20.04
CA GLU D 82 11.75 1.70 -20.06
C GLU D 82 11.66 2.23 -21.48
N LEU D 83 12.67 1.96 -22.31
CA LEU D 83 12.65 2.46 -23.67
C LEU D 83 11.57 1.78 -24.49
N TYR D 84 11.31 0.50 -24.23
CA TYR D 84 10.18 -0.16 -24.88
C TYR D 84 8.89 0.51 -24.46
N VAL D 85 8.72 0.76 -23.17
CA VAL D 85 7.51 1.43 -22.71
C VAL D 85 7.38 2.78 -23.40
N LYS D 86 8.49 3.47 -23.60
CA LYS D 86 8.45 4.75 -24.31
C LYS D 86 7.94 4.56 -25.72
N HIS D 87 8.58 3.66 -26.49
CA HIS D 87 8.16 3.44 -27.87
C HIS D 87 6.70 3.06 -27.95
N CYS D 88 6.19 2.38 -26.92
CA CYS D 88 4.77 2.07 -26.91
C CYS D 88 3.93 3.27 -26.51
N MET D 89 4.52 4.24 -25.82
CA MET D 89 3.79 5.43 -25.41
C MET D 89 3.83 6.54 -26.45
N ASP D 90 4.63 6.38 -27.50
CA ASP D 90 4.79 7.43 -28.50
C ASP D 90 3.46 7.72 -29.19
N ASN D 91 3.29 8.96 -29.61
CA ASN D 91 2.13 9.37 -30.41
C ASN D 91 2.55 9.52 -31.88
N SER D 92 2.69 8.39 -32.55
CA SER D 92 3.14 8.38 -33.94
C SER D 92 2.33 7.38 -34.75
N ASP D 93 1.40 7.90 -35.56
CA ASP D 93 0.68 7.11 -36.56
C ASP D 93 -0.03 5.93 -35.90
N TRP D 94 -1.03 6.29 -35.08
CA TRP D 94 -1.77 5.33 -34.27
C TRP D 94 -2.15 4.08 -35.04
N TRP D 95 -2.48 4.21 -36.32
CA TRP D 95 -2.88 3.05 -37.11
C TRP D 95 -1.67 2.19 -37.44
N GLY D 96 -0.65 2.78 -38.05
CA GLY D 96 0.60 2.08 -38.21
C GLY D 96 1.16 1.59 -36.89
N LYS D 97 0.93 2.34 -35.82
CA LYS D 97 1.34 1.88 -34.51
C LYS D 97 0.62 0.61 -34.12
N VAL D 98 -0.68 0.53 -34.39
CA VAL D 98 -1.42 -0.68 -34.09
C VAL D 98 -0.86 -1.84 -34.88
N ILE D 99 -0.61 -1.63 -36.18
CA ILE D 99 -0.09 -2.71 -37.01
C ILE D 99 1.25 -3.20 -36.50
N ASN D 100 2.21 -2.28 -36.38
CA ASN D 100 3.55 -2.66 -35.95
C ASN D 100 3.54 -3.26 -34.55
N LEU D 101 2.67 -2.74 -33.69
CA LEU D 101 2.59 -3.17 -32.30
C LEU D 101 1.84 -4.47 -32.18
N HIS D 102 1.43 -4.82 -30.97
CA HIS D 102 1.08 -6.20 -30.67
C HIS D 102 -0.22 -6.58 -31.36
N GLN D 103 -0.10 -7.12 -32.56
CA GLN D 103 -0.87 -8.29 -32.89
C GLN D 103 -0.04 -9.52 -32.54
N ASN D 104 1.27 -9.43 -32.76
CA ASN D 104 2.22 -10.51 -32.53
C ASN D 104 3.52 -9.99 -31.92
N LYS D 105 3.44 -9.14 -30.88
CA LYS D 105 4.66 -8.47 -30.42
C LYS D 105 5.47 -9.27 -29.41
N ASP D 106 4.92 -9.51 -28.22
CA ASP D 106 5.58 -10.22 -27.13
C ASP D 106 6.88 -9.56 -26.67
N CYS D 107 7.06 -8.27 -26.95
CA CYS D 107 8.26 -7.60 -26.45
C CYS D 107 8.28 -7.57 -24.92
N VAL D 108 7.11 -7.54 -24.30
CA VAL D 108 7.04 -7.58 -22.84
C VAL D 108 7.65 -8.88 -22.31
N GLU D 109 7.30 -10.02 -22.91
CA GLU D 109 7.86 -11.27 -22.42
C GLU D 109 9.34 -11.34 -22.75
N PHE D 110 9.77 -10.78 -23.89
CA PHE D 110 11.21 -10.77 -24.18
C PHE D 110 11.98 -9.98 -23.13
N HIS D 111 11.48 -8.81 -22.77
CA HIS D 111 12.15 -8.00 -21.75
C HIS D 111 12.20 -8.73 -20.43
N ILE D 112 11.05 -9.25 -19.97
CA ILE D 112 11.09 -9.98 -18.70
C ILE D 112 11.98 -11.20 -18.82
N HIS D 113 12.16 -11.71 -20.04
CA HIS D 113 13.07 -12.84 -20.25
C HIS D 113 14.50 -12.44 -19.92
N ASN D 114 14.96 -11.32 -20.48
CA ASN D 114 16.28 -10.83 -20.10
C ASN D 114 16.35 -10.55 -18.61
N LEU D 115 15.29 -9.97 -18.05
CA LEU D 115 15.28 -9.64 -16.63
C LEU D 115 15.50 -10.89 -15.79
N PHE D 116 14.81 -11.98 -16.14
CA PHE D 116 15.00 -13.23 -15.43
C PHE D 116 16.41 -13.77 -15.64
N CYS D 117 16.86 -13.79 -16.90
CA CYS D 117 18.18 -14.32 -17.19
C CYS D 117 19.28 -13.61 -16.44
N TYR D 118 19.05 -12.37 -16.01
CA TYR D 118 20.07 -11.66 -15.27
C TYR D 118 19.79 -11.49 -13.79
N PHE D 119 18.54 -11.65 -13.36
CA PHE D 119 18.23 -11.46 -11.93
C PHE D 119 18.91 -12.52 -11.09
N SER D 120 19.16 -13.68 -11.67
CA SER D 120 19.84 -14.75 -10.94
C SER D 120 21.24 -14.32 -10.56
N ALA D 121 21.60 -13.09 -10.91
CA ALA D 121 22.69 -12.40 -10.23
C ALA D 121 22.15 -11.77 -8.94
N VAL D 122 21.42 -12.58 -8.20
CA VAL D 122 21.09 -12.33 -6.80
C VAL D 122 22.18 -13.05 -6.01
N VAL D 123 22.83 -14.00 -6.67
CA VAL D 123 23.98 -14.70 -6.12
C VAL D 123 25.01 -13.68 -5.68
N GLU D 124 25.03 -12.53 -6.32
CA GLU D 124 25.91 -11.47 -5.84
C GLU D 124 25.47 -11.00 -4.45
N ALA D 125 24.19 -10.67 -4.32
CA ALA D 125 23.67 -10.19 -3.04
C ALA D 125 24.04 -11.15 -1.93
N ILE D 126 24.47 -12.34 -2.31
CA ILE D 126 24.86 -13.36 -1.33
C ILE D 126 26.35 -13.27 -1.00
N GLU D 127 27.05 -12.35 -1.66
CA GLU D 127 28.47 -12.17 -1.44
C GLU D 127 28.77 -11.19 -0.31
N ALA D 128 27.73 -10.61 0.27
CA ALA D 128 27.88 -9.66 1.36
C ALA D 128 28.55 -10.30 2.57
N ALA D 129 28.19 -11.54 2.86
CA ALA D 129 28.76 -12.25 4.01
C ALA D 129 30.26 -12.41 3.84
N GLY D 130 30.69 -12.74 2.63
CA GLY D 130 32.11 -12.93 2.34
C GLY D 130 32.85 -11.60 2.20
N LEU D 135 33.77 -7.29 11.18
CA LEU D 135 32.59 -7.32 12.03
C LEU D 135 32.54 -8.60 12.85
N ASP D 136 31.78 -9.57 12.38
CA ASP D 136 31.66 -10.85 13.08
C ASP D 136 32.35 -11.95 12.30
N PRO D 137 33.26 -12.68 12.98
CA PRO D 137 34.03 -13.77 12.38
C PRO D 137 33.27 -15.08 12.38
N SER D 138 32.48 -15.32 13.43
CA SER D 138 31.71 -16.56 13.54
C SER D 138 30.52 -16.50 12.59
N GLU D 139 29.94 -15.32 12.42
CA GLU D 139 28.76 -15.17 11.60
C GLU D 139 29.00 -15.55 10.14
N MET D 140 30.16 -15.19 9.61
CA MET D 140 30.43 -15.44 8.21
C MET D 140 30.21 -16.92 7.88
N GLU D 141 30.64 -17.78 8.79
CA GLU D 141 30.47 -19.22 8.64
C GLU D 141 28.99 -19.59 8.61
N ARG D 142 28.20 -18.95 9.46
CA ARG D 142 26.77 -19.22 9.50
C ARG D 142 26.13 -18.93 8.14
N ARG D 143 26.41 -17.76 7.59
CA ARG D 143 25.85 -17.42 6.29
C ARG D 143 26.33 -18.38 5.21
N ARG D 144 27.62 -18.74 5.25
CA ARG D 144 28.15 -19.67 4.26
C ARG D 144 27.39 -20.99 4.29
N VAL D 145 27.19 -21.55 5.48
CA VAL D 145 26.55 -22.86 5.55
C VAL D 145 25.06 -22.73 5.25
N VAL D 146 24.45 -21.60 5.58
CA VAL D 146 23.06 -21.36 5.22
C VAL D 146 22.90 -21.44 3.71
N PHE D 147 23.74 -20.72 2.98
CA PHE D 147 23.66 -20.75 1.52
C PHE D 147 24.00 -22.14 0.99
N SER D 148 24.98 -22.80 1.60
CA SER D 148 25.32 -24.17 1.20
C SER D 148 24.08 -25.05 1.25
N ARG D 149 23.35 -25.02 2.36
CA ARG D 149 22.14 -25.81 2.45
C ARG D 149 21.06 -25.30 1.51
N LYS D 150 21.09 -24.01 1.18
CA LYS D 150 20.25 -23.51 0.10
C LYS D 150 20.62 -24.15 -1.22
N TYR D 151 21.81 -24.74 -1.31
CA TYR D 151 22.28 -25.41 -2.52
C TYR D 151 22.54 -26.89 -2.27
N ASP D 152 21.58 -27.58 -1.65
CA ASP D 152 21.72 -28.99 -1.35
C ASP D 152 21.17 -29.85 -2.49
N ARG D 153 21.73 -31.05 -2.62
CA ARG D 153 21.39 -31.94 -3.73
C ARG D 153 19.92 -32.31 -3.72
N GLU D 154 19.30 -32.41 -2.54
CA GLU D 154 17.90 -32.80 -2.49
C GLU D 154 16.97 -31.69 -2.94
N TRP D 155 17.49 -30.58 -3.43
CA TRP D 155 16.68 -29.45 -3.88
C TRP D 155 16.85 -29.30 -5.39
N ASN D 156 16.09 -30.10 -6.14
CA ASN D 156 16.04 -29.99 -7.60
C ASN D 156 14.65 -30.45 -8.02
N ASP D 157 13.74 -29.50 -8.15
CA ASP D 157 12.36 -29.85 -8.43
C ASP D 157 11.56 -28.59 -8.74
N PRO D 158 10.72 -28.60 -9.78
CA PRO D 158 9.86 -27.43 -10.02
C PRO D 158 9.02 -27.07 -8.80
N LYS D 159 8.32 -28.03 -8.21
CA LYS D 159 7.47 -27.73 -7.07
C LYS D 159 8.28 -27.25 -5.86
N MET D 160 9.27 -28.05 -5.45
CA MET D 160 10.04 -27.71 -4.26
C MET D 160 10.70 -26.36 -4.39
N PHE D 161 11.34 -26.09 -5.53
CA PHE D 161 11.95 -24.79 -5.73
C PHE D 161 10.90 -23.69 -5.74
N GLN D 162 9.95 -23.77 -6.67
CA GLN D 162 8.93 -22.75 -6.87
C GLN D 162 8.18 -22.45 -5.58
N TRP D 163 8.28 -23.34 -4.60
CA TRP D 163 7.66 -23.11 -3.31
C TRP D 163 8.64 -22.55 -2.29
N ARG D 164 9.89 -23.00 -2.30
CA ARG D 164 10.86 -22.59 -1.29
C ARG D 164 11.62 -21.34 -1.65
N PHE D 165 11.54 -20.88 -2.90
CA PHE D 165 12.23 -19.66 -3.29
C PHE D 165 11.42 -18.78 -4.22
N GLY D 166 10.15 -19.08 -4.46
CA GLY D 166 9.37 -18.32 -5.42
C GLY D 166 9.48 -16.82 -5.21
N LYS D 167 9.35 -16.38 -3.96
CA LYS D 167 9.36 -14.95 -3.69
C LYS D 167 10.74 -14.34 -3.76
N GLN D 168 11.80 -15.14 -3.60
CA GLN D 168 13.14 -14.58 -3.76
C GLN D 168 13.52 -14.37 -5.20
N TYR D 169 12.99 -15.16 -6.13
CA TYR D 169 13.30 -15.00 -7.54
C TYR D 169 12.10 -14.56 -8.35
N LEU D 170 11.20 -13.77 -7.77
CA LEU D 170 10.11 -13.06 -8.41
C LEU D 170 8.93 -13.92 -8.80
N LEU D 171 8.98 -15.25 -8.65
CA LEU D 171 7.90 -16.10 -9.12
C LEU D 171 6.76 -16.09 -8.12
N SER D 172 5.62 -15.53 -8.51
CA SER D 172 4.39 -15.62 -7.75
C SER D 172 3.53 -16.75 -8.32
N ARG D 173 2.31 -16.85 -7.82
CA ARG D 173 1.37 -17.83 -8.32
C ARG D 173 0.35 -17.16 -9.25
N ILE D 175 2.66 -14.69 -9.66
CA ILE D 175 1.92 -14.32 -10.86
C ILE D 175 2.56 -14.92 -12.11
N CYS D 176 2.90 -16.20 -12.05
CA CYS D 176 3.51 -16.88 -13.19
C CYS D 176 2.56 -16.91 -14.38
N SER D 177 1.28 -17.14 -14.11
CA SER D 177 0.26 -17.20 -15.15
C SER D 177 -0.30 -15.82 -15.50
N ARG D 178 0.12 -14.80 -14.78
CA ARG D 178 -0.34 -13.44 -15.03
C ARG D 178 0.06 -12.97 -16.42
N PHE D 179 1.28 -13.31 -16.82
CA PHE D 179 1.82 -12.93 -18.12
C PHE D 179 0.87 -13.20 -19.28
N GLU D 180 0.20 -14.34 -19.26
CA GLU D 180 -0.68 -14.69 -20.36
C GLU D 180 -1.96 -13.87 -20.33
N HIS D 181 -2.49 -13.61 -19.13
CA HIS D 181 -3.68 -12.78 -19.04
C HIS D 181 -3.41 -11.39 -19.60
N SER D 182 -2.25 -10.82 -19.31
CA SER D 182 -1.86 -9.54 -19.90
C SER D 182 -1.82 -9.64 -21.42
N TRP D 183 -1.14 -10.67 -21.93
CA TRP D 183 -1.08 -10.86 -23.38
C TRP D 183 -2.46 -10.91 -24.01
N ARG D 184 -3.50 -11.11 -23.20
CA ARG D 184 -4.86 -11.26 -23.70
C ARG D 184 -5.70 -10.00 -23.59
N GLU D 185 -5.70 -9.34 -22.44
CA GLU D 185 -6.61 -8.22 -22.24
C GLU D 185 -6.26 -7.05 -23.16
N ASP D 186 -4.96 -6.86 -23.42
CA ASP D 186 -4.54 -5.93 -24.46
C ASP D 186 -5.27 -6.18 -25.77
N ARG D 187 -5.35 -7.44 -26.19
CA ARG D 187 -6.04 -7.78 -27.43
C ARG D 187 -7.48 -7.28 -27.42
N TRP D 188 -8.17 -7.48 -26.30
CA TRP D 188 -9.59 -7.15 -26.29
C TRP D 188 -9.81 -5.66 -26.17
N ASN D 189 -8.98 -4.96 -25.40
CA ASN D 189 -9.04 -3.50 -25.44
C ASN D 189 -8.80 -2.98 -26.85
N LEU D 190 -7.87 -3.63 -27.57
CA LEU D 190 -7.57 -3.22 -28.93
C LEU D 190 -8.76 -3.42 -29.85
N VAL D 191 -9.38 -4.60 -29.80
CA VAL D 191 -10.50 -4.85 -30.70
C VAL D 191 -11.69 -4.00 -30.31
N GLU D 192 -11.84 -3.69 -29.03
CA GLU D 192 -12.93 -2.79 -28.62
C GLU D 192 -12.72 -1.40 -29.19
N ALA D 193 -11.48 -0.90 -29.12
CA ALA D 193 -11.18 0.41 -29.70
C ALA D 193 -11.37 0.38 -31.21
N LEU D 194 -11.00 -0.72 -31.85
CA LEU D 194 -11.16 -0.84 -33.30
C LEU D 194 -12.63 -0.83 -33.70
N GLN D 195 -13.45 -1.59 -32.97
CA GLN D 195 -14.88 -1.57 -33.24
C GLN D 195 -15.47 -0.19 -33.02
N GLU D 196 -15.08 0.46 -31.92
CA GLU D 196 -15.53 1.82 -31.67
C GLU D 196 -15.18 2.74 -32.83
N LYS D 197 -13.95 2.62 -33.33
CA LYS D 197 -13.51 3.48 -34.43
C LYS D 197 -14.29 3.19 -35.70
N ARG D 198 -14.39 1.91 -36.07
CA ARG D 198 -15.01 1.55 -37.35
C ARG D 198 -16.50 1.85 -37.38
N LYS D 199 -17.20 1.70 -36.25
CA LYS D 199 -18.62 1.96 -36.23
C LYS D 199 -18.95 3.39 -35.88
N SER D 200 -17.99 4.10 -35.28
CA SER D 200 -18.08 5.55 -35.07
C SER D 200 -17.12 6.30 -35.99
N ASP D 201 -16.97 5.82 -37.22
CA ASP D 201 -16.08 6.48 -38.17
C ASP D 201 -16.45 7.94 -38.38
N SER D 202 -17.65 8.19 -38.91
CA SER D 202 -18.15 9.54 -39.17
C SER D 202 -17.16 10.37 -39.99
N LYS D 207 -10.21 8.48 -45.73
CA LYS D 207 -10.94 7.49 -46.50
C LYS D 207 -10.25 6.12 -46.48
N THR D 208 -11.08 5.09 -46.34
CA THR D 208 -10.70 3.66 -46.31
C THR D 208 -10.04 3.18 -45.03
N GLU D 209 -10.00 4.04 -44.01
CA GLU D 209 -9.43 3.65 -42.71
C GLU D 209 -10.31 2.57 -42.09
N LYS D 210 -11.61 2.75 -42.23
CA LYS D 210 -12.58 1.82 -41.67
C LYS D 210 -12.43 0.44 -42.32
N ARG D 211 -12.20 0.42 -43.62
CA ARG D 211 -12.06 -0.85 -44.33
C ARG D 211 -10.94 -1.69 -43.73
N LEU D 212 -9.82 -1.05 -43.41
CA LEU D 212 -8.71 -1.76 -42.80
C LEU D 212 -9.20 -2.38 -41.51
N ALA D 213 -9.75 -1.53 -40.64
CA ALA D 213 -10.25 -2.00 -39.36
C ALA D 213 -11.01 -3.31 -39.51
N ASP D 214 -11.94 -3.36 -40.45
CA ASP D 214 -12.72 -4.57 -40.63
C ASP D 214 -11.80 -5.72 -41.01
N LEU D 215 -10.86 -5.47 -41.90
CA LEU D 215 -9.93 -6.52 -42.28
C LEU D 215 -9.10 -6.88 -41.06
N LEU D 216 -8.63 -5.86 -40.34
CA LEU D 216 -7.82 -6.05 -39.15
C LEU D 216 -8.58 -6.75 -38.02
N LEU D 217 -9.84 -6.35 -37.83
CA LEU D 217 -10.67 -6.94 -36.79
C LEU D 217 -10.92 -8.42 -37.05
N LYS D 218 -11.11 -8.77 -38.32
CA LYS D 218 -11.35 -10.15 -38.74
C LYS D 218 -10.16 -11.05 -38.39
N LYS D 219 -8.95 -10.53 -38.54
CA LYS D 219 -7.76 -11.32 -38.26
C LYS D 219 -7.79 -11.74 -36.79
N LEU D 220 -8.21 -10.82 -35.92
CA LEU D 220 -8.26 -11.15 -34.51
C LEU D 220 -9.51 -11.93 -34.14
N THR D 221 -10.39 -12.20 -35.10
CA THR D 221 -11.61 -12.94 -34.82
C THR D 221 -11.37 -14.42 -34.59
N PHE D 226 -6.57 -18.90 -41.16
CA PHE D 226 -7.12 -18.23 -42.33
C PHE D 226 -6.12 -17.24 -42.91
N ASN D 227 -6.53 -16.56 -43.99
CA ASN D 227 -5.66 -15.58 -44.63
C ASN D 227 -6.55 -14.54 -45.32
N GLY D 228 -6.75 -13.40 -44.66
CA GLY D 228 -7.51 -12.34 -45.27
C GLY D 228 -6.80 -11.78 -46.49
N LYS D 229 -5.71 -11.04 -46.25
CA LYS D 229 -4.84 -10.50 -47.29
C LYS D 229 -5.65 -9.99 -48.49
N LEU D 230 -6.79 -9.36 -48.19
CA LEU D 230 -7.80 -9.10 -49.19
C LEU D 230 -7.34 -8.14 -50.28
N PHE D 231 -7.04 -6.90 -49.92
CA PHE D 231 -6.97 -5.86 -50.94
C PHE D 231 -5.67 -5.08 -50.92
N PRO D 232 -5.33 -4.40 -52.01
CA PRO D 232 -4.21 -3.46 -51.99
C PRO D 232 -4.62 -2.12 -51.40
N SER D 233 -5.72 -2.11 -50.65
CA SER D 233 -6.19 -0.93 -49.93
C SER D 233 -5.04 -0.24 -49.22
N SER D 234 -4.09 -1.03 -48.71
CA SER D 234 -2.80 -0.47 -48.34
C SER D 234 -2.06 -0.16 -49.62
N ILE D 235 -2.18 1.10 -50.08
CA ILE D 235 -1.66 1.50 -51.38
C ILE D 235 -0.16 1.22 -51.48
N LEU D 236 0.53 1.12 -50.34
CA LEU D 236 1.92 0.68 -50.26
C LEU D 236 2.83 1.59 -51.09
N LEU D 237 2.96 2.82 -50.62
CA LEU D 237 3.89 3.75 -51.26
C LEU D 237 5.29 3.18 -51.11
N GLY D 238 5.83 2.64 -52.20
CA GLY D 238 6.96 1.74 -52.14
C GLY D 238 8.30 2.45 -52.18
N SER D 239 9.13 2.16 -51.18
CA SER D 239 10.52 2.59 -51.19
C SER D 239 11.37 1.49 -51.82
N LYS D 240 12.69 1.58 -51.67
CA LYS D 240 13.59 0.62 -52.27
C LYS D 240 13.42 -0.76 -51.65
N ASP D 241 14.12 -1.74 -52.21
CA ASP D 241 14.06 -3.10 -51.72
C ASP D 241 15.33 -3.87 -52.05
N ASP D 272 4.94 -15.13 -52.94
CA ASP D 272 4.35 -13.86 -53.32
C ASP D 272 4.02 -13.81 -54.81
N LEU D 273 3.92 -14.98 -55.44
CA LEU D 273 3.64 -15.01 -56.88
C LEU D 273 2.32 -15.67 -57.33
N GLU D 274 1.76 -16.54 -56.49
CA GLU D 274 0.52 -17.22 -56.87
C GLU D 274 -0.36 -17.58 -55.69
N PRO D 275 -1.67 -17.80 -55.95
CA PRO D 275 -2.63 -18.17 -54.91
C PRO D 275 -2.63 -19.68 -54.67
N LEU D 276 -1.54 -20.18 -54.12
CA LEU D 276 -1.37 -21.59 -53.81
C LEU D 276 -0.74 -21.71 -52.43
N SER D 277 -0.87 -22.88 -51.79
CA SER D 277 -0.33 -23.10 -50.45
C SER D 277 -0.85 -22.02 -49.50
N SER D 278 -2.16 -21.84 -49.52
CA SER D 278 -2.86 -20.85 -48.71
C SER D 278 -2.67 -21.06 -47.22
N GLU D 279 -2.61 -22.35 -46.88
CA GLU D 279 -2.47 -22.91 -45.53
C GLU D 279 -1.11 -22.61 -44.94
N ILE D 280 -0.25 -22.11 -45.81
CA ILE D 280 1.11 -21.70 -45.45
C ILE D 280 1.09 -20.31 -44.82
N SER D 281 -0.11 -19.75 -44.69
CA SER D 281 -0.35 -18.43 -44.11
C SER D 281 -0.51 -18.48 -42.59
N SER D 282 -0.36 -19.69 -42.01
CA SER D 282 -0.46 -19.84 -40.57
C SER D 282 0.65 -18.96 -40.03
N LEU D 283 1.81 -18.98 -40.69
CA LEU D 283 2.84 -18.04 -40.26
C LEU D 283 2.26 -16.91 -39.43
N LEU D 284 1.05 -16.47 -39.79
CA LEU D 284 0.41 -15.37 -39.10
C LEU D 284 0.14 -15.66 -37.63
N ALA D 285 0.39 -16.89 -37.17
CA ALA D 285 0.16 -17.26 -35.78
C ALA D 285 1.46 -17.70 -35.10
N LEU D 286 2.59 -17.17 -35.57
CA LEU D 286 3.89 -17.48 -35.00
C LEU D 286 4.48 -16.18 -34.47
N CYS D 287 4.18 -15.87 -33.21
CA CYS D 287 4.53 -14.60 -32.60
C CYS D 287 5.66 -14.80 -31.59
N HIS D 288 6.71 -13.97 -31.73
CA HIS D 288 7.83 -13.99 -30.80
C HIS D 288 8.72 -12.80 -31.15
N SER D 289 9.27 -12.17 -30.12
CA SER D 289 10.09 -10.98 -30.37
C SER D 289 11.45 -11.30 -30.90
N ASN D 290 11.71 -12.54 -31.32
CA ASN D 290 12.95 -12.87 -32.00
C ASN D 290 12.70 -13.35 -33.41
N ILE D 291 11.54 -13.06 -33.98
CA ILE D 291 11.15 -13.53 -35.31
C ILE D 291 10.45 -12.39 -36.02
N LEU D 292 11.02 -11.96 -37.14
CA LEU D 292 10.43 -10.89 -37.93
C LEU D 292 9.07 -11.35 -38.43
N GLN D 293 8.03 -11.03 -37.68
CA GLN D 293 6.66 -11.42 -38.01
C GLN D 293 6.29 -11.06 -39.45
N GLU D 311 8.48 -5.53 -37.81
CA GLU D 311 8.07 -6.21 -39.04
C GLU D 311 9.18 -6.18 -40.06
N LEU D 312 10.08 -5.21 -39.93
CA LEU D 312 11.19 -5.06 -40.86
C LEU D 312 12.55 -5.09 -40.17
N MET D 313 13.52 -5.73 -40.81
CA MET D 313 14.87 -5.82 -40.26
C MET D 313 15.71 -4.66 -40.77
N HIS D 314 16.33 -3.94 -39.85
CA HIS D 314 17.16 -2.79 -40.23
C HIS D 314 18.34 -3.20 -41.09
N LYS D 315 19.04 -4.25 -40.66
CA LYS D 315 20.21 -4.76 -41.37
C LYS D 315 20.38 -6.24 -41.03
N ASP D 316 21.12 -6.98 -41.84
CA ASP D 316 21.34 -8.39 -41.52
C ASP D 316 22.70 -8.58 -40.90
N LEU D 317 23.10 -9.85 -40.76
CA LEU D 317 24.35 -10.18 -40.08
C LEU D 317 25.52 -10.21 -41.05
N GLN D 318 25.44 -11.05 -42.08
CA GLN D 318 26.51 -11.14 -43.07
C GLN D 318 26.93 -9.75 -43.53
N SER D 319 25.97 -8.87 -43.74
CA SER D 319 26.29 -7.47 -44.00
C SER D 319 27.15 -6.90 -42.87
N TYR D 320 26.72 -7.08 -41.64
CA TYR D 320 27.44 -6.51 -40.52
C TYR D 320 28.79 -7.19 -40.28
N MET D 321 29.04 -8.28 -40.97
CA MET D 321 30.23 -9.07 -40.66
C MET D 321 31.46 -8.53 -41.36
N LYS D 322 31.43 -8.48 -42.69
CA LYS D 322 32.61 -8.30 -43.55
C LYS D 322 33.42 -7.06 -43.24
N GLU D 323 32.85 -6.12 -42.49
CA GLU D 323 33.57 -4.91 -42.12
C GLU D 323 33.79 -4.85 -40.61
N ASN D 324 33.37 -5.91 -39.92
CA ASN D 324 33.50 -6.00 -38.47
C ASN D 324 34.95 -6.02 -38.00
N ARG D 330 40.32 -6.12 -35.19
CA ARG D 330 39.02 -5.70 -35.70
C ARG D 330 37.90 -6.53 -35.07
N TYR D 331 37.68 -6.32 -33.77
CA TYR D 331 36.64 -7.04 -33.04
C TYR D 331 35.60 -6.08 -32.51
N LEU D 332 34.33 -6.39 -32.75
CA LEU D 332 33.24 -5.55 -32.29
C LEU D 332 32.32 -6.32 -31.34
N PHE D 333 32.52 -7.62 -31.35
CA PHE D 333 31.70 -8.47 -30.55
C PHE D 333 32.54 -8.99 -29.42
N SER D 334 32.10 -8.63 -28.23
CA SER D 334 32.72 -9.10 -27.01
C SER D 334 32.13 -10.46 -26.72
N ILE D 335 32.78 -11.17 -25.81
CA ILE D 335 32.29 -12.47 -25.40
C ILE D 335 30.97 -12.10 -24.73
N PRO D 336 30.82 -10.82 -24.38
CA PRO D 336 29.53 -10.58 -23.71
C PRO D 336 28.42 -10.13 -24.64
N VAL D 337 28.69 -9.86 -25.92
CA VAL D 337 27.63 -9.60 -26.87
C VAL D 337 27.60 -10.76 -27.86
N VAL D 338 28.73 -11.44 -28.01
CA VAL D 338 28.78 -12.63 -28.85
C VAL D 338 27.83 -13.69 -28.30
N ILE D 339 27.96 -14.00 -27.01
CA ILE D 339 27.06 -14.97 -26.38
C ILE D 339 25.62 -14.52 -26.51
N ASP D 340 25.36 -13.23 -26.26
CA ASP D 340 24.00 -12.72 -26.36
C ASP D 340 23.47 -12.87 -27.78
N ILE D 341 24.25 -12.39 -28.77
CA ILE D 341 23.84 -12.52 -30.17
C ILE D 341 23.48 -13.97 -30.48
N MET D 342 24.17 -14.91 -29.85
CA MET D 342 23.83 -16.32 -30.04
C MET D 342 22.48 -16.63 -29.42
N LEU D 343 22.21 -16.11 -28.22
CA LEU D 343 21.05 -16.54 -27.47
C LEU D 343 19.76 -16.07 -28.12
N GLN D 344 19.68 -14.77 -28.47
CA GLN D 344 18.46 -14.26 -29.08
C GLN D 344 18.01 -15.13 -30.25
N ILE D 345 18.95 -15.73 -30.97
CA ILE D 345 18.59 -16.72 -31.97
C ILE D 345 17.90 -17.90 -31.30
N ALA D 346 18.62 -18.58 -30.41
CA ALA D 346 18.11 -19.78 -29.77
C ALA D 346 16.76 -19.53 -29.11
N ARG D 347 16.68 -18.47 -28.31
CA ARG D 347 15.47 -18.18 -27.58
C ARG D 347 14.37 -18.07 -28.59
N GLY D 348 14.73 -17.62 -29.79
CA GLY D 348 13.76 -17.44 -30.83
C GLY D 348 13.66 -18.64 -31.73
N MET D 349 14.72 -19.45 -31.79
CA MET D 349 14.72 -20.60 -32.69
C MET D 349 13.63 -21.59 -32.32
N GLU D 350 13.70 -22.16 -31.12
CA GLU D 350 12.83 -23.29 -30.84
C GLU D 350 11.36 -22.90 -30.73
N TYR D 351 11.03 -21.61 -30.65
CA TYR D 351 9.64 -21.24 -30.81
C TYR D 351 9.12 -21.65 -32.17
N LEU D 352 10.00 -21.76 -33.17
CA LEU D 352 9.60 -22.37 -34.44
C LEU D 352 9.11 -23.78 -34.23
N HIS D 353 9.87 -24.57 -33.46
CA HIS D 353 9.42 -25.91 -33.10
C HIS D 353 8.20 -25.86 -32.19
N GLY D 354 7.93 -24.72 -31.57
CA GLY D 354 6.66 -24.53 -30.88
C GLY D 354 5.47 -24.65 -31.81
N ASN D 355 5.71 -24.63 -33.12
CA ASN D 355 4.72 -25.02 -34.10
C ASN D 355 5.31 -26.01 -35.11
N ASP D 356 6.46 -26.60 -34.76
CA ASP D 356 7.16 -27.65 -35.49
C ASP D 356 7.73 -27.16 -36.81
N ILE D 357 7.63 -25.86 -37.13
CA ILE D 357 8.22 -25.35 -38.38
C ILE D 357 9.76 -25.37 -38.37
N PHE D 358 10.36 -25.77 -39.49
CA PHE D 358 11.81 -25.84 -39.55
C PHE D 358 12.39 -24.85 -40.57
N HIS D 359 13.33 -24.04 -40.09
CA HIS D 359 13.97 -23.00 -40.89
C HIS D 359 14.65 -23.62 -42.10
N GLY D 360 15.30 -24.76 -41.90
CA GLY D 360 16.01 -25.50 -42.94
C GLY D 360 17.33 -24.92 -43.40
N ASP D 361 17.29 -23.71 -43.93
CA ASP D 361 18.51 -23.05 -44.35
C ASP D 361 18.69 -21.85 -43.46
N LEU D 362 19.83 -21.79 -42.77
CA LEU D 362 20.12 -20.66 -41.92
C LEU D 362 21.45 -20.06 -42.33
N ASN D 363 21.50 -18.75 -42.48
CA ASN D 363 22.73 -18.13 -42.90
C ASN D 363 22.78 -16.69 -42.39
N PRO D 364 23.97 -16.14 -42.17
CA PRO D 364 24.06 -14.74 -41.76
C PRO D 364 23.36 -13.80 -42.72
N MET D 365 23.04 -14.30 -43.91
CA MET D 365 22.15 -13.61 -44.82
C MET D 365 20.69 -13.76 -44.45
N ASN D 366 20.40 -14.32 -43.28
CA ASN D 366 19.02 -14.49 -42.83
C ASN D 366 18.81 -14.10 -41.38
N ILE D 367 19.82 -13.61 -40.69
CA ILE D 367 19.69 -13.17 -39.31
C ILE D 367 19.78 -11.65 -39.33
N HIS D 368 18.65 -10.99 -39.09
CA HIS D 368 18.60 -9.53 -39.13
C HIS D 368 18.84 -8.99 -37.73
N LEU D 369 20.05 -8.52 -37.48
CA LEU D 369 20.36 -7.87 -36.21
C LEU D 369 19.82 -6.45 -36.22
N LYS D 370 19.99 -5.77 -35.09
CA LYS D 370 19.58 -4.39 -34.95
C LYS D 370 20.47 -3.74 -33.88
N GLU D 371 20.02 -2.61 -33.35
CA GLU D 371 20.76 -1.91 -32.32
C GLU D 371 19.95 -1.91 -31.03
N ARG D 372 20.64 -2.11 -29.92
CA ARG D 372 20.02 -2.19 -28.62
C ARG D 372 19.94 -0.87 -27.88
N SER D 373 20.00 0.24 -28.60
CA SER D 373 19.85 1.55 -27.96
C SER D 373 20.93 1.83 -26.93
N HIS D 374 20.52 2.13 -25.69
CA HIS D 374 21.48 2.44 -24.63
C HIS D 374 22.07 1.20 -23.99
N THR D 375 22.97 0.56 -24.74
CA THR D 375 23.67 -0.65 -24.35
C THR D 375 25.05 -0.61 -24.99
N GLU D 376 25.95 -1.46 -24.51
CA GLU D 376 27.29 -1.51 -25.07
C GLU D 376 27.36 -2.40 -26.29
N GLY D 377 26.76 -1.96 -27.39
CA GLY D 377 26.77 -2.72 -28.63
C GLY D 377 25.80 -3.89 -28.71
N TYR D 378 25.00 -4.09 -27.67
CA TYR D 378 24.03 -5.18 -27.67
C TYR D 378 22.99 -4.97 -28.77
N PHE D 379 22.62 -6.05 -29.44
CA PHE D 379 21.64 -5.98 -30.52
C PHE D 379 20.52 -6.99 -30.35
N HIS D 380 19.34 -6.65 -30.85
CA HIS D 380 18.18 -7.52 -30.80
C HIS D 380 18.07 -8.07 -32.21
N ALA D 381 18.11 -9.39 -32.35
CA ALA D 381 18.08 -9.98 -33.68
C ALA D 381 16.86 -10.87 -33.83
N LYS D 382 16.38 -10.95 -35.07
CA LYS D 382 15.30 -11.84 -35.43
C LYS D 382 15.79 -12.76 -36.55
N ILE D 383 14.90 -13.61 -37.04
CA ILE D 383 15.22 -14.57 -38.10
C ILE D 383 14.20 -14.41 -39.22
N CYS D 384 14.69 -14.21 -40.45
CA CYS D 384 13.80 -14.02 -41.59
C CYS D 384 14.02 -15.03 -42.73
N GLY D 385 12.93 -15.34 -43.42
CA GLY D 385 12.94 -16.30 -44.51
C GLY D 385 12.58 -17.74 -44.17
N PHE D 386 12.29 -18.03 -42.91
CA PHE D 386 11.92 -19.39 -42.54
C PHE D 386 10.62 -19.79 -43.26
N GLY D 387 9.67 -18.87 -43.31
CA GLY D 387 8.40 -19.07 -43.97
C GLY D 387 8.56 -18.79 -45.46
N LEU D 388 7.62 -19.23 -46.28
CA LEU D 388 7.75 -18.97 -47.70
C LEU D 388 8.30 -20.20 -48.43
N SER D 389 7.79 -21.37 -48.06
CA SER D 389 8.27 -22.64 -48.57
C SER D 389 7.75 -22.96 -49.97
N SER D 390 7.06 -22.01 -50.62
CA SER D 390 6.58 -22.26 -51.97
C SER D 390 7.73 -22.29 -52.96
N VAL D 391 8.47 -21.19 -53.05
CA VAL D 391 9.64 -21.13 -53.92
C VAL D 391 10.89 -21.19 -53.07
N PRO D 405 26.47 -20.22 -51.08
CA PRO D 405 27.20 -21.49 -51.15
C PRO D 405 26.63 -22.54 -50.22
N VAL D 406 26.79 -23.81 -50.59
CA VAL D 406 26.24 -24.91 -49.79
C VAL D 406 26.99 -25.14 -48.50
N ILE D 407 28.11 -24.45 -48.29
CA ILE D 407 28.91 -24.65 -47.10
C ILE D 407 28.17 -24.31 -45.82
N TRP D 408 26.98 -23.74 -45.95
CA TRP D 408 26.14 -23.45 -44.78
C TRP D 408 25.07 -24.53 -44.56
N TYR D 409 25.03 -25.53 -45.43
CA TYR D 409 24.10 -26.63 -45.28
C TYR D 409 24.66 -27.70 -44.31
N ALA D 410 23.77 -28.51 -43.74
CA ALA D 410 24.15 -29.56 -42.82
C ALA D 410 24.90 -30.67 -43.57
N PRO D 411 25.78 -31.40 -42.87
CA PRO D 411 26.54 -32.45 -43.55
C PRO D 411 25.60 -33.51 -44.11
N GLU D 412 24.61 -33.92 -43.33
CA GLU D 412 23.63 -34.89 -43.81
C GLU D 412 22.81 -34.35 -44.98
N VAL D 413 22.64 -33.04 -45.08
CA VAL D 413 21.97 -32.46 -46.23
C VAL D 413 23.02 -32.19 -47.30
N LEU D 414 24.21 -32.78 -47.13
CA LEU D 414 25.12 -32.92 -48.25
C LEU D 414 24.73 -34.10 -49.15
N ALA D 415 23.94 -35.05 -48.61
CA ALA D 415 23.59 -36.34 -49.23
C ALA D 415 22.55 -36.24 -50.34
N GLU D 416 22.26 -35.03 -50.81
CA GLU D 416 21.27 -34.84 -51.86
C GLU D 416 21.74 -35.43 -53.19
N MET D 417 23.05 -35.61 -53.31
CA MET D 417 23.64 -36.17 -54.51
C MET D 417 22.98 -37.50 -54.89
N LYS D 429 15.62 -32.68 -46.13
CA LYS D 429 16.66 -32.43 -45.14
C LYS D 429 16.29 -31.28 -44.21
N LEU D 430 15.02 -31.24 -43.82
CA LEU D 430 14.54 -30.18 -42.92
C LEU D 430 14.35 -30.73 -41.52
N THR D 431 15.30 -31.53 -41.08
CA THR D 431 15.25 -32.13 -39.75
C THR D 431 15.37 -31.02 -38.73
N HIS D 432 14.72 -31.19 -37.59
CA HIS D 432 14.83 -30.21 -36.53
C HIS D 432 16.30 -30.22 -36.08
N LYS D 433 16.91 -31.41 -36.07
CA LYS D 433 18.29 -31.61 -35.69
C LYS D 433 19.30 -30.94 -36.62
N ALA D 434 19.00 -30.97 -37.92
CA ALA D 434 19.90 -30.45 -38.95
C ALA D 434 20.27 -28.96 -38.87
N ASP D 435 19.31 -28.17 -38.41
CA ASP D 435 19.38 -26.72 -38.31
C ASP D 435 20.49 -26.25 -37.39
N VAL D 436 20.85 -27.10 -36.43
CA VAL D 436 21.92 -26.80 -35.49
C VAL D 436 23.27 -26.58 -36.19
N TYR D 437 23.52 -27.35 -37.24
CA TYR D 437 24.75 -27.24 -37.99
C TYR D 437 24.84 -25.81 -38.52
N SER D 438 23.72 -25.26 -38.98
CA SER D 438 23.72 -23.87 -39.45
C SER D 438 23.87 -22.91 -38.29
N PHE D 439 23.07 -23.09 -37.25
CA PHE D 439 23.24 -22.31 -36.03
C PHE D 439 24.68 -22.34 -35.56
N ALA D 440 25.23 -23.55 -35.41
CA ALA D 440 26.64 -23.67 -35.05
C ALA D 440 27.52 -22.94 -36.05
N MET D 441 27.26 -23.16 -37.34
CA MET D 441 28.04 -22.50 -38.37
C MET D 441 27.98 -20.99 -38.22
N VAL D 442 26.80 -20.46 -37.90
CA VAL D 442 26.67 -19.03 -37.69
C VAL D 442 27.53 -18.58 -36.54
N CYS D 443 27.40 -19.27 -35.40
CA CYS D 443 28.24 -18.95 -34.25
C CYS D 443 29.71 -19.05 -34.61
N PHE D 444 30.06 -19.99 -35.49
CA PHE D 444 31.44 -20.17 -35.90
C PHE D 444 32.01 -18.87 -36.45
N GLU D 445 31.22 -18.18 -37.27
CA GLU D 445 31.65 -16.86 -37.75
C GLU D 445 31.77 -15.89 -36.58
N LEU D 446 30.71 -15.77 -35.78
CA LEU D 446 30.64 -14.73 -34.75
C LEU D 446 31.87 -14.75 -33.85
N ILE D 447 32.23 -15.93 -33.34
CA ILE D 447 33.41 -16.04 -32.49
C ILE D 447 34.64 -15.55 -33.24
N THR D 448 34.92 -16.17 -34.39
CA THR D 448 36.15 -15.89 -35.10
C THR D 448 36.08 -14.61 -35.93
N GLY D 449 34.90 -14.31 -36.44
CA GLY D 449 34.72 -13.15 -37.29
C GLY D 449 35.19 -13.43 -38.70
N LYS D 450 35.56 -14.69 -38.95
CA LYS D 450 36.04 -15.12 -40.25
C LYS D 450 35.19 -16.28 -40.77
N VAL D 451 34.76 -16.20 -42.01
CA VAL D 451 33.93 -17.25 -42.60
C VAL D 451 34.71 -18.55 -42.71
N PRO D 452 34.01 -19.68 -42.52
CA PRO D 452 34.62 -21.01 -42.58
C PRO D 452 35.27 -21.26 -43.93
N PHE D 453 36.47 -21.85 -43.89
CA PHE D 453 37.36 -22.26 -44.99
C PHE D 453 38.21 -21.10 -45.52
N GLU D 454 39.33 -21.42 -46.16
CA GLU D 454 40.18 -20.36 -46.69
C GLU D 454 39.48 -19.57 -47.79
N MET D 463 36.24 -29.75 -51.14
CA MET D 463 36.04 -29.32 -49.76
C MET D 463 34.70 -29.85 -49.24
N THR D 464 33.68 -29.84 -50.09
CA THR D 464 32.34 -30.33 -49.76
C THR D 464 32.38 -31.82 -49.41
N ILE D 465 33.20 -32.58 -50.12
CA ILE D 465 33.35 -34.01 -49.87
C ILE D 465 33.90 -34.27 -48.47
N ASN D 466 34.84 -33.42 -48.04
CA ASN D 466 35.43 -33.50 -46.72
C ASN D 466 34.39 -33.28 -45.62
N ILE D 467 33.43 -32.37 -45.88
CA ILE D 467 32.36 -32.08 -44.94
C ILE D 467 31.52 -33.32 -44.66
N ARG D 468 31.26 -34.12 -45.68
CA ARG D 468 30.51 -35.36 -45.47
C ARG D 468 31.32 -36.29 -44.56
N MET D 469 32.62 -36.36 -44.81
CA MET D 469 33.53 -37.15 -43.99
C MET D 469 33.49 -36.70 -42.53
N GLY D 470 33.34 -35.39 -42.32
CA GLY D 470 33.28 -34.82 -40.99
C GLY D 470 34.39 -33.89 -40.57
N GLU D 471 35.37 -33.66 -41.43
CA GLU D 471 36.44 -32.73 -41.10
C GLU D 471 35.81 -31.35 -40.98
N ARG D 472 36.22 -30.57 -39.98
CA ARG D 472 35.66 -29.24 -39.79
C ARG D 472 36.70 -28.17 -39.55
N PRO D 473 36.40 -26.93 -39.95
CA PRO D 473 37.31 -25.80 -39.74
C PRO D 473 37.56 -25.57 -38.26
N LEU D 474 38.76 -25.10 -37.94
CA LEU D 474 39.14 -24.91 -36.55
C LEU D 474 39.39 -23.46 -36.17
N PHE D 475 38.80 -23.07 -35.05
CA PHE D 475 38.93 -21.73 -34.52
C PHE D 475 40.33 -21.50 -33.96
N PRO D 476 40.76 -20.23 -33.90
CA PRO D 476 42.06 -19.77 -33.43
C PRO D 476 42.26 -19.89 -31.92
N PHE D 477 43.52 -19.80 -31.52
CA PHE D 477 43.94 -19.89 -30.12
C PHE D 477 43.34 -18.81 -29.23
N PRO D 478 43.19 -17.60 -29.77
CA PRO D 478 42.60 -16.48 -29.03
C PRO D 478 41.18 -16.76 -28.53
N SER D 479 40.37 -17.49 -29.29
CA SER D 479 39.01 -17.80 -28.86
C SER D 479 39.03 -18.52 -27.52
N PRO D 480 38.08 -18.17 -26.63
CA PRO D 480 37.97 -18.66 -25.26
C PRO D 480 37.50 -20.10 -25.21
N LYS D 481 37.79 -20.76 -24.09
CA LYS D 481 37.42 -22.16 -23.90
C LYS D 481 35.93 -22.48 -23.85
N THR D 482 35.15 -21.64 -23.18
CA THR D 482 33.72 -21.91 -23.02
C THR D 482 32.92 -21.97 -24.33
N LEU D 483 33.16 -21.00 -25.21
CA LEU D 483 32.46 -20.96 -26.49
C LEU D 483 32.79 -22.12 -27.42
N VAL D 484 34.07 -22.48 -27.46
CA VAL D 484 34.55 -23.54 -28.32
C VAL D 484 33.97 -24.92 -28.02
N SER D 485 33.83 -25.25 -26.75
CA SER D 485 33.31 -26.56 -26.40
C SER D 485 31.87 -26.76 -26.89
N LEU D 486 31.03 -25.75 -26.73
CA LEU D 486 29.64 -25.87 -27.15
C LEU D 486 29.45 -26.04 -28.65
N ILE D 487 30.16 -25.25 -29.45
CA ILE D 487 30.02 -25.36 -30.89
C ILE D 487 30.51 -26.70 -31.44
N LYS D 488 31.63 -27.18 -30.92
CA LYS D 488 32.20 -28.43 -31.39
C LYS D 488 31.28 -29.63 -31.17
N ARG D 489 30.62 -29.69 -30.01
CA ARG D 489 29.74 -30.80 -29.73
C ARG D 489 28.59 -30.83 -30.74
N CYS D 490 28.05 -29.66 -31.05
CA CYS D 490 27.01 -29.59 -32.05
C CYS D 490 27.61 -30.01 -33.38
N TRP D 491 28.87 -29.62 -33.58
CA TRP D 491 29.59 -29.89 -34.82
C TRP D 491 29.65 -31.36 -35.25
N HIS D 492 29.50 -32.29 -34.31
CA HIS D 492 29.60 -33.71 -34.65
C HIS D 492 28.60 -34.14 -35.74
N SER D 493 29.06 -35.04 -36.59
CA SER D 493 28.31 -35.52 -37.74
C SER D 493 26.96 -36.20 -37.50
N GLU D 494 26.85 -37.03 -36.48
CA GLU D 494 25.56 -37.70 -36.26
C GLU D 494 24.51 -36.64 -35.98
N PRO D 495 23.35 -36.75 -36.64
CA PRO D 495 22.32 -35.72 -36.39
C PRO D 495 21.63 -35.88 -35.06
N SER D 496 21.55 -37.10 -34.53
CA SER D 496 20.89 -37.28 -33.24
C SER D 496 21.77 -36.80 -32.10
N GLN D 497 23.08 -36.99 -32.20
CA GLN D 497 23.96 -36.57 -31.12
C GLN D 497 24.16 -35.06 -31.08
N ARG D 498 23.55 -34.31 -31.98
CA ARG D 498 23.66 -32.88 -31.74
C ARG D 498 22.44 -32.36 -30.98
N PRO D 499 22.66 -31.48 -30.02
CA PRO D 499 21.60 -31.18 -29.05
C PRO D 499 20.53 -30.26 -29.63
N ASN D 500 19.31 -30.44 -29.12
CA ASN D 500 18.22 -29.59 -29.54
C ASN D 500 18.38 -28.18 -28.96
N PHE D 501 17.51 -27.27 -29.39
CA PHE D 501 17.62 -25.89 -28.98
C PHE D 501 17.38 -25.73 -27.48
N SER D 502 16.29 -26.32 -26.97
CA SER D 502 16.07 -26.34 -25.54
C SER D 502 17.31 -26.81 -24.80
N SER D 503 17.97 -27.83 -25.33
CA SER D 503 19.19 -28.33 -24.74
C SER D 503 20.38 -27.41 -24.95
N ILE D 504 20.25 -26.39 -25.78
CA ILE D 504 21.36 -25.48 -26.02
C ILE D 504 21.05 -24.04 -25.64
N CYS D 505 19.79 -23.64 -25.53
CA CYS D 505 19.50 -22.27 -25.10
C CYS D 505 19.93 -22.08 -23.66
N ARG D 506 19.36 -22.87 -22.74
CA ARG D 506 19.58 -22.64 -21.32
C ARG D 506 21.06 -22.66 -20.97
N ILE D 507 21.84 -23.54 -21.60
CA ILE D 507 23.26 -23.60 -21.26
C ILE D 507 23.97 -22.32 -21.69
N LEU D 508 23.55 -21.71 -22.80
CA LEU D 508 24.09 -20.40 -23.16
C LEU D 508 23.80 -19.39 -22.07
N ARG D 509 22.53 -19.28 -21.67
CA ARG D 509 22.17 -18.29 -20.67
C ARG D 509 22.90 -18.55 -19.35
N TYR D 510 23.26 -19.80 -19.08
CA TYR D 510 24.10 -20.06 -17.91
C TYR D 510 25.46 -19.40 -18.07
N ILE D 511 26.04 -19.46 -19.27
CA ILE D 511 27.30 -18.77 -19.50
C ILE D 511 27.13 -17.28 -19.26
N LYS D 512 25.98 -16.74 -19.67
CA LYS D 512 25.69 -15.34 -19.42
C LYS D 512 25.78 -15.02 -17.93
N LYS D 513 25.07 -15.79 -17.11
CA LYS D 513 25.09 -15.58 -15.67
C LYS D 513 26.50 -15.68 -15.12
N PHE D 514 27.27 -16.65 -15.60
CA PHE D 514 28.64 -16.79 -15.11
C PHE D 514 29.48 -15.58 -15.47
N LEU D 515 29.34 -15.09 -16.70
CA LEU D 515 30.10 -13.91 -17.12
C LEU D 515 29.72 -12.70 -16.30
N VAL D 516 28.41 -12.43 -16.19
CA VAL D 516 27.94 -11.30 -15.41
C VAL D 516 28.44 -11.40 -13.98
N VAL D 517 28.61 -12.61 -13.47
CA VAL D 517 29.09 -12.77 -12.10
C VAL D 517 30.58 -12.49 -12.01
N ASN D 518 31.30 -12.75 -13.09
CA ASN D 518 32.74 -12.51 -13.10
C ASN D 518 33.16 -11.61 -14.25
N PRO D 519 33.32 -10.31 -13.97
CA PRO D 519 33.74 -9.36 -15.00
C PRO D 519 35.12 -9.73 -15.51
N ASP D 520 36.02 -10.10 -14.60
CA ASP D 520 37.35 -10.49 -14.98
C ASP D 520 37.28 -11.80 -15.75
N HIS D 521 38.12 -11.94 -16.78
CA HIS D 521 38.17 -13.13 -17.62
C HIS D 521 36.78 -13.55 -18.10
N THR D 528 38.94 -18.86 -14.57
CA THR D 528 38.58 -20.06 -15.32
C THR D 528 37.08 -20.30 -15.34
N PRO D 529 36.56 -20.77 -16.46
CA PRO D 529 35.20 -21.30 -16.46
C PRO D 529 35.08 -22.48 -15.53
N LEU D 530 33.86 -22.75 -15.08
CA LEU D 530 33.65 -23.83 -14.13
C LEU D 530 34.05 -25.16 -14.73
N VAL D 531 33.36 -25.59 -15.79
CA VAL D 531 33.63 -26.84 -16.48
C VAL D 531 33.14 -26.68 -17.92
N ASP D 532 33.32 -27.72 -18.72
CA ASP D 532 32.77 -27.67 -20.05
C ASP D 532 31.28 -27.59 -19.72
N CYS D 533 30.59 -26.67 -20.36
CA CYS D 533 29.16 -26.46 -20.12
C CYS D 533 28.24 -27.63 -20.49
N TRP D 534 28.62 -28.34 -21.54
CA TRP D 534 27.82 -29.44 -22.06
C TRP D 534 27.58 -30.57 -21.06
N ASP D 535 28.59 -30.90 -20.27
CA ASP D 535 28.45 -31.98 -19.30
C ASP D 535 27.35 -31.67 -18.28
N LEU D 536 27.29 -30.42 -17.82
CA LEU D 536 26.29 -30.02 -16.83
C LEU D 536 24.87 -30.14 -17.35
N GLU D 537 24.65 -29.73 -18.59
CA GLU D 537 23.32 -29.76 -19.18
C GLU D 537 22.74 -31.17 -19.24
N ALA D 538 23.58 -32.13 -19.58
CA ALA D 538 23.15 -33.52 -19.70
C ALA D 538 22.45 -33.98 -18.43
N ARG D 539 22.95 -33.52 -17.29
CA ARG D 539 22.37 -33.89 -15.99
C ARG D 539 20.93 -33.41 -15.89
N PHE D 540 20.74 -32.13 -16.18
CA PHE D 540 19.42 -31.52 -16.14
C PHE D 540 18.57 -32.15 -17.22
N LEU D 541 19.19 -32.37 -18.37
CA LEU D 541 18.54 -33.04 -19.49
C LEU D 541 18.25 -34.50 -19.18
N ARG D 542 19.19 -35.15 -18.47
CA ARG D 542 19.14 -36.58 -18.19
C ARG D 542 17.94 -37.19 -17.43
N LYS D 543 17.49 -36.59 -16.34
CA LYS D 543 16.36 -37.18 -15.61
C LYS D 543 15.16 -36.25 -15.58
N PHE D 544 15.37 -35.09 -15.00
CA PHE D 544 14.37 -34.04 -14.90
C PHE D 544 13.59 -33.85 -16.20
N PRO D 545 14.31 -33.90 -17.33
CA PRO D 545 13.70 -33.68 -18.65
C PRO D 545 12.66 -34.76 -18.96
N GLY D 546 11.56 -34.35 -19.61
CA GLY D 546 10.50 -35.27 -19.97
C GLY D 546 9.15 -34.59 -19.99
N SER D 550 9.02 -31.87 -22.54
CA SER D 550 9.17 -30.45 -22.80
C SER D 550 9.36 -30.20 -24.30
N HIS D 551 8.27 -29.92 -25.00
CA HIS D 551 8.33 -29.48 -26.38
C HIS D 551 8.63 -27.99 -26.50
N THR D 552 8.04 -27.19 -25.63
CA THR D 552 8.30 -25.76 -25.55
C THR D 552 8.52 -25.37 -24.10
N ALA D 553 9.31 -24.33 -23.88
CA ALA D 553 9.58 -23.82 -22.54
C ALA D 553 9.28 -22.33 -22.50
N SER D 554 8.68 -21.89 -21.39
CA SER D 554 8.32 -20.50 -21.19
C SER D 554 9.26 -19.87 -20.17
N VAL D 555 9.12 -18.55 -20.01
CA VAL D 555 10.05 -17.77 -19.21
C VAL D 555 10.01 -18.15 -17.74
N ASN D 556 8.92 -18.77 -17.28
CA ASN D 556 8.79 -19.06 -15.85
C ASN D 556 9.88 -20.02 -15.37
N GLN D 557 10.34 -20.89 -16.27
CA GLN D 557 11.33 -21.92 -15.97
C GLN D 557 12.75 -21.42 -15.75
N ILE D 558 13.01 -20.17 -16.13
CA ILE D 558 14.36 -19.62 -16.06
C ILE D 558 14.99 -19.55 -14.67
N PRO D 559 14.23 -19.19 -13.64
CA PRO D 559 14.88 -19.15 -12.33
C PRO D 559 15.35 -20.54 -11.91
N PHE D 560 14.53 -21.55 -12.16
CA PHE D 560 14.83 -22.94 -11.85
C PHE D 560 16.02 -23.44 -12.65
N GLN D 561 15.97 -23.23 -13.97
CA GLN D 561 17.04 -23.73 -14.82
C GLN D 561 18.38 -23.13 -14.46
N LEU D 562 18.38 -21.84 -14.15
CA LEU D 562 19.61 -21.17 -13.77
C LEU D 562 20.17 -21.72 -12.46
N THR D 563 19.28 -22.02 -11.51
CA THR D 563 19.69 -22.53 -10.21
C THR D 563 20.20 -23.96 -10.32
N SER D 564 19.53 -24.77 -11.12
CA SER D 564 19.85 -26.19 -11.18
C SER D 564 21.30 -26.39 -11.53
N TYR D 565 21.83 -25.58 -12.45
CA TYR D 565 23.23 -25.70 -12.78
C TYR D 565 24.12 -25.37 -11.57
N ARG D 566 23.72 -24.36 -10.81
CA ARG D 566 24.47 -23.98 -9.62
C ARG D 566 24.47 -25.16 -8.66
N VAL D 567 23.31 -25.81 -8.52
CA VAL D 567 23.21 -26.99 -7.67
C VAL D 567 23.96 -28.15 -8.30
N LEU D 568 23.65 -28.45 -9.56
CA LEU D 568 24.28 -29.55 -10.25
C LEU D 568 25.81 -29.42 -10.31
N GLU D 569 26.29 -28.20 -10.53
CA GLU D 569 27.73 -27.98 -10.62
C GLU D 569 28.44 -28.32 -9.32
N LYS D 570 27.82 -28.02 -8.17
CA LYS D 570 28.44 -28.31 -6.89
C LYS D 570 28.65 -29.81 -6.71
N GLU D 571 27.66 -30.59 -7.12
CA GLU D 571 27.73 -32.04 -7.00
C GLU D 571 28.90 -32.61 -7.81
N LYS D 572 29.10 -32.07 -9.01
CA LYS D 572 30.16 -32.52 -9.90
C LYS D 572 30.18 -34.04 -10.08
#